data_9C6L
#
_entry.id   9C6L
#
_cell.length_a   104.897
_cell.length_b   84.221
_cell.length_c   115.240
_cell.angle_alpha   90.000
_cell.angle_beta   106.875
_cell.angle_gamma   90.000
#
_symmetry.space_group_name_H-M   'P 1 21 1'
#
loop_
_entity.id
_entity.type
_entity.pdbx_description
1 polymer 'RNA ligase1'
2 non-polymer 'ADENOSINE MONOPHOSPHATE'
3 non-polymer 'SODIUM ION'
4 non-polymer 'MAGNESIUM ION'
5 water water
#
_entity_poly.entity_id   1
_entity_poly.type   'polypeptide(L)'
_entity_poly.pdbx_seq_one_letter_code
;SMSDMNSESKSNTVSDKMCEVHDKISAILVCAHVKGTETEKAGRSGEKYLATNCLNPGLISAIQAGARVVPTAKTDGTCC
RVFNGKIQKRRDIKPGREVPEGWIQTGSDEKSGHLIGFMDLEKGDKWHYDCHVKDPSSPSGLDINKVLCITTNKAGDALV
YEEVNIADLNGHTVELMGPKFQSNPHGLKAHCLMRHGTVKLTDFPDLRDYVSVDGAEPLKENALADIRNWFLNSKQGPHL
EGVVLHLDNGEMYKLHRHHLDLEWSAKSARPLDQIPL
;
_entity_poly.pdbx_strand_id   A,B,C,D,E,F
#
loop_
_chem_comp.id
_chem_comp.type
_chem_comp.name
_chem_comp.formula
AMP non-polymer 'ADENOSINE MONOPHOSPHATE' 'C10 H14 N5 O7 P'
MG non-polymer 'MAGNESIUM ION' 'Mg 2'
NA non-polymer 'SODIUM ION' 'Na 1'
#
# COMPACT_ATOMS: atom_id res chain seq x y z
N LYS A 17 0.48 -0.09 -21.60
CA LYS A 17 0.96 1.29 -21.56
C LYS A 17 2.46 1.36 -21.35
N MET A 18 3.12 0.20 -21.29
CA MET A 18 4.54 0.13 -20.99
C MET A 18 5.35 -0.04 -22.29
N CYS A 19 6.62 0.31 -22.20
CA CYS A 19 7.48 0.35 -23.37
C CYS A 19 7.86 -1.06 -23.82
N GLU A 20 8.49 -1.12 -24.99
CA GLU A 20 8.99 -2.36 -25.58
C GLU A 20 10.51 -2.27 -25.66
N VAL A 21 11.18 -3.33 -25.23
CA VAL A 21 12.65 -3.37 -25.25
C VAL A 21 13.08 -3.73 -26.67
N HIS A 22 13.50 -2.73 -27.44
CA HIS A 22 13.98 -2.92 -28.80
C HIS A 22 15.41 -2.44 -29.00
N ASP A 23 15.81 -1.37 -28.33
CA ASP A 23 17.17 -0.87 -28.35
C ASP A 23 17.79 -1.02 -26.96
N LYS A 24 19.11 -1.10 -26.93
CA LYS A 24 19.82 -1.15 -25.65
C LYS A 24 19.40 0.02 -24.78
N ILE A 25 19.23 -0.24 -23.49
CA ILE A 25 18.68 0.74 -22.57
C ILE A 25 19.81 1.52 -21.92
N SER A 26 19.64 2.83 -21.80
CA SER A 26 20.63 3.69 -21.17
C SER A 26 20.50 3.63 -19.65
N ALA A 27 21.49 4.18 -18.96
CA ALA A 27 21.52 4.18 -17.51
C ALA A 27 20.84 5.43 -16.95
N ILE A 28 20.17 5.26 -15.81
CA ILE A 28 19.52 6.39 -15.16
C ILE A 28 20.57 7.41 -14.73
N LEU A 29 21.68 6.94 -14.18
CA LEU A 29 22.75 7.79 -13.69
C LEU A 29 24.00 7.58 -14.54
N VAL A 30 24.66 8.68 -14.88
CA VAL A 30 25.92 8.61 -15.63
C VAL A 30 26.86 7.66 -14.91
N CYS A 31 27.25 6.58 -15.57
CA CYS A 31 28.15 5.60 -14.99
C CYS A 31 29.59 5.94 -15.32
N ALA A 32 30.51 5.47 -14.47
CA ALA A 32 31.94 5.71 -14.63
C ALA A 32 32.68 4.37 -14.67
N HIS A 33 33.63 4.27 -15.58
CA HIS A 33 34.40 3.04 -15.73
C HIS A 33 35.48 2.95 -14.66
N VAL A 34 35.72 1.73 -14.18
CA VAL A 34 36.74 1.49 -13.17
C VAL A 34 37.44 0.17 -13.46
N LYS A 48 34.35 -2.39 -14.97
CA LYS A 48 33.17 -2.18 -14.14
C LYS A 48 32.59 -0.79 -14.34
N TYR A 49 31.27 -0.71 -14.50
CA TYR A 49 30.55 0.55 -14.65
C TYR A 49 29.80 0.83 -13.35
N LEU A 50 30.22 1.86 -12.62
CA LEU A 50 29.56 2.27 -11.39
C LEU A 50 28.78 3.55 -11.65
N ALA A 51 27.54 3.59 -11.18
CA ALA A 51 26.74 4.80 -11.27
C ALA A 51 27.32 5.89 -10.38
N THR A 52 27.24 7.13 -10.84
CA THR A 52 27.64 8.30 -10.08
C THR A 52 26.37 9.05 -9.63
N ASN A 53 26.53 10.31 -9.27
CA ASN A 53 25.42 11.13 -8.79
C ASN A 53 24.91 12.09 -9.85
N CYS A 54 25.08 11.75 -11.12
CA CYS A 54 24.65 12.61 -12.23
C CYS A 54 23.63 11.86 -13.07
N LEU A 55 22.47 12.48 -13.28
CA LEU A 55 21.41 11.84 -14.06
C LEU A 55 21.76 11.88 -15.54
N ASN A 56 21.12 10.99 -16.30
CA ASN A 56 21.38 10.89 -17.73
C ASN A 56 20.91 12.15 -18.42
N PRO A 57 21.73 12.74 -19.31
CA PRO A 57 21.26 13.93 -20.05
C PRO A 57 19.92 13.71 -20.73
N GLY A 58 19.69 12.54 -21.32
CA GLY A 58 18.42 12.27 -21.96
C GLY A 58 17.27 12.20 -20.98
N LEU A 59 17.52 11.69 -19.77
CA LEU A 59 16.47 11.64 -18.76
C LEU A 59 16.16 13.04 -18.22
N ILE A 60 17.19 13.87 -18.06
CA ILE A 60 16.97 15.27 -17.69
C ILE A 60 16.11 15.96 -18.75
N SER A 61 16.50 15.83 -20.01
CA SER A 61 15.75 16.46 -21.09
C SER A 61 14.32 15.94 -21.16
N ALA A 62 14.14 14.64 -20.90
CA ALA A 62 12.80 14.06 -20.96
C ALA A 62 11.94 14.54 -19.79
N ILE A 63 12.52 14.64 -18.61
CA ILE A 63 11.75 15.07 -17.45
C ILE A 63 11.42 16.56 -17.54
N GLN A 64 12.31 17.35 -18.17
CA GLN A 64 12.02 18.77 -18.37
C GLN A 64 11.04 18.98 -19.51
N ALA A 65 11.03 18.10 -20.50
CA ALA A 65 10.13 18.21 -21.64
C ALA A 65 8.70 17.77 -21.30
N GLY A 66 8.42 17.43 -20.05
CA GLY A 66 7.09 17.02 -19.66
C GLY A 66 6.80 15.57 -19.98
N ALA A 67 7.52 14.67 -19.32
CA ALA A 67 7.35 13.23 -19.52
C ALA A 67 7.13 12.55 -18.17
N ARG A 68 6.20 11.59 -18.15
CA ARG A 68 5.97 10.81 -16.95
C ARG A 68 7.00 9.71 -16.82
N VAL A 69 7.35 9.38 -15.58
CA VAL A 69 8.39 8.39 -15.27
C VAL A 69 7.77 7.36 -14.35
N VAL A 70 7.67 6.12 -14.83
CA VAL A 70 7.09 5.01 -14.07
C VAL A 70 8.20 4.03 -13.70
N PRO A 71 8.66 4.01 -12.44
CA PRO A 71 9.69 3.03 -12.06
C PRO A 71 9.11 1.62 -12.07
N THR A 72 9.73 0.75 -12.85
CA THR A 72 9.35 -0.65 -12.94
C THR A 72 10.44 -1.52 -12.31
N ALA A 73 10.15 -2.81 -12.21
CA ALA A 73 11.03 -3.76 -11.55
C ALA A 73 11.85 -4.51 -12.59
N LYS A 74 13.17 -4.38 -12.51
CA LYS A 74 14.06 -5.11 -13.40
C LYS A 74 14.22 -6.54 -12.90
N THR A 75 13.96 -7.51 -13.77
CA THR A 75 14.07 -8.92 -13.45
C THR A 75 15.17 -9.53 -14.29
N ASP A 76 15.70 -10.67 -13.84
CA ASP A 76 16.89 -11.28 -14.43
C ASP A 76 16.49 -12.51 -15.22
N GLY A 77 16.61 -12.44 -16.53
CA GLY A 77 16.35 -13.57 -17.39
C GLY A 77 16.91 -13.31 -18.77
N THR A 78 16.29 -13.91 -19.78
CA THR A 78 16.65 -13.70 -21.16
C THR A 78 15.55 -12.90 -21.86
N CYS A 79 15.96 -11.91 -22.64
CA CYS A 79 14.99 -11.05 -23.31
C CYS A 79 14.30 -11.80 -24.43
N CYS A 80 12.97 -11.73 -24.46
CA CYS A 80 12.16 -12.33 -25.50
C CYS A 80 11.00 -11.41 -25.82
N ARG A 81 10.16 -11.85 -26.74
CA ARG A 81 8.96 -11.10 -27.11
C ARG A 81 8.01 -12.04 -27.84
N VAL A 82 6.72 -11.75 -27.77
CA VAL A 82 5.70 -12.51 -28.48
C VAL A 82 5.41 -11.75 -29.76
N PHE A 83 5.97 -12.22 -30.87
CA PHE A 83 5.73 -11.68 -32.19
C PHE A 83 4.75 -12.60 -32.92
N ASN A 84 3.73 -12.00 -33.54
CA ASN A 84 2.61 -12.78 -34.06
C ASN A 84 2.00 -13.61 -32.93
N GLY A 85 2.19 -14.93 -32.96
CA GLY A 85 1.67 -15.78 -31.90
C GLY A 85 2.73 -16.72 -31.36
N LYS A 86 3.99 -16.46 -31.69
CA LYS A 86 5.11 -17.28 -31.27
C LYS A 86 6.02 -16.47 -30.36
N ILE A 87 6.77 -17.19 -29.52
CA ILE A 87 7.84 -16.57 -28.73
C ILE A 87 9.02 -16.29 -29.63
N GLN A 88 9.66 -15.14 -29.44
CA GLN A 88 10.86 -14.78 -30.18
C GLN A 88 11.97 -14.44 -29.21
N LYS A 89 13.12 -15.10 -29.37
CA LYS A 89 14.28 -14.83 -28.55
C LYS A 89 15.12 -13.71 -29.17
N ARG A 90 15.72 -12.90 -28.32
CA ARG A 90 16.59 -11.82 -28.78
C ARG A 90 17.96 -12.37 -29.15
N ARG A 91 18.50 -11.86 -30.26
CA ARG A 91 19.88 -12.15 -30.64
C ARG A 91 20.52 -10.88 -31.16
N ASP A 92 21.75 -10.61 -30.72
CA ASP A 92 22.53 -9.49 -31.19
C ASP A 92 23.58 -9.98 -32.19
N ILE A 93 23.85 -9.15 -33.19
CA ILE A 93 24.78 -9.49 -34.26
C ILE A 93 25.80 -8.38 -34.41
N LYS A 94 27.07 -8.76 -34.55
CA LYS A 94 28.10 -7.80 -34.88
C LYS A 94 28.01 -7.47 -36.36
N PRO A 95 27.91 -6.19 -36.74
CA PRO A 95 27.61 -5.84 -38.14
C PRO A 95 28.42 -6.64 -39.17
N GLY A 96 29.63 -7.06 -38.82
CA GLY A 96 30.43 -7.85 -39.73
C GLY A 96 30.21 -9.34 -39.56
N ARG A 97 28.96 -9.78 -39.56
CA ARG A 97 28.62 -11.18 -39.37
C ARG A 97 27.47 -11.53 -40.31
N GLU A 98 26.78 -12.62 -40.01
CA GLU A 98 25.69 -13.12 -40.85
C GLU A 98 24.37 -13.04 -40.11
N VAL A 99 23.33 -12.63 -40.82
CA VAL A 99 21.99 -12.49 -40.26
C VAL A 99 21.29 -13.84 -40.36
N PRO A 100 20.82 -14.43 -39.26
CA PRO A 100 20.10 -15.68 -39.37
C PRO A 100 18.73 -15.49 -40.01
N GLU A 101 18.19 -16.58 -40.54
CA GLU A 101 16.87 -16.53 -41.17
C GLU A 101 15.80 -16.14 -40.16
N GLY A 102 14.91 -15.24 -40.58
CA GLY A 102 13.85 -14.77 -39.72
C GLY A 102 14.27 -13.74 -38.70
N TRP A 103 15.56 -13.44 -38.59
CA TRP A 103 16.01 -12.42 -37.67
C TRP A 103 15.42 -11.07 -38.04
N ILE A 104 14.98 -10.32 -37.03
CA ILE A 104 14.31 -9.03 -37.22
C ILE A 104 15.03 -8.01 -36.34
N GLN A 105 15.69 -7.04 -36.97
CA GLN A 105 16.37 -5.99 -36.23
C GLN A 105 15.35 -5.09 -35.55
N THR A 106 15.74 -4.59 -34.37
CA THR A 106 14.91 -3.68 -33.60
C THR A 106 15.67 -2.49 -33.04
N GLY A 107 17.00 -2.51 -33.07
CA GLY A 107 17.77 -1.39 -32.58
C GLY A 107 19.23 -1.53 -32.94
N SER A 108 20.06 -0.82 -32.19
CA SER A 108 21.51 -0.91 -32.40
C SER A 108 22.27 -0.27 -31.26
N ASP A 109 23.25 -0.99 -30.71
CA ASP A 109 24.10 -0.45 -29.67
C ASP A 109 25.16 0.48 -30.28
N GLU A 110 25.67 1.39 -29.46
CA GLU A 110 26.74 2.29 -29.84
C GLU A 110 28.08 1.91 -29.24
N LYS A 111 28.12 1.63 -27.94
CA LYS A 111 29.37 1.24 -27.29
C LYS A 111 29.97 0.01 -27.96
N SER A 112 29.19 -1.05 -28.10
CA SER A 112 29.66 -2.27 -28.75
C SER A 112 29.36 -2.31 -30.25
N GLY A 113 28.43 -1.48 -30.72
CA GLY A 113 28.11 -1.45 -32.13
C GLY A 113 27.39 -2.67 -32.64
N HIS A 114 26.72 -3.42 -31.77
CA HIS A 114 26.02 -4.62 -32.18
C HIS A 114 24.63 -4.30 -32.71
N LEU A 115 24.09 -5.21 -33.49
CA LEU A 115 22.75 -5.10 -34.05
C LEU A 115 21.77 -5.85 -33.15
N ILE A 116 20.80 -5.13 -32.61
CA ILE A 116 19.79 -5.71 -31.74
C ILE A 116 18.65 -6.25 -32.58
N GLY A 117 18.10 -7.39 -32.19
CA GLY A 117 17.03 -7.99 -32.96
C GLY A 117 16.34 -9.10 -32.21
N PHE A 118 15.57 -9.89 -32.96
CA PHE A 118 14.82 -11.01 -32.39
C PHE A 118 14.74 -12.13 -33.43
N MET A 119 14.61 -13.35 -32.93
CA MET A 119 14.56 -14.54 -33.77
C MET A 119 13.39 -15.42 -33.38
N ASP A 120 12.95 -16.25 -34.32
CA ASP A 120 12.11 -17.39 -33.97
C ASP A 120 12.97 -18.44 -33.26
N LEU A 121 12.37 -19.11 -32.28
CA LEU A 121 13.11 -20.10 -31.51
C LEU A 121 13.64 -21.20 -32.43
N GLU A 122 14.82 -21.72 -32.08
CA GLU A 122 15.44 -22.81 -32.80
C GLU A 122 15.17 -24.12 -32.07
N LYS A 123 15.29 -25.24 -32.81
CA LYS A 123 14.98 -26.56 -32.27
C LYS A 123 15.56 -26.75 -30.88
N GLY A 124 16.77 -26.27 -30.67
CA GLY A 124 17.51 -26.52 -29.45
C GLY A 124 17.11 -25.67 -28.26
N ASP A 125 16.22 -24.70 -28.45
CA ASP A 125 15.76 -23.84 -27.37
C ASP A 125 14.76 -24.60 -26.49
N LYS A 126 15.25 -25.68 -25.88
CA LYS A 126 14.40 -26.55 -25.10
C LYS A 126 13.68 -25.77 -24.00
N TRP A 127 14.42 -24.93 -23.28
CA TRP A 127 13.86 -24.26 -22.11
C TRP A 127 13.09 -23.00 -22.45
N HIS A 128 13.27 -22.45 -23.66
CA HIS A 128 12.36 -21.41 -24.12
C HIS A 128 10.98 -21.99 -24.40
N TYR A 129 10.92 -23.05 -25.22
CA TYR A 129 9.66 -23.74 -25.46
C TYR A 129 9.05 -24.24 -24.15
N ASP A 130 9.88 -24.49 -23.14
CA ASP A 130 9.39 -25.12 -21.91
C ASP A 130 8.48 -24.22 -21.09
N CYS A 131 8.35 -22.94 -21.46
CA CYS A 131 7.40 -22.07 -20.78
C CYS A 131 5.98 -22.26 -21.30
N HIS A 132 5.79 -22.99 -22.40
CA HIS A 132 4.47 -23.33 -22.87
C HIS A 132 3.82 -24.36 -21.96
N VAL A 133 2.49 -24.32 -21.91
CA VAL A 133 1.74 -25.32 -21.14
C VAL A 133 1.80 -26.66 -21.86
N LYS A 134 2.13 -27.71 -21.12
CA LYS A 134 2.23 -29.03 -21.71
C LYS A 134 0.84 -29.52 -22.12
N ASP A 135 0.79 -30.27 -23.22
CA ASP A 135 -0.46 -30.66 -23.86
C ASP A 135 -0.36 -32.11 -24.33
N PRO A 136 -0.99 -33.05 -23.62
CA PRO A 136 -0.95 -34.45 -24.07
C PRO A 136 -1.63 -34.67 -25.41
N SER A 137 -2.36 -33.69 -25.94
CA SER A 137 -3.05 -33.82 -27.21
C SER A 137 -2.36 -33.03 -28.31
N SER A 138 -1.04 -32.90 -28.24
CA SER A 138 -0.28 -32.10 -29.19
C SER A 138 0.89 -32.93 -29.72
N PRO A 139 1.15 -32.92 -31.03
CA PRO A 139 2.22 -33.77 -31.58
C PRO A 139 3.58 -33.51 -30.98
N SER A 140 3.78 -32.39 -30.28
CA SER A 140 5.04 -32.09 -29.63
C SER A 140 4.91 -31.97 -28.12
N GLY A 141 3.72 -32.20 -27.56
CA GLY A 141 3.53 -32.10 -26.13
C GLY A 141 3.49 -30.69 -25.61
N LEU A 142 3.20 -29.70 -26.45
CA LEU A 142 3.13 -28.31 -26.04
C LEU A 142 1.90 -27.67 -26.67
N ASP A 143 1.09 -27.01 -25.84
CA ASP A 143 0.01 -26.16 -26.35
C ASP A 143 0.65 -24.86 -26.80
N ILE A 144 0.96 -24.79 -28.09
CA ILE A 144 1.75 -23.68 -28.63
C ILE A 144 1.03 -22.34 -28.51
N ASN A 145 -0.24 -22.33 -28.13
CA ASN A 145 -1.00 -21.11 -27.91
C ASN A 145 -1.23 -20.82 -26.44
N LYS A 146 -0.49 -21.48 -25.55
CA LYS A 146 -0.64 -21.30 -24.11
C LYS A 146 0.75 -21.24 -23.48
N VAL A 147 0.99 -20.20 -22.68
CA VAL A 147 2.26 -20.02 -21.99
C VAL A 147 2.00 -19.78 -20.52
N LEU A 148 2.98 -20.12 -19.68
CA LEU A 148 2.95 -19.81 -18.27
C LEU A 148 3.64 -18.47 -18.05
N CYS A 149 2.96 -17.55 -17.37
CA CYS A 149 3.51 -16.23 -17.11
C CYS A 149 3.27 -15.87 -15.65
N ILE A 150 4.14 -15.00 -15.14
CA ILE A 150 4.02 -14.45 -13.79
C ILE A 150 3.59 -12.99 -13.93
N THR A 151 2.44 -12.66 -13.34
CA THR A 151 1.85 -11.33 -13.51
C THR A 151 1.27 -10.88 -12.17
N THR A 152 0.66 -9.71 -12.18
CA THR A 152 0.05 -9.14 -10.99
C THR A 152 -1.37 -9.67 -10.81
N ASN A 153 -1.72 -9.99 -9.57
CA ASN A 153 -3.01 -10.60 -9.28
C ASN A 153 -4.12 -9.54 -9.33
N LYS A 154 -5.36 -9.99 -9.16
CA LYS A 154 -6.51 -9.11 -9.31
C LYS A 154 -6.37 -7.84 -8.46
N ALA A 155 -6.10 -8.01 -7.17
CA ALA A 155 -5.99 -6.85 -6.29
C ALA A 155 -4.78 -5.99 -6.64
N GLY A 156 -3.66 -6.62 -6.99
CA GLY A 156 -2.43 -5.92 -7.24
C GLY A 156 -1.49 -5.86 -6.06
N ASP A 157 -1.63 -6.76 -5.09
CA ASP A 157 -0.78 -6.78 -3.90
C ASP A 157 0.21 -7.95 -3.91
N ALA A 158 0.23 -8.76 -4.98
CA ALA A 158 1.15 -9.89 -5.04
C ALA A 158 1.25 -10.35 -6.49
N LEU A 159 2.21 -11.25 -6.72
CA LEU A 159 2.41 -11.87 -8.02
C LEU A 159 1.89 -13.29 -7.99
N VAL A 160 1.25 -13.70 -9.09
CA VAL A 160 0.73 -15.05 -9.24
C VAL A 160 1.22 -15.64 -10.56
N TYR A 161 1.46 -16.95 -10.55
CA TYR A 161 1.66 -17.68 -11.80
C TYR A 161 0.30 -17.90 -12.45
N GLU A 162 0.20 -17.63 -13.75
CA GLU A 162 -1.06 -17.78 -14.46
C GLU A 162 -0.79 -18.32 -15.86
N GLU A 163 -1.52 -19.37 -16.24
CA GLU A 163 -1.49 -19.86 -17.60
C GLU A 163 -2.37 -18.98 -18.47
N VAL A 164 -1.80 -18.45 -19.56
CA VAL A 164 -2.46 -17.44 -20.37
C VAL A 164 -2.37 -17.83 -21.84
N ASN A 165 -3.28 -17.27 -22.62
CA ASN A 165 -3.21 -17.41 -24.08
C ASN A 165 -2.10 -16.52 -24.62
N ILE A 166 -1.18 -17.12 -25.38
CA ILE A 166 -0.01 -16.39 -25.84
C ILE A 166 -0.40 -15.16 -26.64
N ALA A 167 -1.59 -15.17 -27.25
CA ALA A 167 -2.03 -14.02 -28.03
C ALA A 167 -2.16 -12.76 -27.18
N ASP A 168 -2.47 -12.93 -25.90
CA ASP A 168 -2.60 -11.78 -25.01
C ASP A 168 -1.27 -11.08 -24.76
N LEU A 169 -0.15 -11.71 -25.09
CA LEU A 169 1.16 -11.09 -25.02
C LEU A 169 1.71 -10.70 -26.39
N ASN A 170 0.96 -10.96 -27.46
CA ASN A 170 1.43 -10.66 -28.81
C ASN A 170 1.80 -9.19 -28.92
N GLY A 171 2.96 -8.93 -29.54
CA GLY A 171 3.46 -7.59 -29.71
C GLY A 171 4.26 -7.04 -28.55
N HIS A 172 4.23 -7.70 -27.40
CA HIS A 172 4.91 -7.23 -26.21
C HIS A 172 6.21 -7.98 -25.97
N THR A 173 7.12 -7.34 -25.24
CA THR A 173 8.38 -7.93 -24.85
C THR A 173 8.27 -8.48 -23.44
N VAL A 174 8.85 -9.65 -23.22
CA VAL A 174 8.80 -10.32 -21.93
C VAL A 174 10.21 -10.75 -21.54
N GLU A 175 10.41 -10.96 -20.25
CA GLU A 175 11.64 -11.55 -19.73
C GLU A 175 11.35 -13.00 -19.37
N LEU A 176 11.97 -13.92 -20.10
CA LEU A 176 11.84 -15.34 -19.80
C LEU A 176 12.75 -15.70 -18.63
N MET A 177 12.18 -16.32 -17.61
CA MET A 177 12.88 -16.60 -16.36
C MET A 177 12.61 -18.05 -15.95
N GLY A 178 13.39 -18.52 -14.98
CA GLY A 178 13.18 -19.84 -14.43
C GLY A 178 14.46 -20.60 -14.12
N PRO A 179 14.32 -21.89 -13.77
CA PRO A 179 15.47 -22.71 -13.40
C PRO A 179 16.70 -22.57 -14.28
N LYS A 180 16.54 -22.72 -15.59
CA LYS A 180 17.67 -22.82 -16.52
C LYS A 180 18.08 -21.48 -17.12
N PHE A 181 17.75 -20.36 -16.48
CA PHE A 181 18.11 -19.04 -16.96
C PHE A 181 18.76 -18.25 -15.84
N GLN A 182 20.07 -17.99 -15.97
CA GLN A 182 20.84 -17.23 -14.99
C GLN A 182 20.86 -17.91 -13.61
N SER A 183 20.54 -19.19 -13.55
CA SER A 183 20.56 -19.97 -12.31
C SER A 183 19.41 -19.59 -11.38
N ASN A 184 18.27 -19.20 -11.96
CA ASN A 184 17.03 -18.93 -11.25
C ASN A 184 17.29 -18.07 -10.01
N PRO A 185 17.86 -16.87 -10.18
CA PRO A 185 18.10 -16.00 -9.01
C PRO A 185 16.82 -15.59 -8.29
N HIS A 186 15.67 -15.68 -8.96
CA HIS A 186 14.39 -15.30 -8.36
C HIS A 186 13.67 -16.45 -7.69
N GLY A 187 14.28 -17.63 -7.62
CA GLY A 187 13.63 -18.75 -6.97
C GLY A 187 12.28 -19.09 -7.55
N LEU A 188 12.16 -19.06 -8.87
CA LEU A 188 10.89 -19.37 -9.52
C LEU A 188 10.69 -20.87 -9.59
N LYS A 189 9.42 -21.29 -9.56
CA LYS A 189 9.06 -22.70 -9.54
C LYS A 189 8.88 -23.28 -10.93
N ALA A 190 9.10 -22.52 -11.99
CA ALA A 190 8.95 -23.03 -13.35
C ALA A 190 9.32 -21.93 -14.33
N HIS A 191 9.56 -22.34 -15.58
CA HIS A 191 9.89 -21.40 -16.64
C HIS A 191 8.63 -20.61 -17.03
N CYS A 192 8.70 -19.29 -16.89
CA CYS A 192 7.55 -18.44 -17.10
C CYS A 192 7.98 -17.12 -17.72
N LEU A 193 7.00 -16.43 -18.32
CA LEU A 193 7.21 -15.13 -18.94
C LEU A 193 6.68 -14.02 -18.04
N MET A 194 7.26 -12.83 -18.18
CA MET A 194 6.82 -11.66 -17.42
C MET A 194 6.91 -10.44 -18.32
N ARG A 195 5.76 -9.82 -18.57
CA ARG A 195 5.71 -8.60 -19.37
C ARG A 195 6.58 -7.52 -18.73
N HIS A 196 7.48 -6.95 -19.54
CA HIS A 196 8.32 -5.87 -19.06
C HIS A 196 7.46 -4.70 -18.59
N GLY A 197 7.73 -4.23 -17.37
CA GLY A 197 6.98 -3.14 -16.79
C GLY A 197 5.81 -3.56 -15.91
N THR A 198 5.59 -4.87 -15.75
CA THR A 198 4.44 -5.34 -14.97
C THR A 198 4.49 -4.83 -13.55
N VAL A 199 5.62 -5.01 -12.87
CA VAL A 199 5.75 -4.68 -11.46
C VAL A 199 6.12 -3.20 -11.36
N LYS A 200 5.13 -2.37 -11.03
CA LYS A 200 5.37 -0.96 -10.78
C LYS A 200 5.92 -0.78 -9.37
N LEU A 201 7.08 -0.14 -9.25
CA LEU A 201 7.70 0.04 -7.95
C LEU A 201 6.93 1.07 -7.13
N THR A 202 7.04 0.94 -5.81
CA THR A 202 6.45 1.87 -4.87
C THR A 202 7.54 2.44 -3.98
N ASP A 203 7.41 3.71 -3.63
CA ASP A 203 8.39 4.42 -2.80
C ASP A 203 9.76 4.50 -3.47
N PHE A 204 9.81 4.33 -4.78
CA PHE A 204 11.08 4.55 -5.48
C PHE A 204 11.28 6.04 -5.71
N PRO A 205 12.50 6.56 -5.53
CA PRO A 205 12.71 8.01 -5.67
C PRO A 205 12.13 8.57 -6.95
N ASP A 206 11.25 9.57 -6.82
CA ASP A 206 10.71 10.28 -7.99
C ASP A 206 11.83 11.14 -8.57
N LEU A 207 12.38 10.71 -9.70
CA LEU A 207 13.58 11.33 -10.26
C LEU A 207 13.29 12.67 -10.93
N ARG A 208 12.20 13.35 -10.56
CA ARG A 208 12.00 14.73 -10.94
C ARG A 208 12.50 15.70 -9.88
N ASP A 209 12.67 15.24 -8.63
CA ASP A 209 13.23 16.06 -7.57
C ASP A 209 14.74 16.22 -7.68
N TYR A 210 15.36 15.64 -8.69
CA TYR A 210 16.80 15.77 -8.91
C TYR A 210 17.12 16.51 -10.20
N VAL A 211 16.12 17.10 -10.85
CA VAL A 211 16.31 17.80 -12.11
C VAL A 211 16.18 19.30 -11.89
N PRO A 218 16.70 22.16 -8.28
CA PRO A 218 16.64 20.76 -7.86
C PRO A 218 16.35 20.59 -6.37
N LEU A 219 15.27 19.88 -6.05
CA LEU A 219 14.86 19.73 -4.66
C LEU A 219 15.81 18.83 -3.89
N LYS A 220 16.26 17.75 -4.51
CA LYS A 220 17.14 16.78 -3.87
C LYS A 220 18.37 16.56 -4.74
N GLU A 221 19.46 16.14 -4.10
CA GLU A 221 20.78 16.10 -4.71
C GLU A 221 21.34 14.70 -4.88
N ASN A 222 21.22 13.84 -3.86
CA ASN A 222 21.86 12.52 -3.88
C ASN A 222 20.88 11.51 -4.44
N ALA A 223 20.94 11.31 -5.77
CA ALA A 223 20.13 10.27 -6.40
C ALA A 223 20.81 8.90 -6.29
N LEU A 224 22.14 8.86 -6.33
CA LEU A 224 22.84 7.59 -6.19
C LEU A 224 22.73 7.04 -4.78
N ALA A 225 22.72 7.91 -3.77
CA ALA A 225 22.60 7.44 -2.39
C ALA A 225 21.18 6.98 -2.07
N ASP A 226 20.18 7.72 -2.56
CA ASP A 226 18.80 7.36 -2.28
C ASP A 226 18.36 6.14 -3.08
N ILE A 227 18.83 6.03 -4.33
CA ILE A 227 18.51 4.86 -5.14
C ILE A 227 19.18 3.61 -4.57
N ARG A 228 20.45 3.73 -4.16
CA ARG A 228 21.14 2.60 -3.54
C ARG A 228 20.48 2.22 -2.22
N ASN A 229 20.07 3.22 -1.42
CA ASN A 229 19.38 2.93 -0.17
C ASN A 229 18.05 2.23 -0.41
N TRP A 230 17.45 2.45 -1.58
CA TRP A 230 16.16 1.80 -1.86
C TRP A 230 16.34 0.31 -2.14
N PHE A 231 17.39 -0.06 -2.88
CA PHE A 231 17.63 -1.48 -3.14
C PHE A 231 18.08 -2.21 -1.88
N LEU A 232 18.73 -1.50 -0.96
CA LEU A 232 19.23 -2.15 0.25
C LEU A 232 18.14 -2.27 1.31
N ASN A 233 17.26 -1.28 1.40
CA ASN A 233 16.38 -1.16 2.56
C ASN A 233 14.90 -1.09 2.22
N SER A 234 14.52 -1.06 0.95
CA SER A 234 13.10 -1.09 0.61
C SER A 234 12.57 -2.51 0.79
N LYS A 235 11.24 -2.64 0.74
CA LYS A 235 10.61 -3.95 0.80
C LYS A 235 10.55 -4.64 -0.55
N GLN A 236 10.77 -3.90 -1.65
CA GLN A 236 10.80 -4.47 -2.98
C GLN A 236 12.21 -4.66 -3.53
N GLY A 237 13.14 -3.78 -3.14
CA GLY A 237 14.51 -3.85 -3.61
C GLY A 237 15.13 -5.22 -3.48
N PRO A 238 15.14 -5.79 -2.27
CA PRO A 238 15.75 -7.11 -2.07
C PRO A 238 15.29 -8.17 -3.05
N HIS A 239 14.14 -7.97 -3.69
CA HIS A 239 13.60 -8.96 -4.63
C HIS A 239 14.01 -8.73 -6.07
N LEU A 240 14.66 -7.60 -6.38
CA LEU A 240 14.81 -7.14 -7.75
C LEU A 240 16.28 -7.09 -8.17
N GLU A 241 16.51 -7.37 -9.46
CA GLU A 241 17.84 -7.20 -10.04
C GLU A 241 18.21 -5.74 -10.18
N GLY A 242 17.24 -4.89 -10.48
CA GLY A 242 17.48 -3.47 -10.67
C GLY A 242 16.19 -2.70 -10.83
N VAL A 243 16.24 -1.59 -11.57
CA VAL A 243 15.07 -0.78 -11.84
C VAL A 243 15.15 -0.31 -13.30
N VAL A 244 13.99 -0.17 -13.92
CA VAL A 244 13.88 0.34 -15.29
C VAL A 244 12.78 1.37 -15.33
N LEU A 245 13.12 2.60 -15.68
CA LEU A 245 12.14 3.67 -15.82
C LEU A 245 11.47 3.59 -17.18
N HIS A 246 10.15 3.58 -17.19
CA HIS A 246 9.36 3.60 -18.42
C HIS A 246 8.68 4.96 -18.55
N LEU A 247 9.00 5.68 -19.61
CA LEU A 247 8.49 7.02 -19.83
C LEU A 247 7.47 7.04 -20.96
N ASP A 248 6.70 8.14 -21.01
CA ASP A 248 5.70 8.28 -22.06
C ASP A 248 6.32 8.32 -23.44
N ASN A 249 7.55 8.84 -23.56
CA ASN A 249 8.21 8.98 -24.85
C ASN A 249 8.66 7.66 -25.45
N GLY A 250 8.40 6.53 -24.78
CA GLY A 250 8.96 5.26 -25.18
C GLY A 250 10.39 5.04 -24.72
N GLU A 251 11.01 6.05 -24.10
CA GLU A 251 12.37 5.91 -23.60
C GLU A 251 12.38 5.10 -22.32
N MET A 252 13.52 4.44 -22.06
CA MET A 252 13.72 3.70 -20.84
C MET A 252 15.12 3.96 -20.31
N TYR A 253 15.26 3.84 -18.99
CA TYR A 253 16.54 4.02 -18.32
C TYR A 253 16.64 3.02 -17.17
N LYS A 254 17.74 2.29 -17.12
CA LYS A 254 17.89 1.15 -16.23
C LYS A 254 19.02 1.38 -15.23
N LEU A 255 18.96 0.63 -14.13
CA LEU A 255 20.05 0.57 -13.17
C LEU A 255 20.09 -0.83 -12.58
N HIS A 256 21.14 -1.58 -12.92
CA HIS A 256 21.38 -2.88 -12.33
C HIS A 256 22.00 -2.72 -10.95
N ARG A 257 21.87 -3.77 -10.13
CA ARG A 257 22.52 -3.75 -8.82
C ARG A 257 24.02 -3.53 -8.94
N HIS A 258 24.62 -3.95 -10.05
CA HIS A 258 26.05 -3.80 -10.23
C HIS A 258 26.43 -2.33 -10.43
N HIS A 259 25.53 -1.54 -11.01
CA HIS A 259 25.77 -0.09 -11.08
C HIS A 259 25.81 0.53 -9.70
N LEU A 260 25.02 0.00 -8.76
CA LEU A 260 24.95 0.48 -7.39
C LEU A 260 25.91 -0.27 -6.46
N ASP A 261 26.81 -1.06 -7.01
CA ASP A 261 27.79 -1.83 -6.21
C ASP A 261 27.08 -2.71 -5.18
N LEU A 262 26.21 -3.58 -5.68
CA LEU A 262 25.51 -4.55 -4.85
C LEU A 262 25.63 -5.92 -5.49
N GLU A 263 25.41 -6.95 -4.69
CA GLU A 263 25.45 -8.33 -5.15
C GLU A 263 24.09 -8.72 -5.74
N TRP A 264 24.11 -9.45 -6.85
CA TRP A 264 22.91 -10.02 -7.43
C TRP A 264 23.08 -11.52 -7.54
N SER A 265 22.38 -12.26 -6.68
CA SER A 265 22.45 -13.71 -6.68
C SER A 265 21.26 -14.25 -5.88
N ALA A 266 20.99 -15.53 -6.05
CA ALA A 266 19.89 -16.15 -5.32
C ALA A 266 20.05 -15.98 -3.82
N LYS A 267 21.29 -16.01 -3.33
CA LYS A 267 21.52 -15.78 -1.90
C LYS A 267 21.13 -14.36 -1.50
N SER A 268 21.50 -13.38 -2.33
CA SER A 268 21.23 -11.97 -2.04
C SER A 268 19.89 -11.51 -2.62
N ALA A 269 19.02 -12.44 -3.01
CA ALA A 269 17.73 -12.10 -3.60
C ALA A 269 16.63 -12.85 -2.87
N ARG A 270 15.60 -12.13 -2.46
CA ARG A 270 14.41 -12.78 -1.94
C ARG A 270 13.51 -13.23 -3.10
N PRO A 271 12.85 -14.37 -2.98
CA PRO A 271 12.09 -14.90 -4.12
C PRO A 271 11.16 -13.85 -4.72
N LEU A 272 11.18 -13.76 -6.05
CA LEU A 272 10.32 -12.81 -6.74
C LEU A 272 8.85 -13.10 -6.46
N ASP A 273 8.47 -14.37 -6.36
CA ASP A 273 7.06 -14.72 -6.22
C ASP A 273 6.45 -14.23 -4.92
N GLN A 274 7.27 -13.91 -3.91
CA GLN A 274 6.77 -13.35 -2.66
C GLN A 274 7.16 -11.88 -2.51
N ILE A 275 7.25 -11.16 -3.62
CA ILE A 275 7.53 -9.72 -3.59
C ILE A 275 6.26 -8.98 -3.14
N PRO A 276 6.36 -7.99 -2.25
CA PRO A 276 5.17 -7.21 -1.88
C PRO A 276 4.90 -6.12 -2.92
N LEU A 277 3.64 -6.04 -3.36
CA LEU A 277 3.22 -5.02 -4.31
C LEU A 277 2.18 -4.11 -3.69
N SER B 15 33.67 4.10 24.08
CA SER B 15 32.57 4.90 23.54
C SER B 15 31.24 4.20 23.73
N ASP B 16 31.05 3.07 23.05
CA ASP B 16 29.81 2.33 23.11
C ASP B 16 29.87 1.24 24.18
N LYS B 17 28.70 0.82 24.64
CA LYS B 17 28.59 -0.05 25.81
C LYS B 17 28.92 -1.51 25.53
N MET B 18 29.15 -1.89 24.29
CA MET B 18 29.46 -3.27 23.96
C MET B 18 30.96 -3.55 24.10
N CYS B 19 31.30 -4.83 24.17
CA CYS B 19 32.68 -5.25 24.37
C CYS B 19 33.43 -5.27 23.05
N GLU B 20 34.76 -5.32 23.16
CA GLU B 20 35.67 -5.32 22.02
C GLU B 20 36.32 -6.69 21.91
N VAL B 21 36.16 -7.33 20.76
CA VAL B 21 36.74 -8.67 20.55
C VAL B 21 38.23 -8.53 20.32
N HIS B 22 39.01 -8.64 21.40
CA HIS B 22 40.46 -8.56 21.33
C HIS B 22 41.14 -9.83 21.82
N ASP B 23 40.38 -10.83 22.27
CA ASP B 23 40.91 -12.10 22.75
C ASP B 23 40.04 -13.22 22.21
N LYS B 24 40.44 -14.46 22.48
CA LYS B 24 39.53 -15.57 22.28
C LYS B 24 38.33 -15.43 23.22
N ILE B 25 37.20 -15.97 22.79
CA ILE B 25 35.97 -15.95 23.56
C ILE B 25 35.66 -17.38 24.00
N SER B 26 35.44 -17.56 25.29
CA SER B 26 35.16 -18.89 25.83
C SER B 26 33.71 -19.27 25.53
N ALA B 27 33.44 -20.56 25.68
CA ALA B 27 32.09 -21.08 25.43
C ALA B 27 31.20 -20.80 26.64
N ILE B 28 29.93 -20.47 26.37
CA ILE B 28 28.96 -20.27 27.44
C ILE B 28 28.85 -21.54 28.27
N LEU B 29 28.87 -22.70 27.62
CA LEU B 29 28.72 -23.99 28.28
C LEU B 29 30.01 -24.78 28.15
N VAL B 30 30.28 -25.63 29.14
CA VAL B 30 31.43 -26.51 29.07
C VAL B 30 31.19 -27.53 27.96
N CYS B 31 32.12 -27.59 27.01
CA CYS B 31 31.96 -28.43 25.83
C CYS B 31 32.79 -29.70 25.98
N ALA B 32 32.40 -30.73 25.21
CA ALA B 32 33.01 -32.04 25.24
C ALA B 32 33.81 -32.26 23.95
N HIS B 33 34.11 -33.52 23.65
CA HIS B 33 34.89 -33.87 22.46
C HIS B 33 34.40 -35.19 21.86
N LYS B 48 35.17 -32.86 17.49
CA LYS B 48 33.86 -32.21 17.57
C LYS B 48 33.62 -31.63 18.96
N TYR B 49 33.39 -30.32 19.00
CA TYR B 49 33.39 -29.54 20.24
C TYR B 49 31.94 -29.21 20.59
N LEU B 50 31.28 -30.16 21.25
CA LEU B 50 29.85 -30.07 21.57
C LEU B 50 29.63 -29.59 23.00
N ALA B 51 28.56 -28.83 23.19
CA ALA B 51 28.25 -28.23 24.48
C ALA B 51 27.45 -29.18 25.37
N THR B 52 27.70 -29.09 26.67
CA THR B 52 26.98 -29.85 27.69
C THR B 52 26.10 -28.90 28.50
N ASN B 53 25.33 -29.48 29.42
CA ASN B 53 24.41 -28.70 30.25
C ASN B 53 25.10 -28.17 31.51
N CYS B 54 26.23 -27.50 31.34
CA CYS B 54 26.99 -26.93 32.44
C CYS B 54 27.61 -25.62 31.99
N LEU B 55 27.31 -24.54 32.71
CA LEU B 55 27.81 -23.23 32.34
C LEU B 55 29.30 -23.11 32.62
N ASN B 56 29.95 -22.22 31.87
CA ASN B 56 31.37 -21.98 32.06
C ASN B 56 31.64 -21.49 33.48
N PRO B 57 32.64 -22.02 34.18
CA PRO B 57 32.94 -21.50 35.53
C PRO B 57 33.12 -19.99 35.56
N GLY B 58 33.90 -19.45 34.62
CA GLY B 58 34.08 -18.01 34.57
C GLY B 58 32.78 -17.26 34.43
N LEU B 59 31.81 -17.82 33.70
CA LEU B 59 30.52 -17.16 33.54
C LEU B 59 29.73 -17.20 34.84
N ILE B 60 29.63 -18.37 35.47
CA ILE B 60 28.95 -18.47 36.76
C ILE B 60 29.54 -17.47 37.74
N SER B 61 30.86 -17.47 37.87
CA SER B 61 31.52 -16.51 38.76
C SER B 61 31.12 -15.08 38.41
N ALA B 62 31.22 -14.72 37.13
CA ALA B 62 30.88 -13.36 36.72
C ALA B 62 29.41 -13.05 36.99
N ILE B 63 28.53 -14.03 36.78
CA ILE B 63 27.11 -13.81 37.03
C ILE B 63 26.87 -13.59 38.52
N GLN B 64 27.39 -14.47 39.36
CA GLN B 64 27.17 -14.34 40.80
C GLN B 64 27.69 -13.02 41.33
N ALA B 65 28.76 -12.49 40.76
CA ALA B 65 29.30 -11.20 41.19
C ALA B 65 28.38 -10.04 40.83
N GLY B 66 27.34 -10.27 40.05
CA GLY B 66 26.40 -9.24 39.69
C GLY B 66 26.65 -8.56 38.36
N ALA B 67 27.32 -9.23 37.42
CA ALA B 67 27.59 -8.64 36.12
C ALA B 67 26.33 -8.66 35.25
N ARG B 68 26.14 -7.59 34.48
CA ARG B 68 25.04 -7.54 33.52
C ARG B 68 25.41 -8.39 32.29
N VAL B 69 24.51 -9.26 31.88
CA VAL B 69 24.71 -10.16 30.76
C VAL B 69 23.78 -9.75 29.63
N VAL B 70 24.36 -9.39 28.49
CA VAL B 70 23.62 -8.93 27.33
C VAL B 70 23.82 -9.96 26.21
N PRO B 71 22.80 -10.76 25.88
CA PRO B 71 22.95 -11.71 24.76
C PRO B 71 22.89 -10.98 23.43
N THR B 72 23.88 -11.24 22.57
CA THR B 72 23.96 -10.61 21.27
C THR B 72 24.17 -11.67 20.19
N ALA B 73 23.69 -11.38 19.00
CA ALA B 73 23.78 -12.32 17.89
C ALA B 73 25.22 -12.47 17.43
N LYS B 74 25.62 -13.72 17.19
CA LYS B 74 26.91 -14.02 16.58
C LYS B 74 26.70 -14.22 15.08
N THR B 75 27.41 -13.43 14.28
CA THR B 75 27.30 -13.49 12.83
C THR B 75 28.58 -14.04 12.21
N ASP B 76 28.42 -14.79 11.12
CA ASP B 76 29.53 -15.50 10.51
C ASP B 76 30.16 -14.62 9.44
N GLY B 77 31.36 -14.11 9.73
CA GLY B 77 32.11 -13.34 8.78
C GLY B 77 33.61 -13.44 9.04
N THR B 78 34.27 -12.30 9.19
CA THR B 78 35.66 -12.26 9.59
C THR B 78 35.87 -11.08 10.53
N CYS B 79 36.72 -11.28 11.53
CA CYS B 79 36.91 -10.28 12.58
C CYS B 79 37.81 -9.15 12.08
N CYS B 80 37.36 -7.91 12.29
CA CYS B 80 38.12 -6.72 11.94
C CYS B 80 37.98 -5.71 13.06
N ARG B 81 38.56 -4.53 12.85
CA ARG B 81 38.37 -3.41 13.76
C ARG B 81 38.74 -2.14 13.02
N VAL B 82 38.07 -1.05 13.38
CA VAL B 82 38.34 0.26 12.80
C VAL B 82 39.33 0.98 13.72
N PHE B 83 40.57 1.07 13.28
CA PHE B 83 41.64 1.72 14.04
C PHE B 83 42.06 2.99 13.32
N ASN B 84 42.29 4.06 14.10
CA ASN B 84 42.50 5.38 13.53
C ASN B 84 41.33 5.72 12.62
N GLY B 85 41.52 5.59 11.31
CA GLY B 85 40.45 5.77 10.35
C GLY B 85 40.55 4.76 9.23
N LYS B 86 41.00 3.56 9.57
CA LYS B 86 41.25 2.51 8.59
C LYS B 86 40.73 1.19 9.11
N ILE B 87 40.29 0.35 8.19
CA ILE B 87 39.86 -1.00 8.55
C ILE B 87 41.09 -1.85 8.81
N GLN B 88 41.04 -2.64 9.88
CA GLN B 88 42.13 -3.53 10.26
C GLN B 88 41.60 -4.96 10.34
N LYS B 89 42.29 -5.89 9.71
CA LYS B 89 41.95 -7.29 9.80
C LYS B 89 42.68 -7.94 10.97
N ARG B 90 42.02 -8.91 11.60
CA ARG B 90 42.63 -9.65 12.69
C ARG B 90 43.49 -10.78 12.14
N ARG B 91 44.64 -11.00 12.76
CA ARG B 91 45.50 -12.12 12.42
C ARG B 91 46.09 -12.71 13.69
N ASP B 92 45.91 -14.01 13.86
CA ASP B 92 46.50 -14.73 14.98
C ASP B 92 47.87 -15.27 14.54
N ILE B 93 48.90 -14.90 15.28
CA ILE B 93 50.27 -15.29 14.95
C ILE B 93 50.61 -16.56 15.73
N LYS B 94 50.87 -17.65 15.00
CA LYS B 94 51.29 -18.88 15.65
C LYS B 94 52.65 -18.65 16.32
N PRO B 95 52.98 -19.48 17.33
CA PRO B 95 54.22 -19.23 18.09
C PRO B 95 55.49 -19.59 17.35
N GLY B 96 55.39 -19.93 16.07
CA GLY B 96 56.55 -20.31 15.29
C GLY B 96 56.69 -19.56 13.98
N ARG B 97 56.27 -18.29 13.97
CA ARG B 97 56.35 -17.47 12.78
C ARG B 97 56.62 -16.03 13.20
N GLU B 98 56.87 -15.18 12.20
CA GLU B 98 57.27 -13.80 12.44
C GLU B 98 56.05 -12.90 12.56
N VAL B 99 56.24 -11.79 13.26
CA VAL B 99 55.19 -10.78 13.44
C VAL B 99 55.21 -9.83 12.25
N PRO B 100 54.10 -9.60 11.56
CA PRO B 100 54.12 -8.69 10.41
C PRO B 100 54.29 -7.25 10.85
N GLU B 101 54.91 -6.45 9.97
CA GLU B 101 55.05 -5.02 10.22
C GLU B 101 53.68 -4.39 10.39
N GLY B 102 53.53 -3.57 11.43
CA GLY B 102 52.26 -2.94 11.72
C GLY B 102 51.25 -3.84 12.38
N TRP B 103 51.70 -4.88 13.07
CA TRP B 103 50.83 -5.81 13.76
C TRP B 103 50.76 -5.43 15.24
N ILE B 104 49.54 -5.29 15.76
CA ILE B 104 49.30 -4.91 17.14
C ILE B 104 48.77 -6.12 17.89
N GLN B 105 49.43 -6.47 18.99
CA GLN B 105 48.95 -7.56 19.84
C GLN B 105 47.82 -7.06 20.73
N THR B 106 46.77 -7.89 20.85
CA THR B 106 45.64 -7.55 21.69
C THR B 106 45.16 -8.70 22.57
N GLY B 107 45.63 -9.91 22.36
CA GLY B 107 45.18 -11.03 23.16
C GLY B 107 46.15 -12.19 23.09
N SER B 108 45.68 -13.34 23.55
CA SER B 108 46.50 -14.56 23.58
C SER B 108 45.69 -15.76 23.09
N SER B 112 44.98 -22.57 23.34
CA SER B 112 45.86 -22.78 22.20
C SER B 112 47.27 -22.33 22.54
N GLY B 113 47.93 -21.65 21.61
CA GLY B 113 49.26 -21.12 21.85
C GLY B 113 49.62 -20.01 20.89
N HIS B 114 48.63 -19.27 20.42
CA HIS B 114 48.81 -18.22 19.43
C HIS B 114 48.47 -16.86 20.03
N LEU B 115 49.14 -15.83 19.52
CA LEU B 115 48.78 -14.46 19.86
C LEU B 115 47.60 -14.01 19.01
N ILE B 116 46.89 -13.00 19.49
CA ILE B 116 45.76 -12.40 18.79
C ILE B 116 46.08 -10.93 18.57
N GLY B 117 45.96 -10.47 17.33
CA GLY B 117 46.27 -9.10 17.02
C GLY B 117 45.54 -8.65 15.77
N PHE B 118 45.89 -7.44 15.32
CA PHE B 118 45.24 -6.81 14.18
C PHE B 118 46.29 -6.19 13.28
N MET B 119 45.97 -6.14 11.98
CA MET B 119 46.85 -5.60 10.97
C MET B 119 46.14 -4.50 10.18
N ASP B 120 46.91 -3.76 9.41
CA ASP B 120 46.34 -2.93 8.35
C ASP B 120 46.06 -3.79 7.12
N LEU B 121 45.01 -3.44 6.39
CA LEU B 121 44.63 -4.22 5.22
C LEU B 121 45.74 -4.18 4.18
N GLU B 122 45.99 -5.33 3.55
CA GLU B 122 46.98 -5.45 2.50
C GLU B 122 46.30 -5.23 1.15
N LYS B 123 47.12 -4.85 0.15
CA LYS B 123 46.58 -4.50 -1.16
C LYS B 123 45.78 -5.64 -1.79
N GLY B 124 45.98 -6.87 -1.34
CA GLY B 124 45.26 -8.00 -1.89
C GLY B 124 43.93 -8.30 -1.25
N ASP B 125 43.66 -7.73 -0.07
CA ASP B 125 42.38 -7.92 0.59
C ASP B 125 41.29 -7.16 -0.16
N LYS B 126 41.00 -7.59 -1.39
CA LYS B 126 40.07 -6.86 -2.25
C LYS B 126 38.71 -6.71 -1.58
N TRP B 127 38.26 -7.72 -0.85
CA TRP B 127 36.90 -7.73 -0.31
C TRP B 127 36.80 -7.12 1.06
N HIS B 128 37.92 -6.92 1.76
CA HIS B 128 37.91 -6.05 2.94
C HIS B 128 37.68 -4.60 2.53
N TYR B 129 38.42 -4.12 1.54
CA TYR B 129 38.21 -2.78 1.02
C TYR B 129 36.84 -2.62 0.37
N ASP B 130 36.19 -3.72 0.01
CA ASP B 130 34.94 -3.63 -0.74
C ASP B 130 33.76 -3.19 0.13
N CYS B 131 33.91 -3.18 1.45
CA CYS B 131 32.87 -2.62 2.30
C CYS B 131 32.93 -1.10 2.35
N HIS B 132 33.98 -0.49 1.80
CA HIS B 132 34.01 0.95 1.64
C HIS B 132 33.04 1.39 0.54
N VAL B 133 32.55 2.62 0.66
CA VAL B 133 31.73 3.19 -0.40
C VAL B 133 32.61 3.52 -1.59
N LYS B 134 32.19 3.08 -2.77
CA LYS B 134 33.02 3.23 -3.96
C LYS B 134 33.03 4.68 -4.43
N ASP B 135 34.10 5.06 -5.12
CA ASP B 135 34.29 6.41 -5.64
C ASP B 135 35.14 6.32 -6.89
N PRO B 136 34.54 6.36 -8.08
CA PRO B 136 35.33 6.22 -9.31
C PRO B 136 36.26 7.39 -9.60
N SER B 137 36.22 8.46 -8.81
CA SER B 137 37.09 9.61 -9.02
C SER B 137 38.30 9.61 -8.10
N SER B 138 38.35 8.74 -7.10
CA SER B 138 39.45 8.70 -6.15
C SER B 138 40.58 7.81 -6.66
N PRO B 139 41.81 8.02 -6.18
CA PRO B 139 42.91 7.15 -6.61
C PRO B 139 42.65 5.68 -6.33
N SER B 140 42.09 5.36 -5.17
CA SER B 140 41.88 3.97 -4.78
C SER B 140 40.58 3.40 -5.31
N GLY B 141 39.74 4.21 -5.94
CA GLY B 141 38.40 3.78 -6.29
C GLY B 141 37.45 3.69 -5.12
N LEU B 142 37.89 4.05 -3.92
CA LEU B 142 37.09 3.99 -2.71
C LEU B 142 36.96 5.37 -2.10
N ASP B 143 35.89 5.55 -1.31
CA ASP B 143 35.79 6.69 -0.41
C ASP B 143 36.32 6.21 0.94
N ILE B 144 37.63 6.40 1.16
CA ILE B 144 38.28 5.81 2.32
C ILE B 144 37.76 6.33 3.66
N ASN B 145 36.84 7.30 3.63
CA ASN B 145 36.26 7.86 4.84
C ASN B 145 34.83 7.40 5.09
N LYS B 146 34.31 6.48 4.27
CA LYS B 146 32.94 6.00 4.44
C LYS B 146 32.89 4.50 4.16
N VAL B 147 32.24 3.76 5.05
CA VAL B 147 32.08 2.32 4.92
C VAL B 147 30.60 1.99 5.02
N LEU B 148 30.20 0.93 4.32
CA LEU B 148 28.84 0.42 4.38
C LEU B 148 28.72 -0.54 5.56
N CYS B 149 27.88 -0.20 6.52
CA CYS B 149 27.66 -1.02 7.70
C CYS B 149 26.18 -1.35 7.84
N ILE B 150 25.90 -2.49 8.46
CA ILE B 150 24.54 -2.92 8.73
C ILE B 150 24.30 -2.78 10.22
N THR B 151 23.25 -2.04 10.59
CA THR B 151 22.98 -1.69 11.98
C THR B 151 21.48 -1.67 12.20
N THR B 152 21.09 -1.46 13.46
CA THR B 152 19.69 -1.30 13.80
C THR B 152 19.21 0.09 13.42
N ASN B 153 17.97 0.17 12.92
CA ASN B 153 17.42 1.43 12.44
C ASN B 153 16.97 2.28 13.62
N LYS B 154 16.36 3.44 13.30
CA LYS B 154 15.86 4.36 14.32
C LYS B 154 15.13 3.63 15.43
N ALA B 155 14.04 2.95 15.08
CA ALA B 155 13.34 2.08 16.01
C ALA B 155 13.98 0.69 15.97
N GLY B 156 14.24 0.12 17.15
CA GLY B 156 14.88 -1.18 17.21
C GLY B 156 13.97 -2.31 16.79
N ASP B 157 13.52 -2.28 15.53
CA ASP B 157 12.60 -3.27 15.02
C ASP B 157 13.12 -4.01 13.79
N ALA B 158 14.27 -3.62 13.24
CA ALA B 158 14.80 -4.25 12.04
C ALA B 158 16.22 -3.77 11.83
N LEU B 159 16.92 -4.43 10.91
CA LEU B 159 18.25 -4.02 10.50
C LEU B 159 18.18 -3.23 9.20
N VAL B 160 19.14 -2.34 9.01
CA VAL B 160 19.20 -1.49 7.83
C VAL B 160 20.65 -1.33 7.41
N TYR B 161 20.89 -1.32 6.10
CA TYR B 161 22.19 -0.94 5.56
C TYR B 161 22.33 0.57 5.64
N GLU B 162 23.53 1.03 5.98
CA GLU B 162 23.74 2.44 6.27
C GLU B 162 25.16 2.84 5.91
N GLU B 163 25.29 3.85 5.06
CA GLU B 163 26.60 4.45 4.79
C GLU B 163 26.96 5.35 5.96
N VAL B 164 28.11 5.07 6.59
CA VAL B 164 28.53 5.77 7.79
C VAL B 164 29.95 6.26 7.62
N ASN B 165 30.24 7.41 8.22
CA ASN B 165 31.62 7.89 8.33
C ASN B 165 32.42 6.90 9.15
N ILE B 166 33.52 6.39 8.58
CA ILE B 166 34.26 5.31 9.23
C ILE B 166 34.75 5.73 10.61
N ALA B 167 34.95 7.03 10.83
CA ALA B 167 35.43 7.49 12.14
C ALA B 167 34.43 7.19 13.25
N ASP B 168 33.16 6.96 12.91
CA ASP B 168 32.17 6.64 13.94
C ASP B 168 32.34 5.23 14.49
N LEU B 169 33.24 4.43 13.93
CA LEU B 169 33.54 3.09 14.43
C LEU B 169 34.95 2.97 15.00
N ASN B 170 35.72 4.06 15.01
CA ASN B 170 37.11 4.01 15.47
C ASN B 170 37.21 3.33 16.82
N GLY B 171 38.13 2.36 16.92
CA GLY B 171 38.38 1.65 18.15
C GLY B 171 37.50 0.44 18.38
N HIS B 172 36.45 0.26 17.60
CA HIS B 172 35.50 -0.83 17.81
C HIS B 172 35.75 -1.96 16.83
N THR B 173 35.59 -3.19 17.32
CA THR B 173 35.74 -4.37 16.49
C THR B 173 34.42 -4.66 15.78
N VAL B 174 34.51 -4.94 14.48
CA VAL B 174 33.34 -5.20 13.65
C VAL B 174 33.49 -6.57 13.02
N GLU B 175 32.36 -7.10 12.54
CA GLU B 175 32.31 -8.36 11.83
C GLU B 175 32.10 -8.05 10.34
N LEU B 176 33.15 -8.24 9.55
CA LEU B 176 33.04 -8.04 8.11
C LEU B 176 32.35 -9.25 7.49
N MET B 177 31.26 -9.00 6.77
CA MET B 177 30.45 -10.05 6.18
C MET B 177 30.13 -9.68 4.74
N GLY B 178 29.70 -10.67 3.97
CA GLY B 178 29.24 -10.42 2.62
C GLY B 178 29.41 -11.58 1.66
N PRO B 179 29.15 -11.32 0.38
CA PRO B 179 29.16 -12.41 -0.62
C PRO B 179 30.40 -13.30 -0.59
N LYS B 180 31.59 -12.74 -0.38
CA LYS B 180 32.83 -13.47 -0.49
C LYS B 180 33.39 -13.91 0.87
N PHE B 181 32.54 -14.02 1.89
CA PHE B 181 32.96 -14.44 3.23
C PHE B 181 32.06 -15.56 3.71
N GLN B 182 32.59 -16.78 3.75
CA GLN B 182 31.87 -17.99 4.13
C GLN B 182 30.73 -18.32 3.18
N SER B 183 30.78 -17.80 1.95
CA SER B 183 29.76 -18.04 0.94
C SER B 183 28.45 -17.34 1.31
N ASN B 184 28.53 -16.25 2.06
CA ASN B 184 27.39 -15.40 2.36
C ASN B 184 26.23 -16.20 2.96
N PRO B 185 26.44 -16.86 4.10
CA PRO B 185 25.33 -17.58 4.74
C PRO B 185 24.23 -16.67 5.22
N HIS B 186 24.46 -15.36 5.30
CA HIS B 186 23.46 -14.39 5.72
C HIS B 186 22.69 -13.79 4.55
N GLY B 187 23.09 -14.05 3.32
CA GLY B 187 22.41 -13.48 2.17
C GLY B 187 22.47 -11.97 2.13
N LEU B 188 23.63 -11.39 2.38
CA LEU B 188 23.78 -9.94 2.39
C LEU B 188 23.98 -9.42 0.97
N LYS B 189 23.31 -8.31 0.67
CA LYS B 189 23.33 -7.73 -0.67
C LYS B 189 24.59 -6.91 -0.93
N ALA B 190 25.57 -6.93 -0.02
CA ALA B 190 26.81 -6.19 -0.19
C ALA B 190 27.75 -6.42 0.99
N HIS B 191 29.06 -6.41 0.74
CA HIS B 191 30.02 -6.47 1.84
C HIS B 191 29.81 -5.29 2.78
N CYS B 192 29.64 -5.58 4.06
CA CYS B 192 29.35 -4.54 5.04
C CYS B 192 29.99 -4.90 6.37
N LEU B 193 30.07 -3.90 7.24
CA LEU B 193 30.57 -4.07 8.60
C LEU B 193 29.41 -4.07 9.59
N MET B 194 29.61 -4.77 10.70
CA MET B 194 28.62 -4.82 11.77
C MET B 194 29.35 -4.77 13.10
N ARG B 195 29.09 -3.72 13.89
CA ARG B 195 29.67 -3.62 15.22
C ARG B 195 29.29 -4.83 16.05
N HIS B 196 30.30 -5.55 16.54
CA HIS B 196 30.06 -6.68 17.43
C HIS B 196 29.18 -6.25 18.59
N GLY B 197 28.05 -6.92 18.75
CA GLY B 197 27.11 -6.60 19.81
C GLY B 197 25.97 -5.70 19.41
N THR B 198 25.82 -5.40 18.11
CA THR B 198 24.74 -4.53 17.67
C THR B 198 23.38 -5.18 17.92
N VAL B 199 23.19 -6.40 17.42
CA VAL B 199 21.90 -7.07 17.47
C VAL B 199 21.72 -7.67 18.86
N LYS B 200 20.83 -7.08 19.66
CA LYS B 200 20.46 -7.65 20.94
C LYS B 200 19.35 -8.68 20.74
N LEU B 201 19.48 -9.81 21.42
CA LEU B 201 18.56 -10.92 21.25
C LEU B 201 17.35 -10.77 22.16
N THR B 202 16.19 -11.18 21.65
CA THR B 202 14.95 -11.17 22.41
C THR B 202 14.55 -12.60 22.77
N ASP B 203 14.01 -12.78 23.97
CA ASP B 203 13.56 -14.09 24.44
C ASP B 203 14.70 -15.10 24.47
N PHE B 204 15.93 -14.63 24.69
CA PHE B 204 17.01 -15.59 24.86
C PHE B 204 17.11 -16.00 26.33
N PRO B 205 17.34 -17.28 26.62
CA PRO B 205 17.40 -17.72 28.02
C PRO B 205 18.27 -16.81 28.86
N ASP B 206 17.74 -16.39 30.01
CA ASP B 206 18.48 -15.58 30.96
C ASP B 206 19.33 -16.52 31.81
N LEU B 207 20.63 -16.54 31.54
CA LEU B 207 21.52 -17.51 32.19
C LEU B 207 21.75 -17.22 33.66
N ARG B 208 21.02 -16.28 34.27
CA ARG B 208 21.09 -16.11 35.72
C ARG B 208 20.16 -17.06 36.45
N ASP B 209 19.11 -17.55 35.79
CA ASP B 209 18.25 -18.58 36.36
C ASP B 209 18.90 -19.95 36.37
N TYR B 210 20.09 -20.09 35.77
CA TYR B 210 20.83 -21.34 35.73
C TYR B 210 22.06 -21.28 36.62
N VAL B 211 22.04 -20.42 37.64
CA VAL B 211 23.18 -20.22 38.53
C VAL B 211 22.66 -20.08 39.95
N SER B 212 23.39 -20.68 40.89
CA SER B 212 23.04 -20.58 42.30
C SER B 212 22.91 -19.12 42.72
N VAL B 213 21.74 -18.77 43.24
CA VAL B 213 21.44 -17.40 43.69
C VAL B 213 21.42 -17.42 45.22
N ASP B 214 22.37 -16.73 45.83
CA ASP B 214 22.53 -16.74 47.28
C ASP B 214 22.66 -18.16 47.80
N GLY B 215 23.42 -18.99 47.09
CA GLY B 215 23.61 -20.37 47.44
C GLY B 215 22.44 -21.28 47.15
N ALA B 216 21.24 -20.73 46.98
CA ALA B 216 20.05 -21.54 46.76
C ALA B 216 20.14 -22.28 45.43
N GLU B 217 19.21 -23.21 45.24
CA GLU B 217 19.18 -23.98 44.01
C GLU B 217 18.89 -23.06 42.83
N PRO B 218 19.51 -23.29 41.67
CA PRO B 218 19.14 -22.49 40.48
C PRO B 218 17.69 -22.73 40.09
N LEU B 219 17.06 -21.66 39.60
CA LEU B 219 15.65 -21.75 39.21
C LEU B 219 15.44 -22.65 38.00
N LYS B 220 16.47 -22.83 37.16
CA LYS B 220 16.35 -23.64 35.96
C LYS B 220 17.62 -24.48 35.82
N GLU B 221 17.45 -25.72 35.36
CA GLU B 221 18.54 -26.70 35.35
C GLU B 221 19.09 -27.01 33.97
N ASN B 222 18.29 -26.91 32.92
CA ASN B 222 18.69 -27.35 31.59
C ASN B 222 18.93 -26.12 30.71
N ALA B 223 20.16 -25.61 30.74
CA ALA B 223 20.55 -24.53 29.84
C ALA B 223 20.79 -25.04 28.43
N LEU B 224 21.52 -26.16 28.31
CA LEU B 224 21.78 -26.73 26.99
C LEU B 224 20.48 -26.96 26.22
N ALA B 225 19.46 -27.50 26.89
CA ALA B 225 18.20 -27.77 26.22
C ALA B 225 17.48 -26.49 25.86
N ASP B 226 17.34 -25.57 26.82
CA ASP B 226 16.61 -24.33 26.56
C ASP B 226 17.27 -23.50 25.47
N ILE B 227 18.60 -23.52 25.39
CA ILE B 227 19.29 -22.74 24.37
C ILE B 227 19.09 -23.35 22.99
N ARG B 228 19.31 -24.66 22.86
CA ARG B 228 19.17 -25.29 21.55
C ARG B 228 17.78 -25.08 20.99
N ASN B 229 16.75 -25.13 21.83
CA ASN B 229 15.41 -24.87 21.34
C ASN B 229 15.20 -23.41 20.97
N TRP B 230 15.98 -22.49 21.54
CA TRP B 230 15.89 -21.11 21.11
C TRP B 230 16.37 -20.96 19.67
N PHE B 231 17.52 -21.53 19.35
CA PHE B 231 18.05 -21.44 17.99
C PHE B 231 17.17 -22.17 17.00
N LEU B 232 16.46 -23.21 17.43
CA LEU B 232 15.61 -23.97 16.51
C LEU B 232 14.24 -23.33 16.33
N ASN B 233 13.67 -22.77 17.40
CA ASN B 233 12.26 -22.38 17.38
C ASN B 233 11.99 -20.93 17.75
N SER B 234 13.01 -20.11 18.02
CA SER B 234 12.77 -18.70 18.25
C SER B 234 12.60 -17.99 16.92
N LYS B 235 12.23 -16.70 17.00
CA LYS B 235 12.09 -15.90 15.79
C LYS B 235 13.43 -15.41 15.26
N GLN B 236 14.42 -15.25 16.13
CA GLN B 236 15.73 -14.75 15.73
C GLN B 236 16.75 -15.85 15.51
N GLY B 237 16.68 -16.94 16.27
CA GLY B 237 17.60 -18.03 16.17
C GLY B 237 17.92 -18.45 14.74
N PRO B 238 16.89 -18.72 13.94
CA PRO B 238 17.14 -19.20 12.56
C PRO B 238 17.87 -18.21 11.67
N HIS B 239 18.11 -16.98 12.12
CA HIS B 239 18.85 -16.00 11.34
C HIS B 239 20.31 -15.88 11.77
N LEU B 240 20.73 -16.59 12.81
CA LEU B 240 21.99 -16.34 13.47
C LEU B 240 22.92 -17.54 13.40
N GLU B 241 24.23 -17.25 13.31
CA GLU B 241 25.23 -18.30 13.46
C GLU B 241 25.32 -18.77 14.90
N GLY B 242 25.11 -17.88 15.86
CA GLY B 242 25.23 -18.24 17.25
C GLY B 242 24.88 -17.07 18.15
N VAL B 243 25.42 -17.12 19.37
CA VAL B 243 25.17 -16.07 20.36
C VAL B 243 26.48 -15.75 21.07
N VAL B 244 26.64 -14.48 21.42
CA VAL B 244 27.79 -14.01 22.18
C VAL B 244 27.29 -13.13 23.30
N LEU B 245 27.54 -13.53 24.54
CA LEU B 245 27.15 -12.75 25.70
C LEU B 245 28.17 -11.66 25.96
N HIS B 246 27.72 -10.41 25.99
CA HIS B 246 28.57 -9.26 26.29
C HIS B 246 28.31 -8.86 27.73
N LEU B 247 29.25 -9.23 28.61
CA LEU B 247 29.09 -8.96 30.03
C LEU B 247 29.52 -7.54 30.36
N ASP B 248 29.16 -7.09 31.57
CA ASP B 248 29.45 -5.74 32.01
C ASP B 248 30.93 -5.52 32.27
N ASN B 249 31.69 -6.59 32.51
CA ASN B 249 33.09 -6.49 32.91
C ASN B 249 34.05 -6.75 31.75
N GLY B 250 33.58 -6.60 30.51
CA GLY B 250 34.41 -6.79 29.34
C GLY B 250 34.52 -8.22 28.86
N GLU B 251 34.16 -9.20 29.69
CA GLU B 251 34.22 -10.58 29.28
C GLU B 251 33.18 -10.88 28.19
N MET B 252 33.41 -11.98 27.49
CA MET B 252 32.47 -12.47 26.49
C MET B 252 32.47 -13.99 26.49
N TYR B 253 31.31 -14.55 26.16
CA TYR B 253 31.15 -16.00 26.05
C TYR B 253 30.28 -16.29 24.84
N LYS B 254 30.54 -17.42 24.18
CA LYS B 254 29.99 -17.71 22.87
C LYS B 254 29.36 -19.10 22.83
N LEU B 255 28.49 -19.30 21.83
CA LEU B 255 28.02 -20.62 21.44
C LEU B 255 27.72 -20.59 19.96
N HIS B 256 28.44 -21.40 19.19
CA HIS B 256 28.16 -21.58 17.77
C HIS B 256 27.09 -22.64 17.58
N ARG B 257 26.42 -22.59 16.43
CA ARG B 257 25.40 -23.60 16.13
C ARG B 257 25.96 -25.01 16.24
N HIS B 258 27.26 -25.18 15.97
CA HIS B 258 27.86 -26.51 16.05
C HIS B 258 27.96 -27.00 17.49
N HIS B 259 28.24 -26.09 18.42
CA HIS B 259 28.23 -26.48 19.84
C HIS B 259 26.91 -27.11 20.22
N LEU B 260 25.82 -26.74 19.53
CA LEU B 260 24.50 -27.25 19.81
C LEU B 260 24.07 -28.35 18.84
N ASP B 261 25.02 -28.91 18.09
CA ASP B 261 24.73 -29.98 17.13
C ASP B 261 23.71 -29.51 16.10
N LEU B 262 23.94 -28.31 15.56
CA LEU B 262 23.06 -27.70 14.58
C LEU B 262 23.86 -27.32 13.34
N GLU B 263 23.15 -27.16 12.23
CA GLU B 263 23.76 -26.82 10.96
C GLU B 263 23.86 -25.30 10.81
N TRP B 264 24.97 -24.84 10.25
CA TRP B 264 25.10 -23.45 9.80
C TRP B 264 25.47 -23.45 8.33
N SER B 265 24.66 -22.77 7.52
CA SER B 265 24.83 -22.71 6.08
C SER B 265 23.71 -21.84 5.52
N ALA B 266 23.92 -21.34 4.31
CA ALA B 266 22.93 -20.44 3.70
C ALA B 266 21.55 -21.10 3.65
N LYS B 267 21.50 -22.40 3.37
CA LYS B 267 20.21 -23.07 3.27
C LYS B 267 19.51 -23.16 4.62
N SER B 268 20.26 -23.32 5.70
CA SER B 268 19.70 -23.42 7.03
C SER B 268 19.63 -22.08 7.75
N ALA B 269 19.89 -20.98 7.06
CA ALA B 269 19.91 -19.65 7.66
C ALA B 269 18.99 -18.73 6.88
N ARG B 270 18.06 -18.09 7.59
CA ARG B 270 17.24 -17.06 6.97
C ARG B 270 18.06 -15.79 6.78
N PRO B 271 17.76 -15.00 5.75
CA PRO B 271 18.52 -13.76 5.52
C PRO B 271 18.64 -12.92 6.79
N LEU B 272 19.87 -12.50 7.08
CA LEU B 272 20.12 -11.75 8.31
C LEU B 272 19.39 -10.41 8.30
N ASP B 273 19.34 -9.75 7.14
CA ASP B 273 18.68 -8.44 7.07
C ASP B 273 17.17 -8.54 7.28
N GLN B 274 16.61 -9.75 7.35
CA GLN B 274 15.21 -9.95 7.67
C GLN B 274 14.99 -10.35 9.12
N ILE B 275 16.05 -10.38 9.93
CA ILE B 275 15.90 -10.82 11.32
C ILE B 275 14.96 -9.86 12.04
N PRO B 276 13.95 -10.35 12.77
CA PRO B 276 13.10 -9.45 13.55
C PRO B 276 13.77 -9.05 14.86
N LEU B 277 13.62 -7.78 15.21
CA LEU B 277 14.21 -7.24 16.42
C LEU B 277 13.14 -6.69 17.36
N LYS C 17 -4.30 -42.34 12.51
CA LYS C 17 -5.29 -42.02 11.48
C LYS C 17 -4.65 -42.05 10.10
N MET C 18 -3.37 -41.71 10.03
CA MET C 18 -2.65 -41.65 8.78
C MET C 18 -2.09 -43.03 8.42
N CYS C 19 -1.87 -43.24 7.12
CA CYS C 19 -1.42 -44.53 6.62
C CYS C 19 0.08 -44.69 6.85
N GLU C 20 0.60 -45.84 6.43
CA GLU C 20 2.01 -46.18 6.57
C GLU C 20 2.58 -46.52 5.20
N VAL C 21 3.64 -45.82 4.81
CA VAL C 21 4.27 -46.03 3.50
C VAL C 21 5.01 -47.35 3.50
N HIS C 22 4.36 -48.40 2.98
CA HIS C 22 4.94 -49.74 2.93
C HIS C 22 5.07 -50.29 1.52
N ASP C 23 4.41 -49.69 0.53
CA ASP C 23 4.53 -50.11 -0.86
C ASP C 23 4.58 -48.87 -1.73
N LYS C 24 4.83 -49.07 -3.03
CA LYS C 24 4.82 -47.95 -3.95
C LYS C 24 3.45 -47.28 -3.94
N ILE C 25 3.44 -46.01 -4.32
CA ILE C 25 2.24 -45.18 -4.31
C ILE C 25 1.96 -44.73 -5.73
N SER C 26 0.74 -44.97 -6.21
CA SER C 26 0.37 -44.54 -7.55
C SER C 26 0.21 -43.01 -7.58
N ALA C 27 0.14 -42.49 -8.80
CA ALA C 27 -0.02 -41.05 -9.02
C ALA C 27 -1.49 -40.68 -9.02
N ILE C 28 -1.82 -39.55 -8.40
CA ILE C 28 -3.20 -39.07 -8.37
C ILE C 28 -3.76 -39.01 -9.78
N LEU C 29 -2.92 -38.62 -10.74
CA LEU C 29 -3.31 -38.50 -12.13
C LEU C 29 -2.48 -39.46 -12.97
N VAL C 30 -3.10 -39.99 -14.03
CA VAL C 30 -2.36 -40.82 -14.97
C VAL C 30 -1.25 -39.99 -15.61
N CYS C 31 -0.02 -40.50 -15.55
CA CYS C 31 1.14 -39.78 -16.04
C CYS C 31 2.01 -40.72 -16.87
N ALA C 32 2.35 -40.31 -18.08
CA ALA C 32 3.26 -41.06 -18.94
C ALA C 32 4.69 -40.66 -18.62
N HIS C 33 5.56 -41.67 -18.48
CA HIS C 33 6.96 -41.45 -18.11
C HIS C 33 7.81 -41.50 -19.37
N VAL C 34 8.32 -40.35 -19.80
CA VAL C 34 9.20 -40.26 -20.96
C VAL C 34 10.63 -40.42 -20.46
N LYS C 35 11.35 -41.39 -21.02
CA LYS C 35 12.72 -41.66 -20.63
C LYS C 35 13.71 -41.24 -21.72
N LYS C 48 11.27 -36.92 -18.36
CA LYS C 48 10.13 -36.04 -18.09
C LYS C 48 8.87 -36.85 -17.77
N TYR C 49 7.80 -36.14 -17.44
CA TYR C 49 6.48 -36.72 -17.28
C TYR C 49 5.49 -35.96 -18.15
N LEU C 50 4.52 -36.69 -18.68
CA LEU C 50 3.42 -36.11 -19.44
C LEU C 50 2.14 -36.35 -18.62
N ALA C 51 1.84 -35.41 -17.74
CA ALA C 51 0.66 -35.53 -16.90
C ALA C 51 -0.61 -35.34 -17.74
N THR C 52 -1.71 -35.87 -17.22
CA THR C 52 -3.00 -35.80 -17.87
C THR C 52 -4.06 -35.43 -16.84
N ASN C 53 -5.24 -35.06 -17.33
CA ASN C 53 -6.37 -34.77 -16.46
C ASN C 53 -7.06 -36.02 -15.93
N CYS C 54 -6.60 -37.21 -16.33
CA CYS C 54 -7.26 -38.45 -15.98
C CYS C 54 -6.81 -38.91 -14.60
N LEU C 55 -7.77 -39.05 -13.68
CA LEU C 55 -7.45 -39.51 -12.34
C LEU C 55 -7.14 -41.00 -12.33
N ASN C 56 -6.46 -41.44 -11.28
CA ASN C 56 -6.16 -42.86 -11.12
C ASN C 56 -7.46 -43.64 -10.99
N PRO C 57 -7.63 -44.74 -11.72
CA PRO C 57 -8.86 -45.54 -11.56
C PRO C 57 -9.12 -45.97 -10.12
N GLY C 58 -8.08 -46.38 -9.40
CA GLY C 58 -8.26 -46.77 -8.02
C GLY C 58 -8.81 -45.64 -7.17
N LEU C 59 -8.29 -44.42 -7.37
CA LEU C 59 -8.78 -43.27 -6.61
C LEU C 59 -10.25 -43.00 -6.92
N ILE C 60 -10.65 -43.18 -8.17
CA ILE C 60 -12.05 -42.95 -8.53
C ILE C 60 -12.95 -43.97 -7.83
N SER C 61 -12.54 -45.24 -7.82
CA SER C 61 -13.35 -46.27 -7.17
C SER C 61 -13.43 -46.04 -5.67
N ALA C 62 -12.37 -45.52 -5.06
CA ALA C 62 -12.38 -45.28 -3.63
C ALA C 62 -13.25 -44.08 -3.28
N ILE C 63 -13.15 -43.00 -4.05
CA ILE C 63 -13.98 -41.83 -3.79
C ILE C 63 -15.45 -42.17 -3.95
N GLN C 64 -15.77 -43.05 -4.91
CA GLN C 64 -17.15 -43.47 -5.10
C GLN C 64 -17.60 -44.46 -4.04
N ALA C 65 -16.66 -45.19 -3.43
CA ALA C 65 -16.99 -46.05 -2.30
C ALA C 65 -17.23 -45.27 -1.02
N GLY C 66 -16.90 -43.98 -0.99
CA GLY C 66 -17.16 -43.14 0.16
C GLY C 66 -16.00 -42.92 1.09
N ALA C 67 -14.77 -43.16 0.64
CA ALA C 67 -13.60 -42.97 1.50
C ALA C 67 -13.26 -41.49 1.61
N ARG C 68 -12.90 -41.07 2.81
CA ARG C 68 -12.44 -39.70 3.03
C ARG C 68 -11.02 -39.53 2.48
N VAL C 69 -10.79 -38.42 1.79
CA VAL C 69 -9.51 -38.11 1.16
C VAL C 69 -8.89 -36.96 1.93
N VAL C 70 -7.80 -37.25 2.65
CA VAL C 70 -7.06 -36.25 3.41
C VAL C 70 -5.78 -35.93 2.64
N PRO C 71 -5.66 -34.76 2.01
CA PRO C 71 -4.40 -34.40 1.35
C PRO C 71 -3.36 -33.99 2.38
N THR C 72 -2.20 -34.63 2.33
CA THR C 72 -1.08 -34.33 3.22
C THR C 72 0.13 -33.90 2.40
N ALA C 73 1.11 -33.32 3.08
CA ALA C 73 2.27 -32.72 2.44
C ALA C 73 3.37 -33.75 2.25
N LYS C 74 3.90 -33.84 1.03
CA LYS C 74 5.00 -34.74 0.72
C LYS C 74 6.32 -34.01 0.93
N THR C 75 7.17 -34.57 1.79
CA THR C 75 8.51 -34.02 2.04
C THR C 75 9.54 -34.78 1.21
N ASP C 76 10.74 -34.20 1.14
CA ASP C 76 11.82 -34.70 0.29
C ASP C 76 12.99 -35.12 1.17
N GLY C 77 13.09 -36.42 1.43
CA GLY C 77 14.21 -36.97 2.17
C GLY C 77 14.46 -38.43 1.81
N THR C 78 14.63 -39.27 2.82
CA THR C 78 14.81 -40.70 2.64
C THR C 78 13.82 -41.43 3.53
N CYS C 79 13.10 -42.39 2.96
CA CYS C 79 12.04 -43.07 3.68
C CYS C 79 12.62 -43.92 4.81
N CYS C 80 12.07 -43.76 6.02
CA CYS C 80 12.49 -44.50 7.18
C CYS C 80 11.27 -44.91 7.99
N ARG C 81 11.50 -45.64 9.07
CA ARG C 81 10.45 -45.99 10.01
C ARG C 81 11.08 -46.30 11.36
N VAL C 82 10.26 -46.23 12.40
CA VAL C 82 10.67 -46.64 13.75
C VAL C 82 10.06 -48.00 14.02
N PHE C 83 10.90 -48.97 14.34
CA PHE C 83 10.47 -50.36 14.52
C PHE C 83 11.14 -50.90 15.78
N ASN C 84 10.37 -51.06 16.85
CA ASN C 84 10.87 -51.56 18.12
C ASN C 84 11.98 -50.66 18.65
N GLY C 85 11.68 -49.37 18.77
CA GLY C 85 12.61 -48.42 19.35
C GLY C 85 13.85 -48.15 18.55
N LYS C 86 13.90 -48.54 17.27
CA LYS C 86 15.05 -48.31 16.42
C LYS C 86 14.58 -47.77 15.08
N ILE C 87 15.45 -47.01 14.43
CA ILE C 87 15.17 -46.46 13.10
C ILE C 87 15.53 -47.51 12.07
N GLN C 88 14.64 -47.71 11.09
CA GLN C 88 14.88 -48.63 9.99
C GLN C 88 14.79 -47.85 8.68
N LYS C 89 15.81 -48.00 7.84
CA LYS C 89 15.85 -47.33 6.55
C LYS C 89 15.22 -48.21 5.48
N ARG C 90 14.48 -47.58 4.58
CA ARG C 90 13.89 -48.31 3.47
C ARG C 90 14.96 -48.69 2.46
N ARG C 91 14.82 -49.87 1.86
CA ARG C 91 15.72 -50.33 0.82
C ARG C 91 14.95 -51.19 -0.17
N ASP C 92 14.90 -50.77 -1.42
CA ASP C 92 14.21 -51.50 -2.47
C ASP C 92 15.22 -52.39 -3.20
N ILE C 93 15.03 -53.70 -3.10
CA ILE C 93 15.89 -54.66 -3.77
C ILE C 93 15.32 -54.96 -5.14
N LYS C 94 16.17 -54.92 -6.15
CA LYS C 94 15.75 -55.20 -7.52
C LYS C 94 15.98 -56.67 -7.84
N PRO C 95 15.36 -57.18 -8.91
CA PRO C 95 15.40 -58.62 -9.18
C PRO C 95 16.81 -59.20 -9.17
N GLY C 96 16.99 -60.27 -8.40
CA GLY C 96 18.21 -61.03 -8.39
C GLY C 96 19.32 -60.51 -7.49
N ARG C 97 19.06 -59.47 -6.71
CA ARG C 97 20.09 -58.86 -5.88
C ARG C 97 20.01 -59.38 -4.45
N GLU C 98 21.16 -59.38 -3.79
CA GLU C 98 21.27 -59.95 -2.45
C GLU C 98 20.37 -59.19 -1.49
N VAL C 99 19.41 -59.89 -0.88
CA VAL C 99 18.56 -59.30 0.13
C VAL C 99 19.42 -59.04 1.36
N PRO C 100 19.50 -57.79 1.86
CA PRO C 100 20.39 -57.52 3.00
C PRO C 100 19.96 -58.31 4.23
N GLU C 101 20.95 -58.67 5.05
CA GLU C 101 20.68 -59.34 6.31
C GLU C 101 19.91 -58.42 7.23
N GLY C 102 18.63 -58.75 7.49
CA GLY C 102 17.76 -57.94 8.31
C GLY C 102 16.62 -57.30 7.54
N TRP C 103 16.61 -57.41 6.22
CA TRP C 103 15.54 -56.85 5.41
C TRP C 103 14.22 -57.56 5.70
N ILE C 104 13.14 -56.79 5.80
CA ILE C 104 11.81 -57.31 6.04
C ILE C 104 10.88 -56.71 4.98
N GLN C 105 10.45 -57.53 4.03
CA GLN C 105 9.64 -57.04 2.93
C GLN C 105 8.34 -56.44 3.45
N THR C 106 7.82 -55.47 2.70
CA THR C 106 6.52 -54.85 3.00
C THR C 106 5.64 -54.63 1.79
N GLY C 107 6.20 -54.45 0.59
CA GLY C 107 5.40 -54.23 -0.60
C GLY C 107 6.23 -54.21 -1.87
N HIS C 114 11.32 -55.47 -8.19
CA HIS C 114 11.38 -54.27 -7.38
C HIS C 114 10.69 -54.51 -6.04
N LEU C 115 11.43 -55.12 -5.10
CA LEU C 115 10.89 -55.47 -3.80
C LEU C 115 11.17 -54.37 -2.80
N ILE C 116 10.11 -53.91 -2.12
CA ILE C 116 10.22 -52.83 -1.15
C ILE C 116 10.27 -53.43 0.25
N GLY C 117 11.00 -52.77 1.13
CA GLY C 117 11.11 -53.24 2.50
C GLY C 117 11.97 -52.31 3.33
N PHE C 118 12.23 -52.74 4.56
CA PHE C 118 12.99 -51.94 5.51
C PHE C 118 14.05 -52.81 6.18
N MET C 119 15.07 -52.15 6.72
CA MET C 119 16.18 -52.83 7.39
C MET C 119 16.77 -51.89 8.42
N ASP C 120 17.53 -52.47 9.34
CA ASP C 120 18.18 -51.67 10.38
C ASP C 120 19.36 -50.90 9.80
N LEU C 121 19.76 -49.85 10.52
CA LEU C 121 20.84 -48.98 10.07
C LEU C 121 22.19 -49.68 10.23
N GLU C 122 23.11 -49.36 9.33
CA GLU C 122 24.44 -49.95 9.31
C GLU C 122 25.45 -48.96 9.89
N LYS C 123 26.68 -49.44 10.09
CA LYS C 123 27.72 -48.61 10.69
C LYS C 123 27.90 -47.31 9.92
N GLY C 124 27.90 -47.39 8.59
CA GLY C 124 28.13 -46.23 7.75
C GLY C 124 26.96 -45.28 7.62
N ASP C 125 25.88 -45.50 8.36
CA ASP C 125 24.71 -44.62 8.31
C ASP C 125 24.87 -43.47 9.32
N LYS C 126 25.93 -42.69 9.10
CA LYS C 126 26.24 -41.59 10.01
C LYS C 126 25.07 -40.60 10.09
N TRP C 127 24.53 -40.20 8.94
CA TRP C 127 23.50 -39.18 8.92
C TRP C 127 22.14 -39.68 9.33
N HIS C 128 21.91 -40.99 9.30
CA HIS C 128 20.68 -41.54 9.86
C HIS C 128 20.71 -41.50 11.38
N TYR C 129 21.85 -41.87 11.98
CA TYR C 129 22.00 -41.79 13.42
C TYR C 129 22.07 -40.34 13.92
N ASP C 130 22.37 -39.39 13.04
CA ASP C 130 22.55 -38.01 13.47
C ASP C 130 21.25 -37.32 13.82
N CYS C 131 20.09 -37.96 13.57
CA CYS C 131 18.83 -37.39 14.02
C CYS C 131 18.55 -37.73 15.48
N HIS C 132 19.24 -38.72 16.03
CA HIS C 132 19.21 -38.92 17.47
C HIS C 132 19.81 -37.71 18.19
N VAL C 133 19.33 -37.44 19.39
CA VAL C 133 19.96 -36.44 20.24
C VAL C 133 21.24 -37.02 20.80
N LYS C 134 22.21 -36.15 21.08
CA LYS C 134 23.56 -36.59 21.38
C LYS C 134 23.75 -36.85 22.86
N ASP C 135 24.73 -37.71 23.17
CA ASP C 135 25.12 -37.99 24.56
C ASP C 135 26.59 -38.37 24.54
N PRO C 136 27.50 -37.40 24.72
CA PRO C 136 28.93 -37.72 24.62
C PRO C 136 29.41 -38.67 25.69
N SER C 137 28.69 -38.82 26.81
CA SER C 137 29.06 -39.72 27.88
C SER C 137 28.47 -41.11 27.73
N SER C 138 28.18 -41.53 26.49
CA SER C 138 27.63 -42.85 26.22
C SER C 138 28.58 -43.64 25.32
N PRO C 139 28.55 -44.97 25.39
CA PRO C 139 29.41 -45.76 24.52
C PRO C 139 29.12 -45.55 23.04
N SER C 140 27.95 -45.00 22.71
CA SER C 140 27.59 -44.72 21.33
C SER C 140 27.66 -43.24 20.98
N GLY C 141 27.84 -42.36 21.95
CA GLY C 141 27.73 -40.94 21.72
C GLY C 141 26.33 -40.45 21.44
N LEU C 142 25.33 -41.34 21.48
CA LEU C 142 23.96 -41.02 21.13
C LEU C 142 23.03 -41.43 22.26
N ASP C 143 21.96 -40.65 22.42
CA ASP C 143 20.83 -41.05 23.26
C ASP C 143 19.92 -41.89 22.38
N ILE C 144 20.01 -43.21 22.52
CA ILE C 144 19.30 -44.12 21.64
C ILE C 144 17.80 -44.07 21.84
N ASN C 145 17.33 -43.37 22.87
CA ASN C 145 15.90 -43.31 23.20
C ASN C 145 15.28 -41.96 22.88
N LYS C 146 15.98 -41.10 22.14
CA LYS C 146 15.46 -39.78 21.81
C LYS C 146 15.95 -39.36 20.43
N VAL C 147 15.03 -38.91 19.59
CA VAL C 147 15.32 -38.45 18.25
C VAL C 147 14.72 -37.07 18.06
N LEU C 148 15.42 -36.20 17.34
CA LEU C 148 14.88 -34.90 16.97
C LEU C 148 13.82 -35.07 15.89
N CYS C 149 12.72 -34.34 16.03
CA CYS C 149 11.62 -34.41 15.09
C CYS C 149 11.08 -33.02 14.81
N ILE C 150 10.52 -32.86 13.62
CA ILE C 150 9.80 -31.65 13.24
C ILE C 150 8.33 -32.01 13.19
N THR C 151 7.51 -31.31 13.97
CA THR C 151 6.12 -31.68 14.13
C THR C 151 5.29 -30.43 14.36
N THR C 152 3.97 -30.61 14.34
CA THR C 152 3.04 -29.51 14.60
C THR C 152 3.08 -29.12 16.08
N ASN C 153 3.14 -27.82 16.34
CA ASN C 153 3.15 -27.34 17.70
C ASN C 153 1.77 -27.54 18.34
N LYS C 154 1.60 -27.05 19.57
CA LYS C 154 0.34 -27.25 20.28
C LYS C 154 -0.83 -26.70 19.47
N ALA C 155 -0.69 -25.49 18.96
CA ALA C 155 -1.66 -24.99 17.99
C ALA C 155 -1.43 -25.65 16.64
N GLY C 156 -2.39 -25.47 15.74
CA GLY C 156 -2.26 -25.99 14.39
C GLY C 156 -1.83 -24.93 13.41
N ASP C 157 -0.79 -24.16 13.77
CA ASP C 157 -0.41 -22.98 13.01
C ASP C 157 1.04 -22.98 12.52
N ALA C 158 1.92 -23.80 13.10
CA ALA C 158 3.32 -23.78 12.69
C ALA C 158 4.01 -25.07 13.12
N LEU C 159 5.09 -25.38 12.42
CA LEU C 159 5.94 -26.51 12.77
C LEU C 159 6.97 -26.09 13.81
N VAL C 160 7.51 -27.07 14.52
CA VAL C 160 8.51 -26.82 15.56
C VAL C 160 9.40 -28.04 15.67
N TYR C 161 10.70 -27.81 15.90
CA TYR C 161 11.62 -28.89 16.21
C TYR C 161 11.42 -29.31 17.66
N GLU C 162 11.30 -30.62 17.88
CA GLU C 162 11.05 -31.15 19.21
C GLU C 162 11.85 -32.43 19.39
N GLU C 163 12.46 -32.58 20.56
CA GLU C 163 13.15 -33.80 20.94
C GLU C 163 12.14 -34.74 21.59
N VAL C 164 11.81 -35.82 20.90
CA VAL C 164 10.75 -36.72 21.34
C VAL C 164 11.36 -38.09 21.64
N ASN C 165 10.64 -38.86 22.46
CA ASN C 165 11.05 -40.23 22.74
C ASN C 165 10.82 -41.09 21.50
N ILE C 166 11.86 -41.79 21.08
CA ILE C 166 11.79 -42.55 19.83
C ILE C 166 10.63 -43.53 19.86
N ALA C 167 10.23 -43.98 21.05
CA ALA C 167 9.12 -44.92 21.16
C ALA C 167 7.80 -44.29 20.74
N ASP C 168 7.68 -42.96 20.79
CA ASP C 168 6.45 -42.30 20.36
C ASP C 168 6.15 -42.54 18.88
N LEU C 169 7.16 -42.91 18.09
CA LEU C 169 7.01 -43.13 16.66
C LEU C 169 6.98 -44.60 16.28
N ASN C 170 6.97 -45.51 17.27
CA ASN C 170 7.00 -46.93 16.96
C ASN C 170 5.84 -47.32 16.05
N GLY C 171 6.12 -48.20 15.09
CA GLY C 171 5.11 -48.67 14.18
C GLY C 171 4.67 -47.67 13.14
N HIS C 172 5.33 -46.53 13.03
CA HIS C 172 4.97 -45.48 12.10
C HIS C 172 6.11 -45.22 11.13
N THR C 173 5.77 -44.95 9.88
CA THR C 173 6.75 -44.55 8.88
C THR C 173 7.04 -43.06 9.01
N VAL C 174 8.30 -42.68 8.78
CA VAL C 174 8.75 -41.31 8.91
C VAL C 174 9.62 -40.95 7.72
N GLU C 175 9.90 -39.65 7.59
CA GLU C 175 10.77 -39.12 6.55
C GLU C 175 11.97 -38.47 7.21
N LEU C 176 13.16 -39.02 6.95
CA LEU C 176 14.39 -38.43 7.46
C LEU C 176 14.85 -37.33 6.52
N MET C 177 15.07 -36.13 7.08
CA MET C 177 15.43 -34.97 6.29
C MET C 177 16.53 -34.21 7.03
N GLY C 178 17.29 -33.41 6.27
CA GLY C 178 18.31 -32.59 6.86
C GLY C 178 19.39 -32.14 5.88
N PRO C 179 20.49 -31.59 6.42
CA PRO C 179 21.56 -31.10 5.55
C PRO C 179 22.12 -32.13 4.58
N LYS C 180 22.20 -33.40 4.98
CA LYS C 180 22.92 -34.40 4.21
C LYS C 180 21.99 -35.32 3.44
N PHE C 181 20.74 -34.94 3.25
CA PHE C 181 19.78 -35.74 2.50
C PHE C 181 19.11 -34.86 1.46
N GLN C 182 19.41 -35.13 0.18
CA GLN C 182 18.84 -34.42 -0.97
C GLN C 182 19.27 -32.96 -1.04
N SER C 183 20.40 -32.61 -0.42
CA SER C 183 20.91 -31.24 -0.42
C SER C 183 20.03 -30.29 0.38
N ASN C 184 19.25 -30.81 1.32
CA ASN C 184 18.45 -30.00 2.22
C ASN C 184 17.58 -28.99 1.46
N PRO C 185 16.64 -29.47 0.65
CA PRO C 185 15.77 -28.54 -0.09
C PRO C 185 14.72 -27.85 0.77
N HIS C 186 14.61 -28.22 2.04
CA HIS C 186 13.69 -27.58 2.97
C HIS C 186 14.37 -26.60 3.91
N GLY C 187 15.70 -26.48 3.84
CA GLY C 187 16.41 -25.57 4.72
C GLY C 187 16.32 -25.95 6.18
N LEU C 188 16.24 -27.24 6.48
CA LEU C 188 16.18 -27.67 7.87
C LEU C 188 17.52 -27.42 8.57
N LYS C 189 17.44 -27.11 9.86
CA LYS C 189 18.62 -26.76 10.65
C LYS C 189 19.27 -27.97 11.31
N ALA C 190 18.75 -29.17 11.10
CA ALA C 190 19.31 -30.36 11.70
C ALA C 190 18.60 -31.58 11.13
N HIS C 191 19.27 -32.73 11.20
CA HIS C 191 18.65 -33.98 10.76
C HIS C 191 17.49 -34.32 11.69
N CYS C 192 16.31 -34.53 11.10
CA CYS C 192 15.12 -34.78 11.90
C CYS C 192 14.19 -35.70 11.13
N LEU C 193 13.26 -36.31 11.85
CA LEU C 193 12.24 -37.19 11.29
C LEU C 193 10.90 -36.47 11.30
N MET C 194 10.05 -36.81 10.32
CA MET C 194 8.71 -36.27 10.26
C MET C 194 7.74 -37.40 9.93
N ARG C 195 6.82 -37.67 10.87
CA ARG C 195 5.76 -38.64 10.62
C ARG C 195 5.01 -38.28 9.35
N HIS C 196 4.87 -39.26 8.46
CA HIS C 196 4.12 -39.04 7.23
C HIS C 196 2.67 -38.70 7.57
N GLY C 197 2.12 -37.74 6.81
CA GLY C 197 0.76 -37.29 7.02
C GLY C 197 0.59 -36.20 8.04
N THR C 198 1.67 -35.80 8.73
CA THR C 198 1.56 -34.78 9.76
C THR C 198 0.90 -33.51 9.22
N VAL C 199 1.53 -32.85 8.25
CA VAL C 199 0.99 -31.63 7.69
C VAL C 199 -0.21 -31.97 6.81
N LYS C 200 -1.36 -31.38 7.13
CA LYS C 200 -2.56 -31.50 6.30
C LYS C 200 -2.72 -30.23 5.47
N LEU C 201 -2.88 -30.41 4.16
CA LEU C 201 -2.90 -29.28 3.25
C LEU C 201 -4.22 -28.51 3.36
N THR C 202 -4.12 -27.19 3.30
CA THR C 202 -5.28 -26.30 3.35
C THR C 202 -5.66 -25.87 1.95
N ASP C 203 -6.97 -25.81 1.69
CA ASP C 203 -7.50 -25.32 0.43
C ASP C 203 -6.97 -26.11 -0.76
N PHE C 204 -6.62 -27.37 -0.55
CA PHE C 204 -6.19 -28.21 -1.66
C PHE C 204 -7.41 -28.62 -2.49
N PRO C 205 -7.28 -28.68 -3.82
CA PRO C 205 -8.45 -29.05 -4.64
C PRO C 205 -9.14 -30.32 -4.17
N ASP C 206 -10.43 -30.21 -3.85
CA ASP C 206 -11.23 -31.37 -3.46
C ASP C 206 -11.38 -32.28 -4.67
N LEU C 207 -10.62 -33.36 -4.69
CA LEU C 207 -10.64 -34.25 -5.86
C LEU C 207 -11.99 -34.92 -6.06
N ARG C 208 -12.82 -34.97 -5.03
CA ARG C 208 -14.17 -35.53 -5.21
C ARG C 208 -14.99 -34.72 -6.21
N ASP C 209 -14.57 -33.48 -6.50
CA ASP C 209 -15.24 -32.65 -7.48
C ASP C 209 -14.88 -33.02 -8.93
N TYR C 210 -13.93 -33.93 -9.11
CA TYR C 210 -13.53 -34.40 -10.43
C TYR C 210 -13.97 -35.84 -10.69
N VAL C 211 -14.80 -36.39 -9.81
CA VAL C 211 -15.30 -37.75 -9.94
C VAL C 211 -16.80 -37.68 -10.18
N SER C 212 -17.37 -38.79 -10.62
CA SER C 212 -18.81 -38.89 -10.83
C SER C 212 -19.53 -39.16 -9.52
N PRO C 218 -19.18 -34.89 -13.13
CA PRO C 218 -18.04 -34.15 -12.57
C PRO C 218 -18.17 -32.64 -12.69
N LEU C 219 -18.27 -31.97 -11.53
CA LEU C 219 -18.34 -30.51 -11.52
C LEU C 219 -17.13 -29.91 -12.23
N LYS C 220 -15.95 -30.12 -11.69
CA LYS C 220 -14.70 -29.62 -12.26
C LYS C 220 -14.03 -30.73 -13.08
N GLU C 221 -13.23 -30.31 -14.06
CA GLU C 221 -12.62 -31.25 -15.00
C GLU C 221 -11.13 -31.06 -15.24
N ASN C 222 -10.52 -29.99 -14.73
CA ASN C 222 -9.11 -29.71 -14.98
C ASN C 222 -8.32 -29.93 -13.69
N ALA C 223 -8.21 -31.20 -13.29
CA ALA C 223 -7.53 -31.53 -12.04
C ALA C 223 -6.05 -31.20 -12.11
N LEU C 224 -5.43 -31.39 -13.27
CA LEU C 224 -4.00 -31.11 -13.41
C LEU C 224 -3.72 -29.62 -13.19
N ALA C 225 -4.38 -28.76 -13.97
CA ALA C 225 -4.14 -27.32 -13.87
C ALA C 225 -4.46 -26.81 -12.47
N ASP C 226 -5.58 -27.23 -11.91
CA ASP C 226 -5.98 -26.75 -10.59
C ASP C 226 -4.93 -27.12 -9.53
N ILE C 227 -4.50 -28.38 -9.53
CA ILE C 227 -3.46 -28.81 -8.59
C ILE C 227 -2.17 -28.05 -8.85
N ARG C 228 -1.77 -27.95 -10.12
CA ARG C 228 -0.58 -27.20 -10.47
C ARG C 228 -0.68 -25.76 -9.97
N ASN C 229 -1.84 -25.14 -10.13
CA ASN C 229 -2.01 -23.77 -9.65
C ASN C 229 -1.93 -23.71 -8.12
N TRP C 230 -2.36 -24.76 -7.43
CA TRP C 230 -2.26 -24.77 -5.98
C TRP C 230 -0.81 -24.81 -5.53
N PHE C 231 0.06 -25.51 -6.26
CA PHE C 231 1.48 -25.54 -5.94
C PHE C 231 2.21 -24.27 -6.34
N LEU C 232 1.67 -23.52 -7.30
CA LEU C 232 2.30 -22.29 -7.75
C LEU C 232 1.90 -21.08 -6.91
N ASN C 233 0.65 -21.02 -6.44
CA ASN C 233 0.11 -19.80 -5.87
C ASN C 233 -0.53 -19.96 -4.50
N SER C 234 -0.49 -21.14 -3.90
CA SER C 234 -1.00 -21.29 -2.54
C SER C 234 0.06 -20.83 -1.54
N LYS C 235 -0.31 -20.83 -0.26
CA LYS C 235 0.64 -20.47 0.80
C LYS C 235 1.53 -21.64 1.21
N GLN C 236 1.09 -22.88 0.98
CA GLN C 236 1.84 -24.06 1.36
C GLN C 236 2.59 -24.71 0.20
N GLY C 237 1.98 -24.73 -0.99
CA GLY C 237 2.58 -25.33 -2.15
C GLY C 237 4.06 -25.04 -2.31
N PRO C 238 4.45 -23.77 -2.28
CA PRO C 238 5.87 -23.44 -2.43
C PRO C 238 6.78 -24.06 -1.39
N HIS C 239 6.24 -24.56 -0.28
CA HIS C 239 7.04 -25.19 0.76
C HIS C 239 7.21 -26.69 0.57
N LEU C 240 6.53 -27.27 -0.42
CA LEU C 240 6.36 -28.72 -0.50
C LEU C 240 6.99 -29.28 -1.77
N GLU C 241 7.36 -30.56 -1.69
CA GLU C 241 7.77 -31.32 -2.86
C GLU C 241 6.59 -31.86 -3.64
N GLY C 242 5.43 -32.04 -2.98
CA GLY C 242 4.26 -32.57 -3.62
C GLY C 242 3.10 -32.79 -2.66
N VAL C 243 2.23 -33.75 -2.99
CA VAL C 243 1.06 -34.04 -2.17
C VAL C 243 0.84 -35.55 -2.18
N VAL C 244 0.71 -36.14 -1.01
CA VAL C 244 0.30 -37.53 -0.87
C VAL C 244 -1.05 -37.56 -0.16
N LEU C 245 -2.03 -38.19 -0.80
CA LEU C 245 -3.36 -38.30 -0.24
C LEU C 245 -3.44 -39.54 0.66
N HIS C 246 -4.00 -39.37 1.84
CA HIS C 246 -4.21 -40.47 2.78
C HIS C 246 -5.70 -40.72 2.90
N LEU C 247 -6.13 -41.93 2.54
CA LEU C 247 -7.55 -42.30 2.52
C LEU C 247 -7.87 -43.27 3.66
N ASP C 248 -9.16 -43.54 3.82
CA ASP C 248 -9.62 -44.43 4.88
C ASP C 248 -9.29 -45.89 4.61
N ASN C 249 -9.03 -46.24 3.35
CA ASN C 249 -8.70 -47.63 3.00
C ASN C 249 -7.27 -48.01 3.37
N GLY C 250 -6.47 -47.05 3.84
CA GLY C 250 -5.04 -47.25 3.94
C GLY C 250 -4.31 -47.01 2.63
N GLU C 251 -5.01 -46.61 1.58
CA GLU C 251 -4.40 -46.32 0.29
C GLU C 251 -3.77 -44.94 0.29
N MET C 252 -2.84 -44.74 -0.65
CA MET C 252 -2.18 -43.47 -0.84
C MET C 252 -2.13 -43.14 -2.33
N TYR C 253 -2.13 -41.84 -2.63
CA TYR C 253 -1.99 -41.35 -4.00
C TYR C 253 -1.16 -40.08 -3.95
N LYS C 254 -0.07 -40.04 -4.71
CA LYS C 254 0.92 -38.99 -4.62
C LYS C 254 0.98 -38.18 -5.90
N LEU C 255 1.64 -37.02 -5.81
CA LEU C 255 2.00 -36.23 -6.99
C LEU C 255 3.23 -35.41 -6.64
N HIS C 256 4.32 -35.64 -7.37
CA HIS C 256 5.52 -34.84 -7.24
C HIS C 256 5.40 -33.57 -8.07
N ARG C 257 6.27 -32.60 -7.78
CA ARG C 257 6.31 -31.38 -8.58
C ARG C 257 6.68 -31.66 -10.03
N HIS C 258 7.32 -32.80 -10.31
CA HIS C 258 7.76 -33.11 -11.66
C HIS C 258 6.60 -33.53 -12.54
N HIS C 259 5.62 -34.26 -11.98
CA HIS C 259 4.40 -34.52 -12.71
C HIS C 259 3.73 -33.21 -13.14
N LEU C 260 3.81 -32.19 -12.29
CA LEU C 260 3.18 -30.90 -12.54
C LEU C 260 4.10 -29.94 -13.28
N ASP C 261 5.14 -30.44 -13.93
CA ASP C 261 6.06 -29.61 -14.71
C ASP C 261 6.58 -28.45 -13.87
N LEU C 262 6.91 -28.73 -12.62
CA LEU C 262 7.43 -27.73 -11.70
C LEU C 262 8.81 -28.15 -11.21
N GLU C 263 9.57 -27.15 -10.79
CA GLU C 263 10.94 -27.34 -10.32
C GLU C 263 10.94 -27.58 -8.81
N TRP C 264 11.79 -28.51 -8.36
CA TRP C 264 11.99 -28.77 -6.94
C TRP C 264 13.46 -28.62 -6.61
N SER C 265 13.76 -27.75 -5.66
CA SER C 265 15.13 -27.40 -5.30
C SER C 265 15.07 -26.41 -4.15
N ALA C 266 16.18 -26.28 -3.44
CA ALA C 266 16.22 -25.31 -2.34
C ALA C 266 15.93 -23.91 -2.83
N LYS C 267 16.27 -23.61 -4.09
CA LYS C 267 15.99 -22.28 -4.64
C LYS C 267 14.48 -22.10 -4.86
N SER C 268 13.83 -23.08 -5.49
CA SER C 268 12.41 -23.00 -5.77
C SER C 268 11.55 -23.40 -4.59
N ALA C 269 12.14 -23.64 -3.42
CA ALA C 269 11.43 -24.09 -2.24
C ALA C 269 11.63 -23.11 -1.10
N ARG C 270 10.53 -22.74 -0.45
CA ARG C 270 10.64 -21.97 0.78
C ARG C 270 10.89 -22.91 1.96
N PRO C 271 11.62 -22.45 2.97
CA PRO C 271 11.92 -23.32 4.12
C PRO C 271 10.66 -24.00 4.64
N LEU C 272 10.80 -25.27 5.04
CA LEU C 272 9.67 -26.01 5.56
C LEU C 272 9.31 -25.59 6.98
N ASP C 273 10.28 -25.16 7.77
CA ASP C 273 10.00 -24.71 9.12
C ASP C 273 9.15 -23.43 9.13
N GLN C 274 9.08 -22.71 8.02
CA GLN C 274 8.26 -21.52 7.90
C GLN C 274 6.90 -21.79 7.27
N ILE C 275 6.51 -23.05 7.15
CA ILE C 275 5.27 -23.38 6.44
C ILE C 275 4.07 -22.95 7.27
N PRO C 276 3.09 -22.26 6.69
CA PRO C 276 1.85 -21.98 7.44
C PRO C 276 0.97 -23.21 7.53
N LEU C 277 0.45 -23.47 8.73
CA LEU C 277 -0.47 -24.58 8.94
C LEU C 277 -1.85 -24.06 9.33
N LYS D 17 5.59 41.17 -9.76
CA LYS D 17 5.24 41.56 -11.11
C LYS D 17 3.75 41.83 -11.25
N MET D 18 2.97 41.42 -10.26
CA MET D 18 1.52 41.57 -10.30
C MET D 18 1.12 42.94 -9.75
N CYS D 19 -0.14 43.30 -9.99
CA CYS D 19 -0.64 44.63 -9.69
C CYS D 19 -1.13 44.72 -8.25
N GLU D 20 -1.55 45.93 -7.85
CA GLU D 20 -2.05 46.20 -6.51
C GLU D 20 -3.49 46.70 -6.62
N VAL D 21 -4.37 46.15 -5.79
CA VAL D 21 -5.80 46.51 -5.83
C VAL D 21 -5.96 47.77 -4.98
N HIS D 22 -5.83 48.92 -5.63
CA HIS D 22 -6.01 50.22 -4.99
C HIS D 22 -7.34 50.87 -5.32
N ASP D 23 -8.08 50.33 -6.28
CA ASP D 23 -9.32 50.95 -6.75
C ASP D 23 -10.31 49.85 -7.12
N LYS D 24 -11.52 50.25 -7.48
CA LYS D 24 -12.48 49.29 -8.01
C LYS D 24 -12.02 48.78 -9.37
N ILE D 25 -12.13 47.47 -9.57
CA ILE D 25 -11.65 46.81 -10.78
C ILE D 25 -12.80 46.70 -11.76
N SER D 26 -12.65 47.31 -12.93
CA SER D 26 -13.68 47.20 -13.96
C SER D 26 -13.88 45.75 -14.37
N ALA D 27 -15.00 45.49 -15.03
CA ALA D 27 -15.29 44.15 -15.52
C ALA D 27 -14.58 43.91 -16.85
N ILE D 28 -14.19 42.65 -17.06
CA ILE D 28 -13.57 42.28 -18.33
C ILE D 28 -14.53 42.54 -19.49
N LEU D 29 -15.79 42.15 -19.32
CA LEU D 29 -16.80 42.29 -20.35
C LEU D 29 -17.79 43.39 -19.96
N VAL D 30 -18.27 44.12 -20.97
CA VAL D 30 -19.32 45.11 -20.74
C VAL D 30 -20.51 44.41 -20.09
N CYS D 31 -20.99 44.98 -18.99
CA CYS D 31 -22.07 44.38 -18.22
C CYS D 31 -23.37 45.13 -18.47
N ALA D 32 -24.45 44.37 -18.63
CA ALA D 32 -25.80 44.90 -18.72
C ALA D 32 -26.51 44.69 -17.40
N HIS D 33 -27.81 44.98 -17.37
CA HIS D 33 -28.60 44.74 -16.16
C HIS D 33 -30.07 44.51 -16.53
N LYS D 48 -28.91 43.26 -10.88
CA LYS D 48 -28.15 42.12 -11.35
C LYS D 48 -27.35 42.48 -12.59
N TYR D 49 -26.03 42.51 -12.47
CA TYR D 49 -25.13 42.86 -13.56
C TYR D 49 -24.65 41.57 -14.23
N LEU D 50 -25.10 41.33 -15.46
CA LEU D 50 -24.72 40.15 -16.23
C LEU D 50 -23.78 40.56 -17.35
N ALA D 51 -22.73 39.76 -17.55
CA ALA D 51 -21.76 40.04 -18.59
C ALA D 51 -22.37 39.84 -19.98
N THR D 52 -22.00 40.71 -20.90
CA THR D 52 -22.39 40.59 -22.30
C THR D 52 -21.19 40.16 -23.13
N ASN D 53 -21.46 39.82 -24.39
CA ASN D 53 -20.42 39.37 -25.31
C ASN D 53 -19.70 40.57 -25.93
N CYS D 54 -19.10 41.38 -25.05
CA CYS D 54 -18.43 42.61 -25.47
C CYS D 54 -17.35 42.93 -24.44
N LEU D 55 -16.12 43.08 -24.91
CA LEU D 55 -14.99 43.35 -24.02
C LEU D 55 -15.01 44.80 -23.55
N ASN D 56 -14.39 45.03 -22.40
CA ASN D 56 -14.31 46.37 -21.84
C ASN D 56 -13.52 47.28 -22.78
N PRO D 57 -14.06 48.44 -23.18
CA PRO D 57 -13.30 49.32 -24.08
C PRO D 57 -11.88 49.58 -23.60
N GLY D 58 -11.68 49.86 -22.30
CA GLY D 58 -10.34 50.05 -21.80
C GLY D 58 -9.48 48.81 -21.91
N LEU D 59 -10.11 47.62 -21.88
CA LEU D 59 -9.35 46.39 -22.10
C LEU D 59 -9.00 46.23 -23.57
N ILE D 60 -9.95 46.49 -24.47
CA ILE D 60 -9.65 46.53 -25.90
C ILE D 60 -8.49 47.48 -26.15
N SER D 61 -8.60 48.71 -25.65
CA SER D 61 -7.55 49.70 -25.85
C SER D 61 -6.22 49.19 -25.31
N ALA D 62 -6.23 48.62 -24.11
CA ALA D 62 -4.98 48.16 -23.51
C ALA D 62 -4.31 47.10 -24.37
N ILE D 63 -5.08 46.10 -24.81
CA ILE D 63 -4.50 45.02 -25.61
C ILE D 63 -3.97 45.55 -26.93
N GLN D 64 -4.68 46.50 -27.54
CA GLN D 64 -4.23 47.07 -28.80
C GLN D 64 -2.93 47.84 -28.64
N ALA D 65 -2.68 48.39 -27.45
CA ALA D 65 -1.41 49.07 -27.17
C ALA D 65 -0.26 48.10 -26.97
N GLY D 66 -0.51 46.81 -26.95
CA GLY D 66 0.54 45.82 -26.79
C GLY D 66 0.74 45.34 -25.37
N ALA D 67 -0.24 45.52 -24.49
CA ALA D 67 -0.09 45.11 -23.11
C ALA D 67 -0.20 43.60 -22.97
N ARG D 68 0.58 43.05 -22.04
CA ARG D 68 0.52 41.64 -21.71
C ARG D 68 -0.58 41.41 -20.69
N VAL D 69 -1.40 40.37 -20.92
CA VAL D 69 -2.52 40.04 -20.06
C VAL D 69 -2.23 38.72 -19.36
N VAL D 70 -2.38 38.70 -18.05
CA VAL D 70 -2.13 37.51 -17.24
C VAL D 70 -3.39 37.15 -16.47
N PRO D 71 -4.09 36.06 -16.82
CA PRO D 71 -5.27 35.66 -16.04
C PRO D 71 -4.85 35.07 -14.71
N THR D 72 -5.31 35.70 -13.63
CA THR D 72 -5.11 35.21 -12.27
C THR D 72 -6.45 34.69 -11.74
N ALA D 73 -6.49 34.38 -10.45
CA ALA D 73 -7.64 33.76 -9.82
C ALA D 73 -8.21 34.70 -8.78
N LYS D 74 -9.49 35.07 -8.93
CA LYS D 74 -10.18 35.85 -7.93
C LYS D 74 -10.68 34.95 -6.81
N THR D 75 -10.34 35.28 -5.57
CA THR D 75 -10.77 34.52 -4.40
C THR D 75 -11.71 35.37 -3.56
N ASP D 76 -12.58 34.71 -2.82
CA ASP D 76 -13.61 35.37 -2.02
C ASP D 76 -13.10 35.52 -0.59
N GLY D 77 -12.63 36.72 -0.27
CA GLY D 77 -12.19 37.04 1.09
C GLY D 77 -12.47 38.49 1.39
N THR D 78 -11.57 39.11 2.15
CA THR D 78 -11.65 40.54 2.44
C THR D 78 -10.34 41.19 2.02
N CYS D 79 -10.43 42.32 1.33
CA CYS D 79 -9.24 42.95 0.77
C CYS D 79 -8.34 43.50 1.86
N CYS D 80 -7.05 43.19 1.78
CA CYS D 80 -6.07 43.64 2.74
C CYS D 80 -4.75 43.90 2.03
N ARG D 81 -3.77 44.38 2.79
CA ARG D 81 -2.43 44.64 2.28
C ARG D 81 -1.47 44.73 3.45
N VAL D 82 -0.19 44.53 3.15
CA VAL D 82 0.87 44.59 4.15
C VAL D 82 1.64 45.88 3.92
N PHE D 83 1.51 46.83 4.84
CA PHE D 83 2.16 48.13 4.74
C PHE D 83 2.94 48.38 6.02
N ASN D 84 4.26 48.42 5.92
CA ASN D 84 5.14 48.64 7.07
C ASN D 84 5.05 47.49 8.07
N GLY D 85 5.06 46.26 7.56
CA GLY D 85 5.02 45.09 8.41
C GLY D 85 3.71 44.83 9.10
N LYS D 86 2.70 45.68 8.92
CA LYS D 86 1.40 45.51 9.55
C LYS D 86 0.35 45.17 8.51
N ILE D 87 -0.65 44.41 8.93
CA ILE D 87 -1.80 44.13 8.08
C ILE D 87 -2.73 45.34 8.11
N GLN D 88 -3.15 45.79 6.93
CA GLN D 88 -4.11 46.87 6.79
C GLN D 88 -5.36 46.35 6.10
N LYS D 89 -6.52 46.76 6.61
CA LYS D 89 -7.80 46.37 6.05
C LYS D 89 -8.36 47.50 5.19
N ARG D 90 -9.02 47.14 4.10
CA ARG D 90 -9.61 48.13 3.21
C ARG D 90 -10.92 48.64 3.79
N ARG D 91 -11.15 49.95 3.64
CA ARG D 91 -12.40 50.57 4.03
C ARG D 91 -12.77 51.61 2.98
N ASP D 92 -14.02 51.58 2.53
CA ASP D 92 -14.49 52.52 1.52
C ASP D 92 -15.36 53.60 2.13
N VAL D 99 -13.88 60.02 7.64
CA VAL D 99 -12.51 59.53 7.49
C VAL D 99 -11.93 59.16 8.85
N PRO D 100 -11.81 57.86 9.13
CA PRO D 100 -11.10 57.45 10.34
C PRO D 100 -9.63 57.86 10.27
N GLU D 101 -9.08 58.17 11.44
CA GLU D 101 -7.69 58.63 11.50
C GLU D 101 -6.76 57.56 10.95
N GLY D 102 -5.70 58.01 10.29
CA GLY D 102 -4.76 57.12 9.64
C GLY D 102 -5.26 56.48 8.37
N TRP D 103 -6.44 56.85 7.90
CA TRP D 103 -7.00 56.28 6.68
C TRP D 103 -6.25 56.81 5.47
N ILE D 104 -5.65 55.91 4.70
CA ILE D 104 -4.85 56.26 3.54
C ILE D 104 -5.72 56.00 2.31
N GLN D 105 -6.08 57.06 1.60
CA GLN D 105 -6.88 56.91 0.38
C GLN D 105 -6.02 56.35 -0.74
N THR D 106 -6.59 55.40 -1.49
CA THR D 106 -5.91 54.78 -2.61
C THR D 106 -6.66 54.93 -3.94
N GLY D 107 -7.95 55.21 -3.91
CA GLY D 107 -8.70 55.37 -5.13
C GLY D 107 -10.08 55.90 -4.86
N SER D 108 -10.96 55.77 -5.86
CA SER D 108 -12.32 56.26 -5.75
C SER D 108 -13.18 55.62 -6.82
N ASP D 109 -14.44 55.36 -6.48
CA ASP D 109 -15.40 54.76 -7.40
C ASP D 109 -16.34 55.84 -7.92
N GLU D 110 -16.47 55.91 -9.24
CA GLU D 110 -17.34 56.89 -9.88
C GLU D 110 -18.77 56.38 -9.97
N HIS D 114 -17.87 56.35 -3.97
CA HIS D 114 -17.16 55.86 -2.80
C HIS D 114 -15.67 56.17 -2.88
N LEU D 115 -15.04 56.28 -1.71
CA LEU D 115 -13.61 56.55 -1.60
C LEU D 115 -12.92 55.29 -1.08
N ILE D 116 -12.06 54.71 -1.92
CA ILE D 116 -11.36 53.47 -1.59
C ILE D 116 -10.12 53.80 -0.80
N GLY D 117 -9.88 53.04 0.27
CA GLY D 117 -8.71 53.28 1.11
C GLY D 117 -8.50 52.14 2.07
N PHE D 118 -7.49 52.31 2.93
CA PHE D 118 -7.07 51.28 3.87
C PHE D 118 -6.94 51.86 5.27
N MET D 119 -6.89 50.96 6.25
CA MET D 119 -6.74 51.31 7.65
C MET D 119 -5.80 50.32 8.31
N ASP D 120 -5.37 50.66 9.53
CA ASP D 120 -4.71 49.70 10.41
C ASP D 120 -5.75 48.95 11.21
N LEU D 121 -5.53 47.66 11.40
CA LEU D 121 -6.50 46.82 12.08
C LEU D 121 -6.87 47.41 13.44
N GLU D 122 -8.14 47.32 13.79
CA GLU D 122 -8.65 47.78 15.07
C GLU D 122 -8.75 46.58 16.02
N LYS D 123 -8.99 46.90 17.30
CA LYS D 123 -9.00 45.85 18.33
C LYS D 123 -10.07 44.81 18.05
N GLY D 124 -11.21 45.22 17.51
CA GLY D 124 -12.30 44.29 17.26
C GLY D 124 -12.14 43.38 16.07
N ASP D 125 -11.04 43.51 15.33
CA ASP D 125 -10.78 42.67 14.15
C ASP D 125 -10.03 41.40 14.56
N LYS D 126 -10.71 40.61 15.40
CA LYS D 126 -10.09 39.41 15.95
C LYS D 126 -9.62 38.47 14.84
N TRP D 127 -10.39 38.37 13.76
CA TRP D 127 -10.10 37.39 12.71
C TRP D 127 -9.17 37.93 11.63
N HIS D 128 -8.86 39.22 11.64
CA HIS D 128 -7.76 39.71 10.81
C HIS D 128 -6.42 39.38 11.46
N TYR D 129 -6.32 39.56 12.78
CA TYR D 129 -5.10 39.17 13.49
C TYR D 129 -4.93 37.66 13.53
N ASP D 130 -6.02 36.90 13.43
CA ASP D 130 -5.96 35.46 13.59
C ASP D 130 -5.15 34.77 12.50
N CYS D 131 -4.77 35.50 11.44
CA CYS D 131 -3.89 34.93 10.42
C CYS D 131 -2.43 35.02 10.81
N HIS D 132 -2.09 35.76 11.86
CA HIS D 132 -0.73 35.75 12.37
C HIS D 132 -0.45 34.43 13.07
N VAL D 133 0.82 34.03 13.05
CA VAL D 133 1.23 32.82 13.77
C VAL D 133 1.19 33.09 15.27
N LYS D 134 0.66 32.13 16.02
CA LYS D 134 0.47 32.31 17.45
C LYS D 134 1.77 32.09 18.22
N ASP D 135 2.00 32.92 19.22
CA ASP D 135 3.15 32.79 20.11
C ASP D 135 2.67 33.08 21.52
N PRO D 136 2.11 32.07 22.20
CA PRO D 136 1.58 32.31 23.55
C PRO D 136 2.59 32.91 24.51
N SER D 137 3.88 32.68 24.29
CA SER D 137 4.90 33.31 25.12
C SER D 137 4.95 34.82 24.92
N SER D 138 4.43 35.31 23.79
CA SER D 138 4.31 36.74 23.60
C SER D 138 3.11 37.26 24.39
N PRO D 139 3.26 38.35 25.17
CA PRO D 139 2.15 38.81 26.01
C PRO D 139 0.84 39.07 25.25
N SER D 140 0.86 39.04 23.92
CA SER D 140 -0.36 39.15 23.13
C SER D 140 -0.77 37.84 22.47
N GLY D 141 0.12 36.85 22.42
CA GLY D 141 -0.19 35.59 21.79
C GLY D 141 -0.01 35.56 20.28
N LEU D 142 0.56 36.62 19.70
CA LEU D 142 0.73 36.71 18.26
C LEU D 142 2.19 37.04 17.96
N ASP D 143 2.78 36.28 17.04
CA ASP D 143 4.07 36.66 16.44
C ASP D 143 3.75 37.67 15.35
N ILE D 144 3.92 38.95 15.66
CA ILE D 144 3.47 40.02 14.76
C ILE D 144 4.38 40.19 13.56
N ASN D 145 5.41 39.36 13.41
CA ASN D 145 6.30 39.41 12.25
C ASN D 145 6.15 38.19 11.35
N LYS D 146 5.12 37.37 11.56
CA LYS D 146 4.92 36.17 10.75
C LYS D 146 3.43 35.93 10.59
N VAL D 147 3.03 35.57 9.38
CA VAL D 147 1.62 35.33 9.04
C VAL D 147 1.53 34.08 8.17
N LEU D 148 0.43 33.36 8.33
CA LEU D 148 0.17 32.18 7.51
C LEU D 148 -0.37 32.61 6.15
N CYS D 149 0.25 32.11 5.08
CA CYS D 149 -0.17 32.42 3.73
C CYS D 149 -0.29 31.14 2.93
N ILE D 150 -1.18 31.16 1.94
CA ILE D 150 -1.35 30.06 1.00
C ILE D 150 -0.78 30.50 -0.34
N THR D 151 0.19 29.74 -0.85
CA THR D 151 0.92 30.14 -2.03
C THR D 151 1.27 28.88 -2.83
N THR D 152 1.79 29.10 -4.04
CA THR D 152 2.23 27.98 -4.86
C THR D 152 3.49 27.35 -4.28
N ASN D 153 3.62 26.05 -4.47
CA ASN D 153 4.77 25.32 -3.96
C ASN D 153 5.95 25.49 -4.93
N LYS D 154 7.09 24.89 -4.56
CA LYS D 154 8.31 25.05 -5.35
C LYS D 154 8.10 24.67 -6.81
N ALA D 155 7.37 23.57 -7.05
CA ALA D 155 7.18 23.10 -8.41
C ALA D 155 6.08 23.84 -9.16
N GLY D 156 5.23 24.58 -8.45
CA GLY D 156 4.15 25.28 -9.11
C GLY D 156 3.00 24.42 -9.56
N ASP D 157 2.84 23.23 -8.97
CA ASP D 157 1.79 22.31 -9.35
C ASP D 157 0.63 22.27 -8.35
N ALA D 158 0.78 22.91 -7.19
CA ALA D 158 -0.27 22.87 -6.17
C ALA D 158 -0.01 23.98 -5.17
N LEU D 159 -1.05 24.31 -4.40
CA LEU D 159 -0.96 25.29 -3.34
C LEU D 159 -0.55 24.63 -2.03
N VAL D 160 0.07 25.41 -1.16
CA VAL D 160 0.52 24.92 0.14
C VAL D 160 0.39 26.05 1.16
N TYR D 161 0.04 25.69 2.39
CA TYR D 161 0.05 26.64 3.48
C TYR D 161 1.48 26.84 3.96
N GLU D 162 1.83 28.09 4.26
CA GLU D 162 3.20 28.43 4.61
C GLU D 162 3.21 29.55 5.63
N GLU D 163 3.96 29.37 6.71
CA GLU D 163 4.22 30.44 7.67
C GLU D 163 5.35 31.30 7.12
N VAL D 164 5.04 32.55 6.78
CA VAL D 164 5.99 33.44 6.13
C VAL D 164 6.18 34.68 6.99
N ASN D 165 7.38 35.24 6.90
CA ASN D 165 7.65 36.53 7.52
C ASN D 165 6.77 37.59 6.85
N ILE D 166 5.96 38.28 7.64
CA ILE D 166 5.03 39.26 7.08
C ILE D 166 5.75 40.30 6.25
N ALA D 167 7.04 40.55 6.53
CA ALA D 167 7.78 41.56 5.79
C ALA D 167 7.96 41.18 4.32
N ASP D 168 7.94 39.88 4.00
CA ASP D 168 8.10 39.46 2.63
C ASP D 168 6.99 39.97 1.72
N LEU D 169 5.88 40.41 2.29
CA LEU D 169 4.72 40.85 1.53
C LEU D 169 4.50 42.36 1.61
N ASN D 170 5.49 43.12 2.08
CA ASN D 170 5.34 44.57 2.18
C ASN D 170 5.03 45.17 0.82
N GLY D 171 4.21 46.22 0.82
CA GLY D 171 3.86 46.91 -0.40
C GLY D 171 2.99 46.12 -1.35
N HIS D 172 2.41 45.02 -0.91
CA HIS D 172 1.57 44.18 -1.75
C HIS D 172 0.18 44.05 -1.14
N THR D 173 -0.82 43.91 -2.00
CA THR D 173 -2.19 43.64 -1.58
C THR D 173 -2.40 42.13 -1.49
N VAL D 174 -3.18 41.72 -0.49
CA VAL D 174 -3.44 40.31 -0.23
C VAL D 174 -4.93 40.11 0.04
N GLU D 175 -5.40 38.90 -0.22
CA GLU D 175 -6.78 38.52 0.07
C GLU D 175 -6.77 37.72 1.36
N LEU D 176 -7.41 38.25 2.40
CA LEU D 176 -7.57 37.54 3.66
C LEU D 176 -8.79 36.65 3.56
N MET D 177 -8.60 35.35 3.71
CA MET D 177 -9.64 34.35 3.56
C MET D 177 -9.64 33.44 4.78
N GLY D 178 -10.67 32.61 4.89
CA GLY D 178 -10.72 31.61 5.93
C GLY D 178 -12.11 31.38 6.51
N PRO D 179 -12.16 30.65 7.63
CA PRO D 179 -13.46 30.30 8.22
C PRO D 179 -14.43 31.45 8.38
N LYS D 180 -13.96 32.60 8.88
CA LYS D 180 -14.84 33.68 9.31
C LYS D 180 -15.01 34.77 8.26
N PHE D 181 -14.77 34.47 6.99
CA PHE D 181 -14.90 35.44 5.92
C PHE D 181 -15.72 34.83 4.78
N GLN D 182 -16.96 35.31 4.62
CA GLN D 182 -17.90 34.84 3.60
C GLN D 182 -18.29 33.38 3.79
N SER D 183 -18.07 32.83 4.98
CA SER D 183 -18.45 31.45 5.29
C SER D 183 -17.52 30.45 4.64
N ASN D 184 -16.25 30.82 4.49
CA ASN D 184 -15.21 29.94 3.99
C ASN D 184 -15.67 29.16 2.75
N PRO D 185 -16.05 29.85 1.68
CA PRO D 185 -16.47 29.12 0.47
C PRO D 185 -15.36 28.24 -0.09
N HIS D 186 -14.10 28.56 0.16
CA HIS D 186 -12.97 27.81 -0.35
C HIS D 186 -12.58 26.63 0.53
N GLY D 187 -13.16 26.52 1.73
CA GLY D 187 -12.83 25.42 2.61
C GLY D 187 -11.41 25.44 3.14
N LEU D 188 -10.91 26.60 3.53
CA LEU D 188 -9.55 26.73 4.03
C LEU D 188 -9.49 26.31 5.49
N LYS D 189 -8.44 25.56 5.83
CA LYS D 189 -8.30 24.99 7.16
C LYS D 189 -7.71 25.96 8.18
N ALA D 190 -7.60 27.24 7.83
CA ALA D 190 -7.07 28.25 8.74
C ALA D 190 -7.15 29.61 8.08
N HIS D 191 -7.15 30.66 8.90
CA HIS D 191 -7.07 32.03 8.38
C HIS D 191 -5.69 32.27 7.80
N CYS D 192 -5.66 32.77 6.56
CA CYS D 192 -4.41 32.91 5.83
C CYS D 192 -4.53 34.04 4.82
N LEU D 193 -3.38 34.47 4.30
CA LEU D 193 -3.29 35.51 3.29
C LEU D 193 -2.86 34.91 1.97
N MET D 194 -3.33 35.52 0.88
CA MET D 194 -2.92 35.14 -0.47
C MET D 194 -2.62 36.42 -1.26
N ARG D 195 -1.42 36.50 -1.80
CA ARG D 195 -1.05 37.61 -2.66
C ARG D 195 -1.93 37.63 -3.90
N HIS D 196 -2.49 38.79 -4.21
CA HIS D 196 -3.31 38.93 -5.41
C HIS D 196 -2.46 38.67 -6.65
N GLY D 197 -2.92 37.75 -7.48
CA GLY D 197 -2.20 37.36 -8.67
C GLY D 197 -1.30 36.14 -8.51
N THR D 198 -1.32 35.50 -7.33
CA THR D 198 -0.45 34.36 -7.09
C THR D 198 -0.76 33.23 -8.07
N VAL D 199 -2.01 32.79 -8.11
CA VAL D 199 -2.40 31.64 -8.92
C VAL D 199 -2.62 32.09 -10.36
N LYS D 200 -1.77 31.61 -11.26
CA LYS D 200 -1.91 31.89 -12.68
C LYS D 200 -2.78 30.82 -13.33
N LEU D 201 -3.84 31.25 -14.01
CA LEU D 201 -4.76 30.30 -14.62
C LEU D 201 -4.13 29.67 -15.87
N THR D 202 -4.48 28.42 -16.12
CA THR D 202 -4.09 27.71 -17.32
C THR D 202 -5.32 27.42 -18.17
N ASP D 203 -5.15 27.46 -19.48
CA ASP D 203 -6.21 27.21 -20.46
C ASP D 203 -7.30 28.28 -20.40
N PHE D 204 -7.09 29.38 -19.69
CA PHE D 204 -8.06 30.46 -19.69
C PHE D 204 -8.03 31.17 -21.05
N PRO D 205 -9.18 31.52 -21.61
CA PRO D 205 -9.19 32.15 -22.93
C PRO D 205 -8.28 33.36 -23.00
N ASP D 206 -7.39 33.37 -23.99
CA ASP D 206 -6.54 34.53 -24.26
C ASP D 206 -7.39 35.59 -24.94
N LEU D 207 -7.70 36.67 -24.22
CA LEU D 207 -8.64 37.65 -24.72
C LEU D 207 -8.11 38.48 -25.89
N ARG D 208 -6.84 38.30 -26.27
CA ARG D 208 -6.35 38.95 -27.48
C ARG D 208 -7.04 38.38 -28.73
N ASP D 209 -7.47 37.11 -28.66
CA ASP D 209 -8.17 36.47 -29.77
C ASP D 209 -9.52 37.12 -30.06
N TYR D 210 -10.03 37.95 -29.14
CA TYR D 210 -11.30 38.63 -29.33
C TYR D 210 -11.11 40.13 -29.57
N VAL D 211 -9.87 40.57 -29.75
CA VAL D 211 -9.54 41.96 -30.04
C VAL D 211 -9.00 42.04 -31.46
N SER D 212 -9.40 43.08 -32.19
CA SER D 212 -8.93 43.26 -33.56
C SER D 212 -7.46 43.64 -33.55
N VAL D 213 -6.62 42.77 -34.10
CA VAL D 213 -5.18 42.99 -34.16
C VAL D 213 -4.86 43.63 -35.50
N ASP D 214 -4.57 44.93 -35.49
CA ASP D 214 -4.20 45.67 -36.70
C ASP D 214 -5.37 45.71 -37.70
N GLY D 215 -6.52 46.17 -37.21
CA GLY D 215 -7.70 46.29 -38.04
C GLY D 215 -8.18 44.97 -38.60
N ALA D 216 -7.61 43.87 -38.12
CA ALA D 216 -7.95 42.55 -38.62
C ALA D 216 -9.10 41.95 -37.81
N GLU D 217 -9.89 41.11 -38.46
CA GLU D 217 -11.02 40.50 -37.79
C GLU D 217 -10.54 39.72 -36.57
N PRO D 218 -11.20 39.84 -35.42
CA PRO D 218 -10.79 39.06 -34.26
C PRO D 218 -10.77 37.57 -34.56
N LEU D 219 -9.80 36.87 -33.97
CA LEU D 219 -9.68 35.43 -34.20
C LEU D 219 -10.90 34.69 -33.67
N LYS D 220 -11.44 35.13 -32.53
CA LYS D 220 -12.61 34.53 -31.91
C LYS D 220 -13.61 35.61 -31.59
N GLU D 221 -14.88 35.22 -31.45
CA GLU D 221 -15.98 36.16 -31.34
C GLU D 221 -16.90 35.95 -30.15
N ASN D 222 -16.78 34.84 -29.43
CA ASN D 222 -17.70 34.51 -28.33
C ASN D 222 -16.92 34.45 -27.02
N ALA D 223 -16.55 35.64 -26.52
CA ALA D 223 -15.80 35.69 -25.27
C ALA D 223 -16.68 35.32 -24.07
N LEU D 224 -17.93 35.79 -24.06
CA LEU D 224 -18.82 35.47 -22.95
C LEU D 224 -19.03 33.96 -22.82
N ALA D 225 -19.28 33.29 -23.95
CA ALA D 225 -19.51 31.84 -23.91
C ALA D 225 -18.25 31.09 -23.55
N ASP D 226 -17.11 31.47 -24.14
CA ASP D 226 -15.86 30.75 -23.88
C ASP D 226 -15.42 30.89 -22.44
N ILE D 227 -15.67 32.05 -21.81
CA ILE D 227 -15.30 32.21 -20.41
C ILE D 227 -16.30 31.49 -19.51
N ARG D 228 -17.58 31.55 -19.83
CA ARG D 228 -18.57 30.81 -19.05
C ARG D 228 -18.31 29.31 -19.12
N ASN D 229 -17.90 28.82 -20.29
CA ASN D 229 -17.56 27.41 -20.42
C ASN D 229 -16.30 27.06 -19.65
N TRP D 230 -15.42 28.02 -19.41
CA TRP D 230 -14.20 27.73 -18.67
C TRP D 230 -14.47 27.54 -17.18
N PHE D 231 -15.33 28.38 -16.60
CA PHE D 231 -15.63 28.25 -15.18
C PHE D 231 -16.39 26.97 -14.88
N LEU D 232 -17.12 26.44 -15.86
CA LEU D 232 -17.93 25.24 -15.64
C LEU D 232 -17.12 23.96 -15.85
N ASN D 233 -16.32 23.90 -16.92
CA ASN D 233 -15.73 22.65 -17.37
C ASN D 233 -14.21 22.58 -17.27
N SER D 234 -13.54 23.67 -16.91
CA SER D 234 -12.10 23.63 -16.76
C SER D 234 -11.73 23.01 -15.42
N LYS D 235 -10.44 22.68 -15.27
CA LYS D 235 -9.96 22.03 -14.05
C LYS D 235 -9.75 23.02 -12.91
N GLN D 236 -9.60 24.31 -13.20
CA GLN D 236 -9.42 25.33 -12.18
C GLN D 236 -10.68 26.13 -11.90
N GLY D 237 -11.53 26.33 -12.92
CA GLY D 237 -12.75 27.08 -12.78
C GLY D 237 -13.56 26.70 -11.55
N PRO D 238 -13.90 25.42 -11.40
CA PRO D 238 -14.74 25.02 -10.25
C PRO D 238 -14.16 25.36 -8.89
N HIS D 239 -12.89 25.76 -8.81
CA HIS D 239 -12.27 26.12 -7.54
C HIS D 239 -12.31 27.61 -7.24
N LEU D 240 -12.69 28.44 -8.22
CA LEU D 240 -12.43 29.88 -8.16
C LEU D 240 -13.72 30.69 -8.14
N GLU D 241 -13.71 31.77 -7.37
CA GLU D 241 -14.82 32.72 -7.40
C GLU D 241 -14.86 33.48 -8.72
N GLY D 242 -13.71 33.73 -9.33
CA GLY D 242 -13.67 34.50 -10.55
C GLY D 242 -12.25 34.60 -11.07
N VAL D 243 -12.08 35.49 -12.04
CA VAL D 243 -10.79 35.70 -12.70
C VAL D 243 -10.49 37.20 -12.71
N VAL D 244 -9.23 37.54 -12.49
CA VAL D 244 -8.77 38.92 -12.54
C VAL D 244 -7.56 38.98 -13.47
N LEU D 245 -7.72 39.65 -14.60
CA LEU D 245 -6.59 39.86 -15.50
C LEU D 245 -5.65 40.89 -14.90
N HIS D 246 -4.36 40.57 -14.88
CA HIS D 246 -3.32 41.51 -14.46
C HIS D 246 -2.49 41.86 -15.69
N LEU D 247 -2.38 43.14 -15.99
CA LEU D 247 -1.69 43.63 -17.18
C LEU D 247 -0.43 44.40 -16.80
N ASP D 248 0.40 44.64 -17.81
CA ASP D 248 1.66 45.35 -17.59
C ASP D 248 1.45 46.83 -17.28
N ASN D 249 0.29 47.39 -17.60
CA ASN D 249 0.02 48.79 -17.35
C ASN D 249 -0.41 49.07 -15.92
N GLY D 250 -0.45 48.05 -15.06
CA GLY D 250 -1.07 48.18 -13.76
C GLY D 250 -2.57 48.02 -13.77
N GLU D 251 -3.20 47.92 -14.94
CA GLU D 251 -4.64 47.76 -15.03
C GLU D 251 -5.06 46.34 -14.68
N MET D 252 -6.29 46.22 -14.21
CA MET D 252 -6.89 44.92 -13.91
C MET D 252 -8.34 44.92 -14.40
N TYR D 253 -8.85 43.72 -14.65
CA TYR D 253 -10.24 43.55 -15.05
C TYR D 253 -10.71 42.21 -14.50
N LYS D 254 -11.91 42.21 -13.92
CA LYS D 254 -12.41 41.06 -13.17
C LYS D 254 -13.70 40.53 -13.79
N LEU D 255 -14.01 39.27 -13.44
CA LEU D 255 -15.30 38.66 -13.76
C LEU D 255 -15.69 37.75 -12.61
N HIS D 256 -16.62 38.24 -11.78
CA HIS D 256 -17.22 37.43 -10.73
C HIS D 256 -18.10 36.34 -11.34
N ARG D 257 -18.21 35.22 -10.62
CA ARG D 257 -19.07 34.14 -11.11
C ARG D 257 -20.48 34.64 -11.41
N HIS D 258 -20.93 35.68 -10.72
CA HIS D 258 -22.29 36.18 -10.91
C HIS D 258 -22.44 36.90 -12.24
N HIS D 259 -21.38 37.56 -12.72
CA HIS D 259 -21.43 38.12 -14.06
C HIS D 259 -21.66 37.06 -15.12
N LEU D 260 -21.37 35.79 -14.80
CA LEU D 260 -21.51 34.69 -15.75
C LEU D 260 -22.70 33.80 -15.41
N ASP D 261 -23.65 34.29 -14.61
CA ASP D 261 -24.86 33.56 -14.28
C ASP D 261 -24.51 32.18 -13.70
N LEU D 262 -23.67 32.18 -12.68
CA LEU D 262 -23.23 30.96 -12.02
C LEU D 262 -23.38 31.11 -10.51
N GLU D 263 -23.38 29.98 -9.83
CA GLU D 263 -23.48 29.94 -8.38
C GLU D 263 -22.10 30.07 -7.77
N TRP D 264 -22.03 30.71 -6.60
CA TRP D 264 -20.82 30.75 -5.79
C TRP D 264 -21.20 30.42 -4.35
N SER D 265 -20.56 29.40 -3.80
CA SER D 265 -20.87 28.90 -2.46
C SER D 265 -20.01 27.68 -2.20
N ALA D 266 -19.94 27.28 -0.92
CA ALA D 266 -19.13 26.12 -0.57
C ALA D 266 -19.62 24.86 -1.28
N LYS D 267 -20.93 24.76 -1.53
CA LYS D 267 -21.46 23.61 -2.25
C LYS D 267 -21.00 23.60 -3.69
N SER D 268 -20.94 24.78 -4.33
CA SER D 268 -20.57 24.89 -5.74
C SER D 268 -19.09 25.20 -5.94
N ALA D 269 -18.27 25.07 -4.90
CA ALA D 269 -16.86 25.37 -4.99
C ALA D 269 -16.04 24.20 -4.46
N ARG D 270 -15.08 23.74 -5.25
CA ARG D 270 -14.15 22.72 -4.80
C ARG D 270 -13.06 23.37 -3.95
N PRO D 271 -12.57 22.68 -2.91
CA PRO D 271 -11.62 23.32 -1.98
C PRO D 271 -10.41 23.88 -2.73
N LEU D 272 -10.05 25.12 -2.38
CA LEU D 272 -8.97 25.80 -3.08
C LEU D 272 -7.62 25.10 -2.87
N ASP D 273 -7.41 24.52 -1.69
CA ASP D 273 -6.13 23.91 -1.39
C ASP D 273 -5.84 22.66 -2.23
N GLN D 274 -6.83 22.13 -2.96
CA GLN D 274 -6.61 21.06 -3.91
C GLN D 274 -6.82 21.52 -5.35
N ILE D 275 -6.67 22.82 -5.61
CA ILE D 275 -6.76 23.32 -6.98
C ILE D 275 -5.54 22.87 -7.76
N PRO D 276 -5.69 22.26 -8.94
CA PRO D 276 -4.51 21.85 -9.71
C PRO D 276 -3.90 23.02 -10.46
N LEU D 277 -2.59 23.19 -10.31
CA LEU D 277 -1.88 24.29 -10.96
C LEU D 277 -0.97 23.75 -12.07
N LYS E 17 -33.29 5.73 -26.96
CA LYS E 17 -32.53 4.71 -26.26
C LYS E 17 -33.16 4.40 -24.90
N MET E 18 -33.30 5.43 -24.08
CA MET E 18 -33.74 5.29 -22.70
C MET E 18 -35.22 5.62 -22.57
N CYS E 19 -35.74 5.47 -21.35
CA CYS E 19 -37.16 5.62 -21.08
C CYS E 19 -37.50 7.06 -20.72
N GLU E 20 -38.80 7.32 -20.63
CA GLU E 20 -39.33 8.63 -20.26
C GLU E 20 -40.14 8.48 -18.98
N VAL E 21 -39.83 9.30 -17.98
CA VAL E 21 -40.50 9.22 -16.69
C VAL E 21 -41.89 9.85 -16.80
N HIS E 22 -42.89 9.05 -17.19
CA HIS E 22 -44.25 9.52 -17.34
C HIS E 22 -45.21 8.94 -16.32
N ASP E 23 -44.79 7.95 -15.54
CA ASP E 23 -45.62 7.33 -14.52
C ASP E 23 -44.78 7.15 -13.27
N LYS E 24 -45.29 6.34 -12.33
CA LYS E 24 -44.51 5.99 -11.16
C LYS E 24 -43.55 4.85 -11.48
N ILE E 25 -42.41 4.84 -10.80
CA ILE E 25 -41.36 3.86 -11.02
C ILE E 25 -41.33 2.94 -9.81
N SER E 26 -41.44 1.63 -10.05
CA SER E 26 -41.41 0.66 -8.97
C SER E 26 -39.99 0.55 -8.39
N ALA E 27 -39.89 -0.15 -7.27
CA ALA E 27 -38.61 -0.37 -6.63
C ALA E 27 -37.98 -1.67 -7.15
N ILE E 28 -36.65 -1.68 -7.19
CA ILE E 28 -35.94 -2.88 -7.64
C ILE E 28 -36.16 -4.02 -6.66
N LEU E 29 -36.22 -3.71 -5.36
CA LEU E 29 -36.37 -4.71 -4.31
C LEU E 29 -37.62 -4.41 -3.50
N VAL E 30 -38.36 -5.48 -3.17
CA VAL E 30 -39.54 -5.32 -2.34
C VAL E 30 -39.13 -4.71 -1.01
N CYS E 31 -39.71 -3.55 -0.69
CA CYS E 31 -39.35 -2.80 0.51
C CYS E 31 -40.60 -2.47 1.31
N ALA E 32 -40.50 -2.63 2.63
CA ALA E 32 -41.55 -2.21 3.54
C ALA E 32 -41.30 -0.77 3.97
N HIS E 33 -42.37 0.02 4.03
CA HIS E 33 -42.28 1.43 4.37
C HIS E 33 -42.87 1.62 5.76
N VAL E 34 -42.00 1.77 6.76
CA VAL E 34 -42.44 1.94 8.13
C VAL E 34 -42.78 3.41 8.39
N LYS E 48 -39.59 5.79 7.00
CA LYS E 48 -38.40 4.99 6.76
C LYS E 48 -38.76 3.68 6.06
N TYR E 49 -37.77 3.10 5.39
CA TYR E 49 -37.94 1.86 4.63
C TYR E 49 -37.22 0.72 5.32
N LEU E 50 -37.82 -0.47 5.22
CA LEU E 50 -37.22 -1.73 5.65
C LEU E 50 -37.11 -2.60 4.40
N ALA E 51 -36.11 -2.32 3.57
CA ALA E 51 -35.94 -3.06 2.34
C ALA E 51 -35.70 -4.54 2.64
N THR E 52 -35.78 -5.36 1.60
CA THR E 52 -35.53 -6.79 1.69
C THR E 52 -34.59 -7.20 0.57
N ASN E 53 -34.31 -8.50 0.50
CA ASN E 53 -33.52 -9.07 -0.58
C ASN E 53 -34.45 -9.85 -1.50
N CYS E 54 -35.40 -9.16 -2.11
CA CYS E 54 -36.44 -9.79 -2.91
C CYS E 54 -36.76 -8.89 -4.10
N LEU E 55 -36.32 -9.30 -5.29
CA LEU E 55 -36.54 -8.50 -6.49
C LEU E 55 -38.03 -8.30 -6.72
N ASN E 56 -38.33 -7.29 -7.53
CA ASN E 56 -39.72 -7.00 -7.88
C ASN E 56 -40.23 -8.09 -8.82
N PRO E 57 -41.43 -8.64 -8.60
CA PRO E 57 -41.95 -9.67 -9.52
C PRO E 57 -41.94 -9.22 -10.98
N GLY E 58 -42.38 -8.00 -11.26
CA GLY E 58 -42.35 -7.50 -12.63
C GLY E 58 -40.95 -7.50 -13.21
N LEU E 59 -39.97 -7.11 -12.40
CA LEU E 59 -38.59 -7.09 -12.88
C LEU E 59 -38.09 -8.51 -13.16
N ILE E 60 -38.51 -9.49 -12.37
CA ILE E 60 -38.12 -10.86 -12.63
C ILE E 60 -38.75 -11.36 -13.92
N SER E 61 -40.01 -10.98 -14.17
CA SER E 61 -40.67 -11.40 -15.41
C SER E 61 -39.99 -10.81 -16.63
N ALA E 62 -39.70 -9.51 -16.60
CA ALA E 62 -39.07 -8.86 -17.74
C ALA E 62 -37.70 -9.46 -18.03
N ILE E 63 -36.90 -9.70 -16.99
CA ILE E 63 -35.58 -10.30 -17.18
C ILE E 63 -35.74 -11.68 -17.82
N GLN E 64 -36.69 -12.47 -17.33
CA GLN E 64 -36.93 -13.80 -17.88
C GLN E 64 -37.49 -13.73 -19.30
N ALA E 65 -38.11 -12.61 -19.68
CA ALA E 65 -38.55 -12.43 -21.05
C ALA E 65 -37.41 -11.99 -21.97
N GLY E 66 -36.30 -11.51 -21.40
CA GLY E 66 -35.14 -11.13 -22.19
C GLY E 66 -35.04 -9.65 -22.46
N ALA E 67 -35.22 -8.83 -21.42
CA ALA E 67 -35.14 -7.39 -21.55
C ALA E 67 -33.76 -6.92 -21.10
N ARG E 68 -33.11 -6.11 -21.95
CA ARG E 68 -31.81 -5.55 -21.59
C ARG E 68 -31.98 -4.53 -20.48
N VAL E 69 -31.38 -4.80 -19.33
CA VAL E 69 -31.46 -3.90 -18.18
C VAL E 69 -30.25 -2.99 -18.20
N VAL E 70 -30.46 -1.72 -18.48
CA VAL E 70 -29.41 -0.71 -18.48
C VAL E 70 -29.45 0.00 -17.13
N PRO E 71 -28.48 -0.22 -16.24
CA PRO E 71 -28.47 0.52 -14.97
C PRO E 71 -28.03 1.95 -15.20
N THR E 72 -28.89 2.90 -14.85
CA THR E 72 -28.59 4.32 -15.00
C THR E 72 -28.56 4.99 -13.64
N ALA E 73 -28.00 6.20 -13.61
CA ALA E 73 -27.86 6.95 -12.36
C ALA E 73 -29.13 7.72 -12.05
N LYS E 74 -29.39 7.93 -10.78
CA LYS E 74 -30.52 8.73 -10.31
C LYS E 74 -29.99 10.01 -9.67
N THR E 75 -30.52 11.15 -10.12
CA THR E 75 -30.09 12.45 -9.64
C THR E 75 -31.25 13.15 -8.95
N ASP E 76 -30.93 13.85 -7.86
CA ASP E 76 -31.93 14.52 -7.02
C ASP E 76 -32.22 15.91 -7.57
N GLY E 77 -33.42 16.11 -8.10
CA GLY E 77 -33.84 17.40 -8.61
C GLY E 77 -35.35 17.54 -8.65
N THR E 78 -35.89 17.95 -9.80
CA THR E 78 -37.32 18.04 -10.00
C THR E 78 -37.64 17.54 -11.40
N CYS E 79 -38.70 16.74 -11.51
CA CYS E 79 -39.03 16.10 -12.78
C CYS E 79 -39.65 17.11 -13.74
N CYS E 80 -39.02 17.29 -14.90
CA CYS E 80 -39.52 18.15 -15.96
C CYS E 80 -39.41 17.41 -17.29
N ARG E 81 -39.90 18.05 -18.35
CA ARG E 81 -39.74 17.54 -19.69
C ARG E 81 -39.71 18.73 -20.65
N VAL E 82 -39.20 18.48 -21.85
CA VAL E 82 -39.17 19.48 -22.92
C VAL E 82 -40.25 19.11 -23.92
N PHE E 83 -41.34 19.88 -23.91
CA PHE E 83 -42.46 19.68 -24.82
C PHE E 83 -42.49 20.83 -25.82
N ASN E 84 -42.71 20.50 -27.10
CA ASN E 84 -42.52 21.47 -28.17
C ASN E 84 -41.17 22.15 -28.01
N GLY E 85 -41.16 23.39 -27.55
CA GLY E 85 -39.93 24.11 -27.32
C GLY E 85 -39.93 24.84 -25.99
N LYS E 86 -40.57 24.24 -24.99
CA LYS E 86 -40.72 24.85 -23.68
C LYS E 86 -40.48 23.81 -22.61
N ILE E 87 -39.91 24.26 -21.48
CA ILE E 87 -39.77 23.39 -20.33
C ILE E 87 -41.14 23.18 -19.69
N GLN E 88 -41.44 21.93 -19.35
CA GLN E 88 -42.68 21.57 -18.69
C GLN E 88 -42.37 20.92 -17.36
N LYS E 89 -43.04 21.37 -16.30
CA LYS E 89 -42.86 20.82 -14.97
C LYS E 89 -43.91 19.76 -14.70
N ARG E 90 -43.50 18.67 -14.05
CA ARG E 90 -44.42 17.61 -13.68
C ARG E 90 -45.19 18.01 -12.43
N ARG E 91 -46.50 17.80 -12.46
CA ARG E 91 -47.35 18.02 -11.31
C ARG E 91 -48.34 16.87 -11.21
N ASP E 92 -48.38 16.22 -10.04
CA ASP E 92 -49.29 15.12 -9.79
C ASP E 92 -50.60 15.67 -9.25
N ILE E 93 -51.67 15.54 -10.04
CA ILE E 93 -52.98 16.03 -9.67
C ILE E 93 -53.72 14.95 -8.90
N LYS E 94 -54.65 15.37 -8.05
CA LYS E 94 -55.44 14.45 -7.23
C LYS E 94 -56.93 14.68 -7.45
N VAL E 99 -58.60 20.30 -14.12
CA VAL E 99 -57.15 20.19 -14.08
C VAL E 99 -56.52 21.54 -14.43
N PRO E 100 -55.24 21.72 -14.07
CA PRO E 100 -54.57 22.99 -14.38
C PRO E 100 -54.57 23.27 -15.87
N GLU E 101 -54.83 24.53 -16.23
CA GLU E 101 -54.86 24.92 -17.63
C GLU E 101 -53.53 24.61 -18.29
N GLY E 102 -53.55 23.74 -19.29
CA GLY E 102 -52.34 23.29 -19.95
C GLY E 102 -51.78 21.98 -19.45
N TRP E 103 -52.56 21.21 -18.67
CA TRP E 103 -52.10 19.95 -18.12
C TRP E 103 -52.33 18.83 -19.12
N ILE E 104 -51.38 17.89 -19.18
CA ILE E 104 -51.43 16.76 -20.10
C ILE E 104 -51.13 15.52 -19.28
N GLN E 105 -52.15 14.68 -19.05
CA GLN E 105 -51.96 13.47 -18.27
C GLN E 105 -50.98 12.53 -18.97
N THR E 106 -50.16 11.85 -18.18
CA THR E 106 -49.21 10.88 -18.70
C THR E 106 -49.17 9.56 -17.93
N GLY E 107 -49.56 9.55 -16.65
CA GLY E 107 -49.53 8.32 -15.87
C GLY E 107 -50.36 8.43 -14.60
N GLY E 113 -52.24 7.31 -4.68
CA GLY E 113 -53.51 7.66 -5.30
C GLY E 113 -53.53 9.09 -5.82
N HIS E 114 -53.09 9.26 -7.06
CA HIS E 114 -53.01 10.59 -7.66
C HIS E 114 -52.64 10.47 -9.13
N LEU E 115 -53.12 11.42 -9.93
CA LEU E 115 -52.76 11.47 -11.34
C LEU E 115 -51.35 12.04 -11.50
N ILE E 116 -50.77 11.79 -12.68
CA ILE E 116 -49.46 12.32 -13.03
C ILE E 116 -49.57 13.01 -14.39
N GLY E 117 -48.80 14.08 -14.55
CA GLY E 117 -48.83 14.81 -15.80
C GLY E 117 -47.77 15.90 -15.83
N PHE E 118 -47.90 16.76 -16.84
CA PHE E 118 -46.94 17.84 -17.06
C PHE E 118 -47.67 19.11 -17.45
N MET E 119 -47.21 20.24 -16.90
CA MET E 119 -47.73 21.56 -17.20
C MET E 119 -46.69 22.40 -17.91
N ASP E 120 -47.10 23.59 -18.33
CA ASP E 120 -46.16 24.62 -18.76
C ASP E 120 -45.80 25.49 -17.57
N LEU E 121 -44.55 25.93 -17.53
CA LEU E 121 -44.08 26.73 -16.39
C LEU E 121 -44.95 27.97 -16.23
N GLU E 122 -45.08 28.42 -14.99
CA GLU E 122 -45.88 29.58 -14.62
C GLU E 122 -44.96 30.75 -14.28
N LYS E 123 -45.55 31.94 -14.15
CA LYS E 123 -44.77 33.15 -13.94
C LYS E 123 -43.83 33.02 -12.74
N GLY E 124 -44.32 32.44 -11.66
CA GLY E 124 -43.55 32.35 -10.43
C GLY E 124 -42.45 31.31 -10.41
N ASP E 125 -42.27 30.56 -11.49
CA ASP E 125 -41.24 29.52 -11.55
C ASP E 125 -39.89 30.12 -11.95
N LYS E 126 -39.38 30.99 -11.07
CA LYS E 126 -38.13 31.68 -11.34
C LYS E 126 -37.00 30.70 -11.66
N TRP E 127 -36.87 29.67 -10.82
CA TRP E 127 -35.72 28.77 -10.93
C TRP E 127 -35.90 27.70 -12.00
N HIS E 128 -37.12 27.49 -12.49
CA HIS E 128 -37.30 26.65 -13.66
C HIS E 128 -36.85 27.37 -14.92
N TYR E 129 -37.07 28.69 -14.98
CA TYR E 129 -36.59 29.49 -16.10
C TYR E 129 -35.11 29.80 -16.01
N ASP E 130 -34.50 29.67 -14.83
CA ASP E 130 -33.11 30.05 -14.67
C ASP E 130 -32.18 29.12 -15.46
N CYS E 131 -32.59 27.88 -15.69
CA CYS E 131 -31.75 26.97 -16.46
C CYS E 131 -31.66 27.37 -17.92
N HIS E 132 -32.51 28.29 -18.38
CA HIS E 132 -32.34 28.87 -19.71
C HIS E 132 -31.10 29.77 -19.73
N VAL E 133 -30.50 29.88 -20.92
CA VAL E 133 -29.42 30.83 -21.11
C VAL E 133 -30.01 32.23 -21.10
N LYS E 134 -29.33 33.16 -20.42
CA LYS E 134 -29.86 34.50 -20.24
C LYS E 134 -29.57 35.37 -21.46
N ASP E 135 -30.53 36.23 -21.80
CA ASP E 135 -30.37 37.21 -22.86
C ASP E 135 -30.99 38.52 -22.38
N PRO E 136 -30.19 39.42 -21.80
CA PRO E 136 -30.78 40.64 -21.23
C PRO E 136 -31.51 41.50 -22.24
N SER E 137 -31.12 41.43 -23.52
CA SER E 137 -31.74 42.26 -24.55
C SER E 137 -33.11 41.75 -24.97
N SER E 138 -33.59 40.65 -24.39
CA SER E 138 -34.90 40.10 -24.71
C SER E 138 -35.93 40.56 -23.69
N PRO E 139 -37.22 40.54 -24.05
CA PRO E 139 -38.24 40.94 -23.07
C PRO E 139 -38.28 40.04 -21.84
N SER E 140 -38.03 38.75 -22.01
CA SER E 140 -38.03 37.82 -20.88
C SER E 140 -36.72 37.87 -20.11
N GLY E 141 -35.67 38.42 -20.69
CA GLY E 141 -34.34 38.28 -20.13
C GLY E 141 -33.69 36.94 -20.36
N LEU E 142 -34.40 36.02 -21.03
CA LEU E 142 -33.91 34.67 -21.29
C LEU E 142 -33.79 34.44 -22.80
N ASP E 143 -32.93 33.50 -23.15
CA ASP E 143 -32.87 32.98 -24.51
C ASP E 143 -33.80 31.77 -24.55
N ILE E 144 -34.99 31.95 -25.12
CA ILE E 144 -36.07 30.98 -25.02
C ILE E 144 -35.80 29.76 -25.89
N ASN E 145 -34.67 29.75 -26.60
CA ASN E 145 -34.33 28.65 -27.50
C ASN E 145 -33.06 27.92 -27.07
N LYS E 146 -32.54 28.17 -25.88
CA LYS E 146 -31.34 27.50 -25.41
C LYS E 146 -31.39 27.33 -23.90
N VAL E 147 -30.99 26.15 -23.44
CA VAL E 147 -31.00 25.82 -22.02
C VAL E 147 -29.67 25.16 -21.67
N LEU E 148 -29.15 25.47 -20.49
CA LEU E 148 -27.95 24.81 -20.00
C LEU E 148 -28.29 23.40 -19.55
N CYS E 149 -27.57 22.42 -20.09
CA CYS E 149 -27.77 21.03 -19.72
C CYS E 149 -26.44 20.42 -19.32
N ILE E 150 -26.51 19.35 -18.52
CA ILE E 150 -25.34 18.59 -18.10
C ILE E 150 -25.43 17.21 -18.75
N THR E 151 -24.42 16.88 -19.55
CA THR E 151 -24.42 15.66 -20.32
C THR E 151 -23.00 15.12 -20.40
N THR E 152 -22.87 13.88 -20.85
CA THR E 152 -21.56 13.30 -21.09
C THR E 152 -20.84 14.08 -22.18
N ASN E 153 -19.51 14.09 -22.10
CA ASN E 153 -18.69 14.83 -23.05
C ASN E 153 -18.46 13.96 -24.29
N LYS E 154 -17.57 14.43 -25.18
CA LYS E 154 -17.27 13.68 -26.40
C LYS E 154 -16.93 12.23 -26.10
N ALA E 155 -15.91 12.02 -25.26
CA ALA E 155 -15.59 10.68 -24.76
C ALA E 155 -16.37 10.41 -23.49
N GLY E 156 -17.01 9.25 -23.42
CA GLY E 156 -17.77 8.89 -22.24
C GLY E 156 -16.90 8.69 -21.03
N ASP E 157 -16.37 9.78 -20.47
CA ASP E 157 -15.49 9.69 -19.31
C ASP E 157 -15.74 10.76 -18.26
N ALA E 158 -16.60 11.75 -18.52
CA ALA E 158 -16.87 12.80 -17.55
C ALA E 158 -18.09 13.59 -17.99
N LEU E 159 -18.76 14.20 -17.01
CA LEU E 159 -19.88 15.08 -17.29
C LEU E 159 -19.40 16.49 -17.54
N VAL E 160 -20.14 17.22 -18.38
CA VAL E 160 -19.79 18.59 -18.74
C VAL E 160 -21.07 19.43 -18.77
N TYR E 161 -20.92 20.71 -18.49
CA TYR E 161 -22.00 21.66 -18.69
C TYR E 161 -21.99 22.11 -20.15
N GLU E 162 -23.17 22.15 -20.77
CA GLU E 162 -23.28 22.42 -22.19
C GLU E 162 -24.52 23.25 -22.46
N GLU E 163 -24.36 24.35 -23.19
CA GLU E 163 -25.50 25.14 -23.67
C GLU E 163 -25.99 24.51 -24.96
N VAL E 164 -27.20 23.97 -24.95
CA VAL E 164 -27.76 23.24 -26.09
C VAL E 164 -29.07 23.87 -26.50
N ASN E 165 -29.41 23.70 -27.77
CA ASN E 165 -30.70 24.16 -28.27
C ASN E 165 -31.80 23.32 -27.63
N ILE E 166 -32.80 23.99 -27.06
CA ILE E 166 -33.85 23.29 -26.33
C ILE E 166 -34.57 22.28 -27.20
N ALA E 167 -34.56 22.48 -28.53
CA ALA E 167 -35.20 21.52 -29.42
C ALA E 167 -34.50 20.17 -29.40
N ASP E 168 -33.21 20.13 -29.06
CA ASP E 168 -32.50 18.86 -28.99
C ASP E 168 -33.14 17.92 -27.98
N LEU E 169 -33.70 18.46 -26.90
CA LEU E 169 -34.33 17.67 -25.85
C LEU E 169 -35.82 17.51 -26.04
N ASN E 170 -36.38 18.05 -27.12
CA ASN E 170 -37.82 17.96 -27.34
C ASN E 170 -38.28 16.52 -27.36
N GLY E 171 -39.25 16.20 -26.52
CA GLY E 171 -39.81 14.86 -26.46
C GLY E 171 -39.14 13.93 -25.47
N HIS E 172 -38.43 14.46 -24.49
CA HIS E 172 -37.74 13.64 -23.50
C HIS E 172 -37.93 14.24 -22.11
N THR E 173 -37.93 13.38 -21.10
CA THR E 173 -38.03 13.81 -19.72
C THR E 173 -36.64 14.08 -19.15
N VAL E 174 -36.52 15.17 -18.40
CA VAL E 174 -35.24 15.62 -17.86
C VAL E 174 -35.39 15.87 -16.36
N GLU E 175 -34.24 15.96 -15.69
CA GLU E 175 -34.18 16.26 -14.26
C GLU E 175 -33.54 17.64 -14.10
N LEU E 176 -34.35 18.62 -13.74
CA LEU E 176 -33.84 19.96 -13.46
C LEU E 176 -33.21 19.99 -12.07
N MET E 177 -31.96 20.44 -12.01
CA MET E 177 -31.18 20.42 -10.77
C MET E 177 -30.46 21.75 -10.63
N GLY E 178 -29.91 21.98 -9.44
CA GLY E 178 -29.09 23.15 -9.22
C GLY E 178 -29.12 23.69 -7.81
N PRO E 179 -28.63 24.93 -7.65
CA PRO E 179 -28.51 25.50 -6.29
C PRO E 179 -29.82 25.57 -5.54
N LYS E 180 -30.94 25.84 -6.22
CA LYS E 180 -32.20 26.11 -5.56
C LYS E 180 -33.15 24.90 -5.59
N PHE E 181 -32.63 23.70 -5.76
CA PHE E 181 -33.43 22.48 -5.76
C PHE E 181 -32.84 21.48 -4.79
N GLN E 182 -33.61 21.11 -3.77
CA GLN E 182 -33.20 20.13 -2.76
C GLN E 182 -31.89 20.52 -2.09
N SER E 183 -31.59 21.82 -2.04
CA SER E 183 -30.37 22.34 -1.44
C SER E 183 -29.12 21.92 -2.21
N ASN E 184 -29.27 21.51 -3.47
CA ASN E 184 -28.15 21.24 -4.35
C ASN E 184 -27.24 20.17 -3.77
N PRO E 185 -27.73 18.93 -3.63
CA PRO E 185 -26.86 17.86 -3.10
C PRO E 185 -25.75 17.47 -4.06
N HIS E 186 -25.87 17.79 -5.35
CA HIS E 186 -24.87 17.47 -6.34
C HIS E 186 -23.78 18.54 -6.45
N GLY E 187 -23.88 19.63 -5.72
CA GLY E 187 -22.90 20.70 -5.83
C GLY E 187 -22.81 21.29 -7.21
N LEU E 188 -23.93 21.39 -7.92
CA LEU E 188 -23.92 21.96 -9.26
C LEU E 188 -23.66 23.47 -9.18
N LYS E 189 -22.97 23.98 -10.21
CA LYS E 189 -22.57 25.38 -10.27
C LYS E 189 -23.56 26.23 -11.06
N ALA E 190 -24.72 25.68 -11.43
CA ALA E 190 -25.71 26.40 -12.21
C ALA E 190 -26.92 25.50 -12.49
N HIS E 191 -28.11 26.08 -12.58
CA HIS E 191 -29.29 25.29 -12.87
C HIS E 191 -29.19 24.70 -14.27
N CYS E 192 -29.48 23.41 -14.39
CA CYS E 192 -29.28 22.70 -15.64
C CYS E 192 -30.24 21.52 -15.72
N LEU E 193 -30.47 21.08 -16.95
CA LEU E 193 -31.33 19.94 -17.24
C LEU E 193 -30.48 18.72 -17.58
N MET E 194 -30.92 17.54 -17.15
CA MET E 194 -30.23 16.30 -17.44
C MET E 194 -31.23 15.29 -17.99
N ARG E 195 -30.96 14.80 -19.19
CA ARG E 195 -31.78 13.73 -19.76
C ARG E 195 -31.76 12.50 -18.85
N HIS E 196 -32.95 12.02 -18.50
CA HIS E 196 -33.04 10.82 -17.67
C HIS E 196 -32.38 9.65 -18.38
N GLY E 197 -31.47 8.98 -17.67
CA GLY E 197 -30.74 7.86 -18.22
C GLY E 197 -29.44 8.23 -18.91
N THR E 198 -29.00 9.48 -18.80
CA THR E 198 -27.77 9.90 -19.46
C THR E 198 -26.57 9.12 -18.93
N VAL E 199 -26.39 9.12 -17.61
CA VAL E 199 -25.23 8.49 -16.99
C VAL E 199 -25.48 7.00 -16.83
N LYS E 200 -24.70 6.19 -17.54
CA LYS E 200 -24.79 4.73 -17.45
C LYS E 200 -23.85 4.24 -16.34
N LEU E 201 -24.38 3.43 -15.43
CA LEU E 201 -23.59 2.92 -14.32
C LEU E 201 -22.66 1.81 -14.78
N THR E 202 -21.41 1.87 -14.32
CA THR E 202 -20.42 0.86 -14.60
C THR E 202 -20.20 0.01 -13.36
N ASP E 203 -20.05 -1.30 -13.55
CA ASP E 203 -19.80 -2.25 -12.47
C ASP E 203 -20.99 -2.35 -11.51
N PHE E 204 -22.20 -2.09 -12.01
CA PHE E 204 -23.38 -2.28 -11.18
C PHE E 204 -23.78 -3.75 -11.17
N PRO E 205 -24.30 -4.27 -10.04
CA PRO E 205 -24.70 -5.68 -10.00
C PRO E 205 -25.64 -6.08 -11.12
N ASP E 206 -25.23 -7.05 -11.93
CA ASP E 206 -26.08 -7.60 -12.97
C ASP E 206 -27.21 -8.38 -12.30
N LEU E 207 -28.39 -7.77 -12.20
CA LEU E 207 -29.51 -8.42 -11.55
C LEU E 207 -29.97 -9.68 -12.27
N ARG E 208 -29.50 -9.91 -13.50
CA ARG E 208 -29.77 -11.18 -14.17
C ARG E 208 -29.14 -12.35 -13.41
N ASP E 209 -28.18 -12.09 -12.53
CA ASP E 209 -27.53 -13.11 -11.73
C ASP E 209 -28.25 -13.38 -10.42
N TYR E 210 -29.33 -12.65 -10.12
CA TYR E 210 -30.15 -12.87 -8.94
C TYR E 210 -31.50 -13.47 -9.29
N VAL E 211 -31.71 -13.83 -10.56
CA VAL E 211 -32.96 -14.43 -11.03
C VAL E 211 -32.64 -15.84 -11.53
N SER E 212 -33.54 -16.77 -11.28
CA SER E 212 -33.37 -18.15 -11.71
C SER E 212 -33.59 -18.27 -13.22
N GLY E 215 -35.22 -21.68 -15.98
CA GLY E 215 -34.19 -21.79 -14.96
C GLY E 215 -34.77 -22.06 -13.59
N ALA E 216 -33.97 -22.70 -12.73
CA ALA E 216 -34.40 -23.03 -11.39
C ALA E 216 -33.20 -23.04 -10.44
N GLU E 217 -32.38 -21.98 -10.51
CA GLU E 217 -31.22 -21.85 -9.65
C GLU E 217 -30.63 -20.45 -9.75
N PRO E 218 -30.34 -19.77 -8.63
CA PRO E 218 -29.79 -18.41 -8.71
C PRO E 218 -28.28 -18.36 -8.58
N LEU E 219 -27.62 -17.67 -9.51
CA LEU E 219 -26.16 -17.53 -9.44
C LEU E 219 -25.75 -16.78 -8.18
N LYS E 220 -26.30 -15.59 -7.98
CA LYS E 220 -26.08 -14.80 -6.78
C LYS E 220 -27.37 -14.70 -5.98
N GLU E 221 -27.24 -14.62 -4.66
CA GLU E 221 -28.39 -14.70 -3.76
C GLU E 221 -28.28 -13.64 -2.66
N ASN E 222 -28.00 -12.40 -3.05
CA ASN E 222 -27.90 -11.33 -2.07
C ASN E 222 -27.92 -9.97 -2.76
N ALA E 223 -29.10 -9.54 -3.21
CA ALA E 223 -29.19 -8.30 -3.98
C ALA E 223 -29.08 -7.07 -3.08
N LEU E 224 -29.65 -7.12 -1.87
CA LEU E 224 -29.67 -5.96 -1.00
C LEU E 224 -28.26 -5.55 -0.59
N ALA E 225 -27.52 -6.48 0.01
CA ALA E 225 -26.18 -6.15 0.49
C ALA E 225 -25.25 -5.74 -0.64
N ASP E 226 -25.37 -6.39 -1.79
CA ASP E 226 -24.48 -6.08 -2.90
C ASP E 226 -24.79 -4.71 -3.51
N ILE E 227 -26.08 -4.41 -3.70
CA ILE E 227 -26.45 -3.09 -4.21
C ILE E 227 -26.08 -2.02 -3.19
N ARG E 228 -26.22 -2.32 -1.90
CA ARG E 228 -25.79 -1.39 -0.86
C ARG E 228 -24.29 -1.19 -0.90
N ASN E 229 -23.53 -2.28 -1.02
CA ASN E 229 -22.08 -2.17 -1.08
C ASN E 229 -21.64 -1.31 -2.25
N TRP E 230 -22.28 -1.47 -3.41
CA TRP E 230 -21.92 -0.67 -4.57
C TRP E 230 -22.02 0.81 -4.27
N PHE E 231 -23.13 1.24 -3.66
CA PHE E 231 -23.28 2.65 -3.33
C PHE E 231 -22.26 3.09 -2.28
N LEU E 232 -21.94 2.21 -1.32
CA LEU E 232 -21.04 2.59 -0.25
C LEU E 232 -19.59 2.65 -0.69
N ASN E 233 -19.21 1.90 -1.73
CA ASN E 233 -17.79 1.77 -2.06
C ASN E 233 -17.45 1.79 -3.54
N SER E 234 -18.42 1.77 -4.45
CA SER E 234 -18.10 1.89 -5.86
C SER E 234 -17.60 3.30 -6.17
N LYS E 235 -17.04 3.46 -7.37
CA LYS E 235 -16.50 4.76 -7.75
C LYS E 235 -17.58 5.77 -8.09
N GLN E 236 -18.78 5.32 -8.46
CA GLN E 236 -19.87 6.21 -8.85
C GLN E 236 -20.91 6.38 -7.75
N GLY E 237 -21.22 5.31 -7.03
CA GLY E 237 -22.21 5.32 -5.98
C GLY E 237 -22.23 6.59 -5.16
N PRO E 238 -21.09 6.98 -4.59
CA PRO E 238 -21.07 8.19 -3.75
C PRO E 238 -21.54 9.45 -4.45
N HIS E 239 -21.56 9.48 -5.78
CA HIS E 239 -22.01 10.66 -6.52
C HIS E 239 -23.50 10.64 -6.82
N LEU E 240 -24.22 9.57 -6.47
CA LEU E 240 -25.56 9.34 -6.95
C LEU E 240 -26.57 9.26 -5.82
N GLU E 241 -27.77 9.78 -6.08
CA GLU E 241 -28.89 9.61 -5.15
C GLU E 241 -29.42 8.18 -5.17
N GLY E 242 -29.32 7.51 -6.32
CA GLY E 242 -29.84 6.16 -6.42
C GLY E 242 -29.59 5.61 -7.80
N VAL E 243 -30.33 4.55 -8.14
CA VAL E 243 -30.19 3.87 -9.42
C VAL E 243 -31.58 3.65 -10.00
N VAL E 244 -31.70 3.83 -11.32
CA VAL E 244 -32.94 3.51 -12.03
C VAL E 244 -32.57 2.58 -13.19
N LEU E 245 -33.23 1.42 -13.23
CA LEU E 245 -32.99 0.44 -14.28
C LEU E 245 -33.89 0.76 -15.46
N HIS E 246 -33.30 1.07 -16.61
CA HIS E 246 -34.03 1.34 -17.83
C HIS E 246 -34.03 0.07 -18.69
N LEU E 247 -35.20 -0.54 -18.83
CA LEU E 247 -35.34 -1.77 -19.58
C LEU E 247 -35.71 -1.51 -21.02
N ASP E 248 -35.53 -2.54 -21.85
CA ASP E 248 -35.81 -2.40 -23.28
C ASP E 248 -37.29 -2.19 -23.55
N ASN E 249 -38.16 -2.72 -22.68
CA ASN E 249 -39.60 -2.65 -22.88
C ASN E 249 -40.23 -1.43 -22.21
N GLY E 250 -39.48 -0.35 -22.03
CA GLY E 250 -40.00 0.87 -21.47
C GLY E 250 -40.29 0.84 -19.99
N GLU E 251 -39.95 -0.25 -19.29
CA GLU E 251 -40.16 -0.35 -17.85
C GLU E 251 -38.97 0.23 -17.09
N MET E 252 -39.22 0.58 -15.84
CA MET E 252 -38.20 1.16 -14.97
C MET E 252 -38.34 0.61 -13.56
N TYR E 253 -37.21 0.57 -12.85
CA TYR E 253 -37.16 0.12 -11.46
C TYR E 253 -36.07 0.91 -10.75
N LYS E 254 -36.39 1.44 -9.58
CA LYS E 254 -35.53 2.40 -8.90
C LYS E 254 -35.08 1.88 -7.55
N LEU E 255 -34.11 2.60 -6.96
CA LEU E 255 -33.69 2.35 -5.58
C LEU E 255 -33.00 3.60 -5.06
N HIS E 256 -33.68 4.33 -4.19
CA HIS E 256 -33.10 5.50 -3.53
C HIS E 256 -32.15 5.05 -2.43
N ARG E 257 -31.28 5.99 -2.00
CA ARG E 257 -30.37 5.70 -0.91
C ARG E 257 -31.10 5.37 0.39
N HIS E 258 -32.35 5.81 0.53
CA HIS E 258 -33.11 5.54 1.74
C HIS E 258 -33.58 4.10 1.78
N HIS E 259 -33.94 3.53 0.63
CA HIS E 259 -34.22 2.10 0.57
C HIS E 259 -33.05 1.30 1.13
N LEU E 260 -31.83 1.67 0.76
CA LEU E 260 -30.62 0.98 1.18
C LEU E 260 -30.10 1.48 2.52
N ASP E 261 -30.91 2.21 3.28
CA ASP E 261 -30.53 2.69 4.61
C ASP E 261 -29.26 3.51 4.56
N LEU E 262 -29.20 4.43 3.60
CA LEU E 262 -28.05 5.29 3.40
C LEU E 262 -28.46 6.76 3.49
N GLU E 263 -27.47 7.61 3.72
CA GLU E 263 -27.68 9.06 3.78
C GLU E 263 -27.55 9.65 2.39
N TRP E 264 -28.40 10.64 2.10
CA TRP E 264 -28.28 11.45 0.89
C TRP E 264 -28.30 12.91 1.29
N SER E 265 -27.20 13.60 1.02
CA SER E 265 -27.03 14.99 1.41
C SER E 265 -25.75 15.52 0.77
N ALA E 266 -25.60 16.84 0.79
CA ALA E 266 -24.39 17.45 0.24
C ALA E 266 -23.14 16.92 0.93
N LYS E 267 -23.21 16.68 2.24
CA LYS E 267 -22.04 16.20 2.97
C LYS E 267 -21.71 14.75 2.61
N SER E 268 -22.73 13.93 2.32
CA SER E 268 -22.52 12.53 1.99
C SER E 268 -22.46 12.29 0.49
N ALA E 269 -22.45 13.34 -0.32
CA ALA E 269 -22.45 13.23 -1.77
C ALA E 269 -21.21 13.90 -2.33
N ARG E 270 -20.54 13.22 -3.25
CA ARG E 270 -19.48 13.85 -4.02
C ARG E 270 -20.10 14.64 -5.18
N PRO E 271 -19.53 15.79 -5.55
CA PRO E 271 -20.14 16.59 -6.62
C PRO E 271 -20.38 15.76 -7.87
N LEU E 272 -21.56 15.95 -8.47
CA LEU E 272 -21.92 15.20 -9.67
C LEU E 272 -21.06 15.59 -10.86
N ASP E 273 -20.57 16.83 -10.90
CA ASP E 273 -19.78 17.28 -12.04
C ASP E 273 -18.41 16.63 -12.11
N GLN E 274 -17.99 15.90 -11.07
CA GLN E 274 -16.72 15.18 -11.09
C GLN E 274 -16.94 13.67 -10.94
N ILE E 275 -18.07 13.17 -11.43
CA ILE E 275 -18.36 11.74 -11.40
C ILE E 275 -17.57 11.06 -12.51
N PRO E 276 -16.83 9.98 -12.23
CA PRO E 276 -16.11 9.28 -13.31
C PRO E 276 -17.04 8.38 -14.10
N LEU E 277 -16.93 8.44 -15.42
CA LEU E 277 -17.74 7.61 -16.30
C LEU E 277 -16.87 6.58 -17.03
N LYS F 17 -3.09 -4.88 18.45
CA LYS F 17 -1.85 -4.13 18.53
C LYS F 17 -2.09 -2.71 19.03
N MET F 18 -3.26 -2.16 18.69
CA MET F 18 -3.61 -0.80 19.10
C MET F 18 -4.18 -0.80 20.52
N CYS F 19 -4.12 0.36 21.15
CA CYS F 19 -4.57 0.50 22.53
C CYS F 19 -6.07 0.75 22.57
N GLU F 20 -6.61 0.85 23.79
CA GLU F 20 -8.05 0.98 24.01
C GLU F 20 -8.31 2.27 24.77
N VAL F 21 -9.13 3.15 24.18
CA VAL F 21 -9.49 4.41 24.83
C VAL F 21 -10.33 4.10 26.06
N HIS F 22 -9.74 4.25 27.24
CA HIS F 22 -10.43 4.02 28.50
C HIS F 22 -10.29 5.16 29.50
N ASP F 23 -9.28 6.01 29.36
CA ASP F 23 -9.09 7.18 30.20
C ASP F 23 -8.89 8.40 29.32
N LYS F 24 -8.85 9.58 29.93
CA LYS F 24 -8.50 10.79 29.19
C LYS F 24 -7.11 10.64 28.59
N ILE F 25 -6.96 11.11 27.36
CA ILE F 25 -5.69 11.05 26.64
C ILE F 25 -5.01 12.40 26.75
N SER F 26 -3.74 12.40 27.16
CA SER F 26 -2.97 13.62 27.20
C SER F 26 -2.64 14.10 25.78
N ALA F 27 -2.14 15.32 25.68
CA ALA F 27 -1.73 15.88 24.41
C ALA F 27 -0.28 15.52 24.11
N ILE F 28 0.07 15.55 22.83
CA ILE F 28 1.45 15.30 22.43
C ILE F 28 2.36 16.41 22.93
N LEU F 29 1.86 17.65 22.89
CA LEU F 29 2.63 18.83 23.26
C LEU F 29 1.98 19.50 24.48
N VAL F 30 2.80 20.24 25.22
CA VAL F 30 2.29 21.02 26.34
C VAL F 30 1.44 22.15 25.80
N CYS F 31 0.14 22.11 26.10
CA CYS F 31 -0.81 23.09 25.58
C CYS F 31 -1.07 24.16 26.64
N ALA F 32 -1.07 25.42 26.21
CA ALA F 32 -1.31 26.55 27.09
C ALA F 32 -2.64 27.19 26.73
N HIS F 33 -3.44 27.51 27.74
CA HIS F 33 -4.77 28.06 27.52
C HIS F 33 -4.69 29.55 27.20
N VAL F 34 -5.43 29.96 26.17
CA VAL F 34 -5.47 31.36 25.76
C VAL F 34 -6.81 31.98 26.17
N LYS F 48 -9.30 28.95 24.68
CA LYS F 48 -8.76 27.97 23.74
C LYS F 48 -7.48 27.34 24.29
N TYR F 49 -7.24 26.10 23.90
CA TYR F 49 -6.12 25.29 24.39
C TYR F 49 -5.15 25.09 23.23
N LEU F 50 -4.21 26.02 23.07
CA LEU F 50 -3.22 25.94 22.00
C LEU F 50 -1.97 25.22 22.48
N ALA F 51 -1.17 24.76 21.52
CA ALA F 51 -0.02 23.92 21.79
C ALA F 51 1.28 24.70 21.68
N THR F 52 2.30 24.23 22.39
CA THR F 52 3.64 24.79 22.39
C THR F 52 4.62 23.78 21.78
N ASN F 53 5.89 24.17 21.71
CA ASN F 53 6.94 23.30 21.22
C ASN F 53 7.45 22.32 22.27
N CYS F 54 6.85 22.29 23.46
CA CYS F 54 7.29 21.43 24.55
C CYS F 54 6.45 20.15 24.54
N LEU F 55 7.09 19.02 24.26
CA LEU F 55 6.38 17.75 24.25
C LEU F 55 5.87 17.42 25.65
N ASN F 56 5.06 16.36 25.72
CA ASN F 56 4.54 15.91 27.00
C ASN F 56 5.63 15.17 27.77
N PRO F 57 5.87 15.50 29.04
CA PRO F 57 6.88 14.76 29.81
C PRO F 57 6.70 13.25 29.75
N GLY F 58 5.45 12.77 29.80
CA GLY F 58 5.22 11.34 29.72
C GLY F 58 5.63 10.74 28.39
N LEU F 59 5.48 11.49 27.31
CA LEU F 59 5.90 11.00 26.00
C LEU F 59 7.41 10.96 25.88
N ILE F 60 8.09 12.01 26.36
CA ILE F 60 9.55 12.02 26.34
C ILE F 60 10.10 10.84 27.13
N SER F 61 9.48 10.52 28.27
CA SER F 61 9.95 9.42 29.09
C SER F 61 9.75 8.08 28.40
N ALA F 62 8.61 7.90 27.73
CA ALA F 62 8.34 6.63 27.08
C ALA F 62 9.16 6.45 25.81
N ILE F 63 9.49 7.55 25.13
CA ILE F 63 10.35 7.46 23.95
C ILE F 63 11.77 7.09 24.35
N GLN F 64 12.28 7.71 25.41
CA GLN F 64 13.61 7.36 25.89
C GLN F 64 13.67 5.92 26.40
N ALA F 65 12.53 5.38 26.83
CA ALA F 65 12.46 3.99 27.29
C ALA F 65 12.31 3.00 26.15
N GLY F 66 12.41 3.46 24.90
CA GLY F 66 12.36 2.55 23.76
C GLY F 66 10.97 2.02 23.45
N ALA F 67 9.96 2.87 23.50
CA ALA F 67 8.60 2.49 23.15
C ALA F 67 8.29 2.95 21.74
N ARG F 68 7.70 2.05 20.94
CA ARG F 68 7.38 2.35 19.56
C ARG F 68 6.17 3.27 19.48
N VAL F 69 6.28 4.33 18.69
CA VAL F 69 5.25 5.34 18.54
C VAL F 69 4.59 5.16 17.18
N VAL F 70 3.33 4.74 17.18
CA VAL F 70 2.57 4.54 15.94
C VAL F 70 1.54 5.65 15.80
N PRO F 71 1.77 6.65 14.93
CA PRO F 71 0.77 7.71 14.76
C PRO F 71 -0.45 7.19 14.00
N THR F 72 -1.63 7.42 14.59
CA THR F 72 -2.89 7.01 13.99
C THR F 72 -3.79 8.22 13.80
N ALA F 73 -4.66 8.13 12.80
CA ALA F 73 -5.58 9.23 12.52
C ALA F 73 -6.68 9.30 13.57
N LYS F 74 -7.10 10.52 13.91
CA LYS F 74 -8.19 10.75 14.84
C LYS F 74 -9.42 11.19 14.07
N THR F 75 -10.53 10.50 14.28
CA THR F 75 -11.80 10.83 13.65
C THR F 75 -12.74 11.45 14.67
N ASP F 76 -13.78 12.11 14.16
CA ASP F 76 -14.70 12.89 14.97
C ASP F 76 -16.03 12.15 15.04
N GLY F 77 -16.35 11.65 16.22
CA GLY F 77 -17.60 10.96 16.45
C GLY F 77 -17.88 10.90 17.93
N THR F 78 -18.53 9.81 18.35
CA THR F 78 -18.81 9.56 19.76
C THR F 78 -18.08 8.30 20.19
N CYS F 79 -17.39 8.39 21.32
CA CYS F 79 -16.61 7.27 21.82
C CYS F 79 -17.53 6.11 22.19
N CYS F 80 -17.18 4.91 21.74
CA CYS F 80 -17.97 3.71 22.01
C CYS F 80 -17.02 2.53 22.17
N ARG F 81 -17.60 1.35 22.35
CA ARG F 81 -16.84 0.11 22.42
C ARG F 81 -17.81 -1.05 22.26
N VAL F 82 -17.26 -2.22 21.94
CA VAL F 82 -18.03 -3.46 21.83
C VAL F 82 -17.70 -4.31 23.06
N PHE F 83 -18.70 -4.55 23.89
CA PHE F 83 -18.53 -5.27 25.16
C PHE F 83 -19.55 -6.40 25.21
N ASN F 84 -19.06 -7.63 25.07
CA ASN F 84 -19.92 -8.82 25.08
C ASN F 84 -20.97 -8.75 23.97
N GLY F 85 -20.49 -8.52 22.75
CA GLY F 85 -21.35 -8.54 21.58
C GLY F 85 -22.31 -7.39 21.46
N LYS F 86 -22.25 -6.40 22.35
CA LYS F 86 -23.13 -5.25 22.32
C LYS F 86 -22.31 -3.97 22.27
N ILE F 87 -22.90 -2.92 21.71
CA ILE F 87 -22.26 -1.61 21.68
C ILE F 87 -22.51 -0.92 23.01
N GLN F 88 -21.49 -0.22 23.51
CA GLN F 88 -21.61 0.59 24.71
C GLN F 88 -21.13 2.00 24.40
N LYS F 89 -21.89 2.99 24.87
CA LYS F 89 -21.52 4.39 24.71
C LYS F 89 -20.75 4.85 25.94
N ARG F 90 -19.74 5.68 25.72
CA ARG F 90 -18.99 6.25 26.83
C ARG F 90 -19.81 7.32 27.53
N ARG F 91 -19.59 7.45 28.84
CA ARG F 91 -20.25 8.48 29.62
C ARG F 91 -19.40 8.79 30.84
N ASP F 92 -19.10 10.06 31.04
CA ASP F 92 -18.30 10.52 32.18
C ASP F 92 -19.23 11.08 33.24
N ILE F 93 -19.08 10.59 34.47
CA ILE F 93 -19.90 11.03 35.59
C ILE F 93 -18.99 11.59 36.68
N LYS F 94 -19.61 12.28 37.63
CA LYS F 94 -18.87 12.89 38.73
C LYS F 94 -18.91 11.98 39.97
N ARG F 97 -23.14 11.51 40.83
CA ARG F 97 -22.62 10.28 41.41
C ARG F 97 -23.44 9.08 40.97
N GLU F 98 -24.71 9.32 40.63
CA GLU F 98 -25.61 8.25 40.26
C GLU F 98 -25.07 7.45 39.08
N VAL F 99 -24.53 6.27 39.36
CA VAL F 99 -23.98 5.38 38.34
C VAL F 99 -25.06 5.09 37.31
N PRO F 100 -24.89 5.51 36.05
CA PRO F 100 -25.89 5.19 35.02
C PRO F 100 -26.13 3.69 34.92
N GLU F 101 -27.26 3.33 34.34
CA GLU F 101 -27.65 1.92 34.21
C GLU F 101 -26.68 1.22 33.26
N GLY F 102 -26.07 0.14 33.74
CA GLY F 102 -25.14 -0.62 32.93
C GLY F 102 -23.79 0.03 32.74
N TRP F 103 -23.44 0.99 33.59
CA TRP F 103 -22.20 1.74 33.45
C TRP F 103 -21.06 0.98 34.14
N ILE F 104 -19.94 0.87 33.44
CA ILE F 104 -18.73 0.23 33.96
C ILE F 104 -17.59 1.23 33.84
N GLN F 105 -16.95 1.53 34.96
CA GLN F 105 -15.84 2.47 34.97
C GLN F 105 -14.63 1.86 34.29
N THR F 106 -13.91 2.69 33.52
CA THR F 106 -12.68 2.27 32.86
C THR F 106 -11.50 3.18 33.17
N GLY F 107 -11.71 4.30 33.84
CA GLY F 107 -10.61 5.19 34.16
C GLY F 107 -11.11 6.35 35.00
N SER F 108 -10.23 7.31 35.21
CA SER F 108 -10.56 8.50 35.98
C SER F 108 -9.66 9.67 35.61
N HIS F 114 -14.21 13.91 36.75
CA HIS F 114 -15.01 13.03 35.90
C HIS F 114 -14.48 11.59 35.94
N LEU F 115 -15.40 10.65 36.12
CA LEU F 115 -15.10 9.22 36.09
C LEU F 115 -15.42 8.69 34.70
N ILE F 116 -14.40 8.23 33.99
CA ILE F 116 -14.57 7.73 32.64
C ILE F 116 -15.10 6.29 32.69
N GLY F 117 -16.04 5.98 31.82
CA GLY F 117 -16.61 4.64 31.77
C GLY F 117 -17.48 4.47 30.56
N PHE F 118 -18.07 3.28 30.47
CA PHE F 118 -18.93 2.90 29.35
C PHE F 118 -20.22 2.30 29.87
N MET F 119 -21.31 2.53 29.15
CA MET F 119 -22.63 2.06 29.55
C MET F 119 -23.35 1.46 28.35
N ASP F 120 -24.40 0.71 28.63
CA ASP F 120 -25.23 0.12 27.59
C ASP F 120 -26.15 1.17 26.99
N LEU F 121 -26.49 0.98 25.71
CA LEU F 121 -27.29 1.96 24.99
C LEU F 121 -28.68 2.04 25.60
N GLU F 122 -29.24 3.26 25.60
CA GLU F 122 -30.59 3.51 26.10
C GLU F 122 -31.58 3.45 24.95
N LYS F 123 -32.87 3.36 25.30
CA LYS F 123 -33.93 3.24 24.30
C LYS F 123 -33.78 4.33 23.22
N GLY F 124 -33.56 5.56 23.65
CA GLY F 124 -33.54 6.69 22.74
C GLY F 124 -32.28 6.86 21.92
N ASP F 125 -31.31 5.96 22.05
CA ASP F 125 -30.08 6.03 21.26
C ASP F 125 -30.35 5.45 19.86
N LYS F 126 -31.26 6.12 19.15
CA LYS F 126 -31.72 5.61 17.86
C LYS F 126 -30.56 5.50 16.87
N TRP F 127 -29.69 6.49 16.83
CA TRP F 127 -28.62 6.52 15.85
C TRP F 127 -27.41 5.71 16.29
N HIS F 128 -27.27 5.42 17.58
CA HIS F 128 -26.30 4.42 18.00
C HIS F 128 -26.64 3.05 17.43
N TYR F 129 -27.91 2.63 17.60
CA TYR F 129 -28.35 1.37 17.02
C TYR F 129 -28.30 1.39 15.50
N ASP F 130 -28.45 2.57 14.89
CA ASP F 130 -28.55 2.66 13.44
C ASP F 130 -27.27 2.25 12.72
N CYS F 131 -26.21 1.90 13.44
CA CYS F 131 -25.02 1.34 12.79
C CYS F 131 -25.13 -0.16 12.59
N HIS F 132 -26.04 -0.83 13.29
CA HIS F 132 -26.36 -2.22 13.00
C HIS F 132 -27.09 -2.30 11.66
N VAL F 133 -26.85 -3.40 10.95
CA VAL F 133 -27.49 -3.61 9.65
C VAL F 133 -28.91 -4.10 9.87
N LYS F 134 -29.85 -3.58 9.07
CA LYS F 134 -31.26 -3.87 9.27
C LYS F 134 -31.57 -5.30 8.87
N ASP F 135 -32.48 -5.92 9.62
CA ASP F 135 -32.81 -7.35 9.46
C ASP F 135 -34.32 -7.52 9.44
N PRO F 136 -34.92 -7.94 8.32
CA PRO F 136 -36.36 -8.19 8.33
C PRO F 136 -36.76 -9.30 9.29
N SER F 137 -35.87 -10.25 9.55
CA SER F 137 -36.15 -11.36 10.47
C SER F 137 -35.67 -11.01 11.88
N SER F 138 -36.29 -9.98 12.45
CA SER F 138 -35.95 -9.56 13.81
C SER F 138 -37.04 -8.66 14.37
N PRO F 139 -37.59 -8.96 15.55
CA PRO F 139 -38.59 -8.06 16.14
C PRO F 139 -38.05 -6.68 16.44
N SER F 140 -36.73 -6.54 16.58
CA SER F 140 -36.11 -5.24 16.79
C SER F 140 -35.82 -4.51 15.48
N GLY F 141 -36.10 -5.13 14.34
CA GLY F 141 -35.75 -4.56 13.05
C GLY F 141 -34.27 -4.52 12.76
N LEU F 142 -33.43 -5.04 13.66
CA LEU F 142 -31.98 -4.95 13.54
C LEU F 142 -31.35 -6.33 13.61
N ASP F 143 -30.23 -6.49 12.91
CA ASP F 143 -29.35 -7.64 13.10
C ASP F 143 -28.39 -7.29 14.23
N ILE F 144 -28.69 -7.78 15.44
CA ILE F 144 -27.90 -7.42 16.61
C ILE F 144 -26.49 -7.99 16.56
N ASN F 145 -26.18 -8.81 15.55
CA ASN F 145 -24.87 -9.44 15.42
C ASN F 145 -24.03 -8.85 14.29
N LYS F 146 -24.52 -7.84 13.58
CA LYS F 146 -23.79 -7.26 12.47
C LYS F 146 -23.86 -5.74 12.53
N VAL F 147 -22.70 -5.10 12.44
CA VAL F 147 -22.59 -3.65 12.50
C VAL F 147 -21.80 -3.17 11.28
N LEU F 148 -22.23 -2.06 10.69
CA LEU F 148 -21.50 -1.45 9.60
C LEU F 148 -20.28 -0.71 10.15
N CYS F 149 -19.11 -1.01 9.59
CA CYS F 149 -17.88 -0.42 10.06
C CYS F 149 -17.03 0.01 8.87
N ILE F 150 -16.28 1.09 9.05
CA ILE F 150 -15.34 1.58 8.04
C ILE F 150 -13.94 1.15 8.47
N THR F 151 -13.21 0.51 7.54
CA THR F 151 -11.93 -0.08 7.88
C THR F 151 -11.04 -0.07 6.64
N THR F 152 -9.81 -0.56 6.82
CA THR F 152 -8.90 -0.73 5.71
C THR F 152 -9.31 -1.93 4.86
N ASN F 153 -9.22 -1.78 3.54
CA ASN F 153 -9.59 -2.85 2.63
C ASN F 153 -8.46 -3.87 2.57
N LYS F 154 -8.56 -4.85 1.65
CA LYS F 154 -7.55 -5.89 1.58
C LYS F 154 -6.17 -5.31 1.34
N ALA F 155 -6.07 -4.29 0.50
CA ALA F 155 -4.85 -3.52 0.40
C ALA F 155 -4.84 -2.42 1.46
N GLY F 156 -3.69 -1.80 1.65
CA GLY F 156 -3.58 -0.70 2.59
C GLY F 156 -3.65 0.63 1.88
N ASP F 157 -4.57 0.76 0.93
CA ASP F 157 -4.60 1.91 0.04
C ASP F 157 -5.93 2.67 0.06
N ALA F 158 -6.92 2.22 0.83
CA ALA F 158 -8.20 2.91 0.86
C ALA F 158 -9.05 2.37 2.00
N LEU F 159 -10.06 3.15 2.38
CA LEU F 159 -11.05 2.74 3.35
C LEU F 159 -12.30 2.24 2.63
N VAL F 160 -12.97 1.27 3.25
CA VAL F 160 -14.18 0.69 2.69
C VAL F 160 -15.20 0.46 3.80
N TYR F 161 -16.47 0.61 3.45
CA TYR F 161 -17.55 0.20 4.33
C TYR F 161 -17.72 -1.31 4.22
N GLU F 162 -17.85 -1.97 5.37
CA GLU F 162 -17.95 -3.43 5.40
C GLU F 162 -18.86 -3.83 6.54
N GLU F 163 -19.80 -4.73 6.26
CA GLU F 163 -20.66 -5.28 7.30
C GLU F 163 -19.95 -6.45 7.94
N VAL F 164 -19.59 -6.31 9.22
CA VAL F 164 -18.77 -7.28 9.93
C VAL F 164 -19.55 -7.81 11.11
N ASN F 165 -19.07 -8.94 11.65
CA ASN F 165 -19.66 -9.53 12.83
C ASN F 165 -19.20 -8.74 14.05
N ILE F 166 -20.17 -8.22 14.82
CA ILE F 166 -19.84 -7.38 15.97
C ILE F 166 -18.93 -8.12 16.93
N ALA F 167 -18.97 -9.45 16.94
CA ALA F 167 -18.06 -10.23 17.77
C ALA F 167 -16.61 -10.13 17.31
N ASP F 168 -16.36 -9.61 16.11
CA ASP F 168 -14.99 -9.36 15.67
C ASP F 168 -14.41 -8.08 16.25
N LEU F 169 -15.21 -7.29 16.96
CA LEU F 169 -14.74 -6.06 17.60
C LEU F 169 -14.89 -6.12 19.12
N ASN F 170 -15.26 -7.28 19.67
CA ASN F 170 -15.43 -7.40 21.12
C ASN F 170 -14.17 -6.97 21.84
N GLY F 171 -14.35 -6.30 22.98
CA GLY F 171 -13.24 -5.84 23.79
C GLY F 171 -12.47 -4.67 23.23
N HIS F 172 -12.85 -4.16 22.06
CA HIS F 172 -12.18 -3.04 21.43
C HIS F 172 -13.03 -1.78 21.53
N THR F 173 -12.37 -0.64 21.62
CA THR F 173 -13.03 0.65 21.58
C THR F 173 -13.13 1.13 20.13
N VAL F 174 -14.22 1.84 19.82
CA VAL F 174 -14.49 2.30 18.47
C VAL F 174 -15.04 3.72 18.52
N GLU F 175 -14.99 4.39 17.37
CA GLU F 175 -15.57 5.70 17.18
C GLU F 175 -16.78 5.55 16.27
N LEU F 176 -17.96 5.90 16.79
CA LEU F 176 -19.19 5.89 16.01
C LEU F 176 -19.34 7.23 15.31
N MET F 177 -19.61 7.18 14.01
CA MET F 177 -19.69 8.37 13.18
C MET F 177 -20.90 8.27 12.27
N GLY F 178 -21.19 9.36 11.57
CA GLY F 178 -22.26 9.36 10.60
C GLY F 178 -23.03 10.67 10.55
N PRO F 179 -24.13 10.68 9.79
CA PRO F 179 -24.91 11.92 9.64
C PRO F 179 -25.28 12.60 10.96
N LYS F 180 -25.67 11.83 11.98
CA LYS F 180 -26.26 12.37 13.20
C LYS F 180 -25.26 12.49 14.34
N PHE F 181 -23.97 12.61 14.04
CA PHE F 181 -22.94 12.71 15.07
C PHE F 181 -21.96 13.80 14.69
N GLN F 182 -21.97 14.90 15.45
CA GLN F 182 -21.08 16.04 15.26
C GLN F 182 -21.27 16.71 13.91
N SER F 183 -22.43 16.53 13.29
CA SER F 183 -22.78 17.12 12.00
C SER F 183 -22.05 16.46 10.84
N ASN F 184 -21.51 15.26 11.06
CA ASN F 184 -20.93 14.46 9.98
C ASN F 184 -19.85 15.24 9.25
N PRO F 185 -18.80 15.70 9.95
CA PRO F 185 -17.74 16.42 9.25
C PRO F 185 -16.99 15.57 8.25
N HIS F 186 -16.95 14.25 8.45
CA HIS F 186 -16.25 13.35 7.54
C HIS F 186 -17.04 13.04 6.29
N GLY F 187 -18.24 13.60 6.13
CA GLY F 187 -19.04 13.31 4.95
C GLY F 187 -19.31 11.84 4.76
N LEU F 188 -19.63 11.12 5.84
CA LEU F 188 -19.92 9.70 5.74
C LEU F 188 -21.32 9.48 5.22
N LYS F 189 -21.52 8.31 4.59
CA LYS F 189 -22.79 7.99 3.96
C LYS F 189 -23.75 7.22 4.86
N ALA F 190 -23.26 6.65 5.96
CA ALA F 190 -24.12 5.95 6.90
C ALA F 190 -23.47 5.95 8.28
N HIS F 191 -24.26 5.58 9.28
CA HIS F 191 -23.73 5.45 10.64
C HIS F 191 -22.88 4.18 10.73
N CYS F 192 -21.59 4.35 11.02
CA CYS F 192 -20.65 3.24 11.02
C CYS F 192 -19.68 3.39 12.18
N LEU F 193 -19.02 2.28 12.52
CA LEU F 193 -18.02 2.24 13.58
C LEU F 193 -16.64 2.14 12.96
N MET F 194 -15.65 2.65 13.68
CA MET F 194 -14.26 2.58 13.26
C MET F 194 -13.39 2.23 14.46
N ARG F 195 -12.66 1.12 14.36
CA ARG F 195 -11.73 0.74 15.41
C ARG F 195 -10.65 1.81 15.55
N HIS F 196 -10.44 2.26 16.79
CA HIS F 196 -9.39 3.24 17.05
C HIS F 196 -8.03 2.67 16.68
N GLY F 197 -7.28 3.43 15.90
CA GLY F 197 -5.98 3.01 15.44
C GLY F 197 -5.97 2.25 14.12
N THR F 198 -7.12 2.15 13.46
CA THR F 198 -7.18 1.44 12.19
C THR F 198 -6.34 2.15 11.12
N VAL F 199 -6.39 3.47 11.08
CA VAL F 199 -5.65 4.26 10.11
C VAL F 199 -4.29 4.60 10.70
N LYS F 200 -3.22 4.21 10.00
CA LYS F 200 -1.87 4.54 10.38
C LYS F 200 -1.36 5.66 9.47
N LEU F 201 -0.96 6.77 10.08
CA LEU F 201 -0.56 7.93 9.30
C LEU F 201 0.72 7.67 8.53
N THR F 202 0.87 8.37 7.40
CA THR F 202 2.04 8.27 6.55
C THR F 202 2.78 9.60 6.55
N ASP F 203 4.12 9.53 6.62
CA ASP F 203 4.99 10.70 6.63
C ASP F 203 4.70 11.63 7.80
N PHE F 204 4.11 11.13 8.87
CA PHE F 204 3.88 11.96 10.04
C PHE F 204 5.20 12.21 10.76
N PRO F 205 5.42 13.41 11.28
CA PRO F 205 6.70 13.70 11.95
C PRO F 205 7.02 12.65 13.02
N ASP F 206 8.23 12.10 12.93
CA ASP F 206 8.70 11.13 13.92
C ASP F 206 9.05 11.87 15.21
N LEU F 207 8.20 11.72 16.23
CA LEU F 207 8.38 12.44 17.47
C LEU F 207 9.57 11.95 18.29
N ARG F 208 10.33 10.96 17.80
CA ARG F 208 11.59 10.61 18.43
C ARG F 208 12.70 11.60 18.07
N ASP F 209 12.57 12.31 16.95
CA ASP F 209 13.55 13.30 16.53
C ASP F 209 13.48 14.59 17.34
N TYR F 210 12.52 14.69 18.28
CA TYR F 210 12.37 15.87 19.12
C TYR F 210 12.63 15.56 20.59
N VAL F 211 13.34 14.47 20.87
CA VAL F 211 13.62 14.05 22.24
C VAL F 211 15.12 14.08 22.50
N PRO F 218 18.43 16.68 20.49
CA PRO F 218 17.24 16.67 19.63
C PRO F 218 17.58 16.91 18.17
N LEU F 219 17.34 15.89 17.32
CA LEU F 219 17.56 16.06 15.89
C LEU F 219 16.66 17.14 15.30
N LYS F 220 15.54 17.45 15.95
CA LYS F 220 14.65 18.50 15.51
C LYS F 220 14.00 19.13 16.74
N GLU F 221 13.55 20.37 16.58
CA GLU F 221 13.04 21.16 17.70
C GLU F 221 11.61 21.66 17.50
N ASN F 222 11.27 22.16 16.31
CA ASN F 222 9.97 22.77 16.07
C ASN F 222 8.96 21.68 15.75
N ALA F 223 8.47 21.02 16.80
CA ALA F 223 7.45 20.00 16.63
C ALA F 223 6.08 20.61 16.35
N LEU F 224 5.77 21.72 17.02
CA LEU F 224 4.48 22.37 16.80
C LEU F 224 4.31 22.80 15.35
N ALA F 225 5.37 23.34 14.75
CA ALA F 225 5.27 23.85 13.38
C ALA F 225 5.29 22.70 12.36
N ASP F 226 6.07 21.66 12.63
CA ASP F 226 6.17 20.55 11.68
C ASP F 226 4.89 19.72 11.67
N ILE F 227 4.30 19.49 12.84
CA ILE F 227 3.01 18.78 12.88
C ILE F 227 1.92 19.64 12.26
N ARG F 228 1.96 20.95 12.50
CA ARG F 228 0.97 21.84 11.89
C ARG F 228 1.08 21.82 10.38
N ASN F 229 2.31 21.81 9.85
CA ASN F 229 2.49 21.75 8.41
C ASN F 229 2.06 20.42 7.83
N TRP F 230 2.05 19.36 8.63
CA TRP F 230 1.55 18.07 8.14
C TRP F 230 0.03 18.12 7.95
N PHE F 231 -0.69 18.62 8.96
CA PHE F 231 -2.14 18.70 8.85
C PHE F 231 -2.58 19.67 7.76
N LEU F 232 -1.76 20.65 7.41
CA LEU F 232 -2.12 21.62 6.38
C LEU F 232 -1.81 21.13 4.98
N ASN F 233 -0.65 20.50 4.77
CA ASN F 233 -0.16 20.21 3.42
C ASN F 233 0.09 18.73 3.16
N SER F 234 -0.25 17.84 4.09
CA SER F 234 -0.09 16.42 3.83
C SER F 234 -1.29 15.89 3.04
N LYS F 235 -1.14 14.66 2.54
CA LYS F 235 -2.21 14.05 1.75
C LYS F 235 -3.33 13.48 2.62
N GLN F 236 -3.08 13.25 3.90
CA GLN F 236 -4.08 12.69 4.81
C GLN F 236 -4.65 13.72 5.77
N GLY F 237 -3.80 14.58 6.33
CA GLY F 237 -4.21 15.59 7.29
C GLY F 237 -5.54 16.24 6.99
N PRO F 238 -5.72 16.77 5.77
CA PRO F 238 -6.98 17.47 5.44
C PRO F 238 -8.21 16.60 5.66
N HIS F 239 -8.03 15.29 5.74
CA HIS F 239 -9.13 14.37 5.99
C HIS F 239 -9.36 14.08 7.48
N LEU F 240 -8.50 14.59 8.36
CA LEU F 240 -8.45 14.12 9.74
C LEU F 240 -8.75 15.25 10.72
N GLU F 241 -9.49 14.91 11.79
CA GLU F 241 -9.66 15.84 12.90
C GLU F 241 -8.36 16.06 13.66
N GLY F 242 -7.51 15.03 13.73
CA GLY F 242 -6.29 15.12 14.49
C GLY F 242 -5.44 13.86 14.40
N VAL F 243 -4.74 13.54 15.47
CA VAL F 243 -3.84 12.40 15.51
C VAL F 243 -3.79 11.88 16.94
N VAL F 244 -3.66 10.56 17.08
CA VAL F 244 -3.50 9.90 18.37
C VAL F 244 -2.37 8.89 18.25
N LEU F 245 -1.37 9.03 19.11
CA LEU F 245 -0.21 8.14 19.09
C LEU F 245 -0.48 6.92 19.96
N HIS F 246 -0.35 5.74 19.38
CA HIS F 246 -0.51 4.48 20.11
C HIS F 246 0.89 3.90 20.36
N LEU F 247 1.24 3.76 21.64
CA LEU F 247 2.56 3.32 22.05
C LEU F 247 2.51 1.89 22.58
N ASP F 248 3.70 1.32 22.74
CA ASP F 248 3.81 -0.03 23.30
C ASP F 248 3.29 -0.09 24.73
N ASN F 249 3.45 1.00 25.49
CA ASN F 249 3.01 1.04 26.87
C ASN F 249 1.50 0.96 27.03
N GLY F 250 0.74 0.94 25.94
CA GLY F 250 -0.69 1.12 26.01
C GLY F 250 -1.11 2.56 26.21
N GLU F 251 -0.17 3.47 26.41
CA GLU F 251 -0.48 4.89 26.57
C GLU F 251 -0.95 5.47 25.24
N MET F 252 -1.44 6.70 25.30
CA MET F 252 -1.88 7.44 24.13
C MET F 252 -1.57 8.91 24.31
N TYR F 253 -1.33 9.59 23.19
CA TYR F 253 -1.14 11.04 23.17
C TYR F 253 -1.73 11.57 21.88
N LYS F 254 -2.55 12.60 21.98
CA LYS F 254 -3.35 13.08 20.87
C LYS F 254 -3.03 14.53 20.56
N LEU F 255 -3.60 15.01 19.45
CA LEU F 255 -3.57 16.43 19.10
C LEU F 255 -4.77 16.71 18.20
N HIS F 256 -5.70 17.51 18.70
CA HIS F 256 -6.81 18.00 17.90
C HIS F 256 -6.35 19.16 17.03
N ARG F 257 -7.07 19.37 15.91
CA ARG F 257 -6.78 20.53 15.07
C ARG F 257 -6.82 21.83 15.87
N HIS F 258 -7.68 21.90 16.90
CA HIS F 258 -7.78 23.13 17.68
C HIS F 258 -6.46 23.43 18.38
N HIS F 259 -5.77 22.40 18.86
CA HIS F 259 -4.43 22.61 19.43
C HIS F 259 -3.50 23.26 18.43
N LEU F 260 -3.68 22.97 17.15
CA LEU F 260 -2.80 23.47 16.09
C LEU F 260 -3.31 24.75 15.45
N ASP F 261 -4.33 25.38 16.04
CA ASP F 261 -4.89 26.63 15.52
C ASP F 261 -5.47 26.45 14.11
N LEU F 262 -6.04 25.28 13.85
CA LEU F 262 -6.68 24.98 12.58
C LEU F 262 -8.18 24.76 12.78
N GLU F 263 -8.92 24.86 11.68
CA GLU F 263 -10.36 24.70 11.70
C GLU F 263 -10.74 23.25 11.48
N TRP F 264 -11.77 22.79 12.18
CA TRP F 264 -12.35 21.47 11.97
C TRP F 264 -13.84 21.63 11.69
N SER F 265 -14.23 21.39 10.44
CA SER F 265 -15.63 21.44 10.04
C SER F 265 -15.74 20.69 8.71
N ALA F 266 -16.98 20.40 8.32
CA ALA F 266 -17.19 19.72 7.05
C ALA F 266 -16.63 20.54 5.89
N LYS F 267 -16.60 21.87 6.03
CA LYS F 267 -16.03 22.70 4.97
C LYS F 267 -14.52 22.56 4.89
N SER F 268 -13.85 22.48 6.05
CA SER F 268 -12.39 22.38 6.10
C SER F 268 -11.93 20.93 6.20
N ALA F 269 -12.76 19.97 5.81
CA ALA F 269 -12.43 18.55 5.90
C ALA F 269 -12.78 17.86 4.59
N ARG F 270 -11.83 17.09 4.07
CA ARG F 270 -12.12 16.24 2.93
C ARG F 270 -12.76 14.94 3.40
N PRO F 271 -13.61 14.32 2.57
CA PRO F 271 -14.29 13.10 3.00
C PRO F 271 -13.32 12.03 3.49
N LEU F 272 -13.60 11.47 4.67
CA LEU F 272 -12.75 10.44 5.23
C LEU F 272 -12.73 9.19 4.35
N ASP F 273 -13.84 8.90 3.67
CA ASP F 273 -13.86 7.76 2.76
C ASP F 273 -12.94 7.93 1.57
N GLN F 274 -12.44 9.15 1.33
CA GLN F 274 -11.50 9.42 0.25
C GLN F 274 -10.08 9.63 0.76
N ILE F 275 -9.79 9.28 2.01
CA ILE F 275 -8.45 9.49 2.54
C ILE F 275 -7.47 8.57 1.82
N PRO F 276 -6.28 9.03 1.43
CA PRO F 276 -5.28 8.11 0.88
C PRO F 276 -4.54 7.38 1.99
N LEU F 277 -4.45 6.06 1.86
CA LEU F 277 -3.74 5.25 2.84
C LEU F 277 -2.46 4.68 2.23
P AMP G . 20.94 -5.47 -19.24
O1P AMP G . 21.85 -4.95 -18.15
O2P AMP G . 21.32 -5.00 -20.62
O3P AMP G . 20.65 -6.95 -19.15
O5' AMP G . 19.54 -4.77 -18.93
C5' AMP G . 18.52 -4.68 -19.93
C4' AMP G . 17.69 -5.94 -19.98
O4' AMP G . 16.78 -5.97 -18.86
C3' AMP G . 16.83 -6.07 -21.23
O3' AMP G . 17.41 -7.00 -22.15
C2' AMP G . 15.46 -6.59 -20.71
O2' AMP G . 15.02 -7.79 -21.31
C1' AMP G . 15.67 -6.75 -19.20
N9 AMP G . 14.52 -6.33 -18.38
C8 AMP G . 14.11 -7.02 -17.30
N7 AMP G . 13.03 -6.44 -16.72
C5 AMP G . 12.73 -5.35 -17.43
C6 AMP G . 11.70 -4.30 -17.35
N6 AMP G . 10.77 -4.30 -16.37
N1 AMP G . 11.72 -3.34 -18.30
C2 AMP G . 12.64 -3.34 -19.29
N3 AMP G . 13.59 -4.26 -19.41
C4 AMP G . 13.70 -5.28 -18.54
H5'1 AMP G . 18.98 -4.51 -20.90
H5'2 AMP G . 17.87 -3.84 -19.71
H4' AMP G . 18.37 -6.81 -19.92
H3' AMP G . 16.67 -5.08 -21.68
HO3' AMP G . 17.11 -7.89 -21.94
H2' AMP G . 14.74 -5.78 -20.87
HO2' AMP G . 14.76 -7.63 -22.22
H1' AMP G . 15.88 -7.80 -19.00
H8 AMP G . 14.59 -7.92 -16.93
HN61 AMP G . 10.77 -5.02 -15.68
HN62 AMP G . 10.08 -3.57 -16.34
H2 AMP G . 12.59 -2.53 -20.02
NA NA H . 24.55 -3.94 -21.16
NA NA I . 26.08 -6.87 -20.90
NA NA J . 17.98 -9.23 -17.21
NA NA K . 19.74 -11.74 -21.64
MG MG L . 21.08 -8.85 -19.27
P AMP M . 34.79 -18.31 16.59
O1P AMP M . 33.41 -18.64 17.09
O2P AMP M . 34.83 -17.88 15.15
O3P AMP M . 35.83 -19.34 16.98
O5' AMP M . 35.22 -17.01 17.39
C5' AMP M . 34.28 -16.00 17.72
C4' AMP M . 34.19 -14.95 16.64
O4' AMP M . 32.83 -14.52 16.50
C3' AMP M . 34.99 -13.68 16.92
O3' AMP M . 36.26 -13.75 16.27
C2' AMP M . 34.15 -12.55 16.30
O2' AMP M . 34.74 -11.93 15.18
C1' AMP M . 32.82 -13.23 15.93
N9 AMP M . 31.62 -12.52 16.36
C8 AMP M . 30.51 -12.36 15.61
N7 AMP M . 29.57 -11.66 16.26
C5 AMP M . 30.05 -11.35 17.47
C6 AMP M . 29.56 -10.62 18.65
N6 AMP M . 28.32 -10.06 18.68
N1 AMP M . 30.38 -10.52 19.73
C2 AMP M . 31.62 -11.05 19.72
N3 AMP M . 32.12 -11.74 18.68
C4 AMP M . 31.40 -11.91 17.54
H5'1 AMP M . 34.56 -15.52 18.66
H5'2 AMP M . 33.30 -16.45 17.87
H4' AMP M . 34.54 -15.40 15.70
H3' AMP M . 35.08 -13.53 18.00
HO3' AMP M . 36.77 -12.95 16.47
H2' AMP M . 33.93 -11.82 17.10
HO2' AMP M . 35.38 -11.26 15.48
H1' AMP M . 32.80 -13.33 14.83
H8 AMP M . 30.41 -12.75 14.59
HN61 AMP M . 27.72 -10.15 17.86
HN62 AMP M . 28.00 -9.57 19.49
H2 AMP M . 32.23 -10.94 20.61
MG MG N . 36.76 -21.02 16.51
P AMP O . 9.05 -41.46 -4.16
O1P AMP O . 8.39 -42.36 -5.18
O2P AMP O . 9.81 -42.22 -3.10
O3P AMP O . 9.85 -40.32 -4.76
O5' AMP O . 7.83 -40.75 -3.40
C5' AMP O . 7.19 -41.38 -2.29
C4' AMP O . 7.94 -41.19 -1.01
O4' AMP O . 7.67 -39.88 -0.46
C3' AMP O . 7.56 -42.15 0.09
O3' AMP O . 8.34 -43.34 0.01
C2' AMP O . 7.90 -41.38 1.38
O2' AMP O . 9.12 -41.74 1.97
C1' AMP O . 7.89 -39.91 0.93
N9 AMP O . 6.88 -39.08 1.63
C8 AMP O . 7.13 -37.86 2.13
N7 AMP O . 6.05 -37.34 2.73
C5 AMP O . 5.07 -38.25 2.65
C6 AMP O . 3.68 -38.34 3.09
N6 AMP O . 3.09 -37.33 3.76
N1 AMP O . 3.01 -39.46 2.80
C2 AMP O . 3.58 -40.48 2.14
N3 AMP O . 4.85 -40.49 1.70
C4 AMP O . 5.63 -39.41 1.93
H5'1 AMP O . 7.08 -42.44 -2.49
H5'2 AMP O . 6.18 -40.96 -2.19
H4' AMP O . 9.03 -41.28 -1.23
H3' AMP O . 6.48 -42.36 0.04
HO3' AMP O . 8.17 -43.89 0.80
H2' AMP O . 7.05 -41.52 2.07
HO2' AMP O . 8.98 -42.43 2.62
H1' AMP O . 8.89 -39.48 1.11
H8 AMP O . 8.09 -37.35 2.04
HN61 AMP O . 3.59 -36.49 3.97
HN62 AMP O . 2.12 -37.42 4.04
H2 AMP O . 2.99 -41.37 1.94
NA NA P . 12.89 -37.87 -1.95
MG MG Q . 11.03 -40.98 -6.49
P AMP R . -15.13 43.17 -5.97
O1P AMP R . -15.06 41.74 -6.45
O2P AMP R . -15.17 43.30 -4.47
O3P AMP R . -16.11 44.03 -6.72
O5' AMP R . -13.70 43.76 -6.36
C5' AMP R . -12.60 42.89 -6.63
C4' AMP R . -12.06 42.29 -5.35
O4' AMP R . -11.44 41.03 -5.64
C3' AMP R . -11.01 43.14 -4.63
O3' AMP R . -11.56 43.65 -3.42
C2' AMP R . -9.84 42.18 -4.37
O2' AMP R . -9.32 42.21 -3.05
C1' AMP R . -10.41 40.80 -4.71
N9 AMP R . -9.45 39.86 -5.29
C8 AMP R . -9.33 38.58 -4.93
N7 AMP R . -8.36 37.96 -5.65
C5 AMP R . -7.85 38.86 -6.50
C6 AMP R . -6.79 38.86 -7.54
N6 AMP R . -6.08 37.75 -7.82
N1 AMP R . -6.58 40.02 -8.20
C2 AMP R . -7.27 41.14 -7.94
N3 AMP R . -8.23 41.20 -7.00
C4 AMP R . -8.57 40.11 -6.27
H5'1 AMP R . -11.81 43.46 -7.12
H5'2 AMP R . -12.92 42.10 -7.30
H4' AMP R . -12.90 42.12 -4.67
H3' AMP R . -10.66 43.95 -5.29
HO3' AMP R . -11.24 43.12 -2.67
H2' AMP R . -9.05 42.42 -5.10
HO2' AMP R . -8.95 43.09 -2.87
H1' AMP R . -10.83 40.37 -3.78
H8 AMP R . -9.91 38.10 -4.16
HN61 AMP R . -6.26 36.90 -7.31
HN62 AMP R . -5.37 37.77 -8.54
H2 AMP R . -7.04 42.04 -8.50
MG MG S . -17.94 44.32 -5.93
P AMP T . -38.97 9.26 -6.68
O1P AMP T . -38.05 8.15 -6.22
O2P AMP T . -38.36 10.63 -6.62
O3P AMP T . -40.37 9.17 -6.11
O5' AMP T . -39.15 8.96 -8.24
C5' AMP T . -38.02 8.80 -9.09
C4' AMP T . -37.66 10.09 -9.77
O4' AMP T . -36.24 10.16 -9.99
C3' AMP T . -38.27 10.27 -11.15
O3' AMP T . -39.55 10.90 -11.04
C2' AMP T . -37.28 11.19 -11.87
O2' AMP T . -37.68 12.55 -11.92
C1' AMP T . -35.97 11.02 -11.08
N9 AMP T . -34.85 10.47 -11.87
C8 AMP T . -33.59 10.91 -11.79
N7 AMP T . -32.76 10.24 -12.64
C5 AMP T . -33.53 9.35 -13.29
C6 AMP T . -33.30 8.33 -14.32
N6 AMP T . -32.07 8.13 -14.83
N1 AMP T . -34.35 7.62 -14.74
C2 AMP T . -35.59 7.83 -14.24
N3 AMP T . -35.88 8.73 -13.30
C4 AMP T . -34.91 9.51 -12.79
H5'1 AMP T . -38.23 8.04 -9.84
H5'2 AMP T . -37.17 8.45 -8.50
H4' AMP T . -37.97 10.92 -9.12
H3' AMP T . -38.33 9.30 -11.66
HO3' AMP T . -39.90 11.08 -11.93
H2' AMP T . -37.12 10.79 -12.88
HO2' AMP T . -38.42 12.65 -12.53
H1' AMP T . -35.69 12.00 -10.69
H8 AMP T . -33.25 11.69 -11.12
HN61 AMP T . -31.29 8.66 -14.53
HN62 AMP T . -31.95 7.43 -15.55
H2 AMP T . -36.39 7.22 -14.63
MG MG U . -40.54 12.76 -9.90
MG MG V . -42.19 9.95 -6.61
P AMP W . -11.58 14.23 22.73
O1P AMP W . -12.05 14.87 24.02
O2P AMP W . -12.68 13.96 21.75
O3P AMP W . -10.37 14.90 22.11
O5' AMP W . -11.05 12.80 23.18
C5' AMP W . -10.42 11.92 22.25
C4' AMP W . -11.44 11.11 21.49
O4' AMP W . -10.91 10.75 20.21
C3' AMP W . -11.84 9.80 22.17
O3' AMP W . -13.17 9.88 22.67
C2' AMP W . -11.75 8.74 21.06
O2' AMP W . -12.92 7.94 20.93
C1' AMP W . -11.52 9.56 19.79
N9 AMP W . -10.65 8.91 18.79
C8 AMP W . -10.87 8.96 17.46
N7 AMP W . -9.93 8.26 16.78
C5 AMP W . -9.08 7.75 17.68
C6 AMP W . -7.85 6.91 17.64
N6 AMP W . -7.35 6.49 16.46
N1 AMP W . -7.26 6.59 18.81
C2 AMP W . -7.75 7.01 20.00
N3 AMP W . -8.85 7.77 20.10
C4 AMP W . -9.56 8.17 19.00
H5'1 AMP W . -9.75 11.25 22.79
H5'2 AMP W . -9.82 12.51 21.55
H4' AMP W . -12.34 11.72 21.34
H3' AMP W . -11.11 9.55 22.96
HO3' AMP W . -13.34 9.17 23.29
H2' AMP W . -10.87 8.12 21.24
HO2' AMP W . -12.97 7.33 21.68
H1' AMP W . -12.48 9.78 19.33
H8 AMP W . -11.70 9.49 17.00
HN61 AMP W . -7.80 6.73 15.60
HN62 AMP W . -6.51 5.91 16.44
H2 AMP W . -7.24 6.71 20.89
#